data_2DNT
#
_entry.id   2DNT
#
_entity_poly.entity_id   1
_entity_poly.type   'polypeptide(L)'
_entity_poly.pdbx_seq_one_letter_code
;GSSGSSGMASEELYEVERIVDKRKNKKGKTEYLVRWKGYDSEDDTWEPEQHLVNCEEYIHDFNRRHTEKQKESGPSSG
;
_entity_poly.pdbx_strand_id   A
#
# COMPACT_ATOMS: atom_id res chain seq x y z
N GLY A 1 13.01 -1.41 -13.02
CA GLY A 1 13.64 -2.53 -12.33
C GLY A 1 12.63 -3.26 -11.45
N SER A 2 13.13 -4.26 -10.75
CA SER A 2 12.29 -5.06 -9.87
C SER A 2 12.63 -4.75 -8.40
N SER A 3 11.66 -4.16 -7.71
CA SER A 3 11.84 -3.82 -6.31
C SER A 3 10.91 -4.65 -5.44
N GLY A 4 11.48 -5.66 -4.79
CA GLY A 4 10.72 -6.54 -3.93
C GLY A 4 11.45 -7.86 -3.70
N SER A 5 12.47 -7.79 -2.86
CA SER A 5 13.26 -8.97 -2.55
C SER A 5 13.02 -9.40 -1.11
N SER A 6 12.73 -10.68 -0.94
CA SER A 6 12.47 -11.22 0.39
C SER A 6 13.75 -11.16 1.23
N GLY A 7 13.56 -11.00 2.53
CA GLY A 7 14.69 -10.94 3.45
C GLY A 7 14.24 -11.26 4.88
N MET A 8 14.71 -12.40 5.37
CA MET A 8 14.38 -12.82 6.72
C MET A 8 12.88 -12.72 6.97
N ALA A 9 12.16 -13.78 6.59
CA ALA A 9 10.73 -13.81 6.77
C ALA A 9 10.36 -14.99 7.67
N SER A 10 10.57 -16.19 7.15
CA SER A 10 10.26 -17.40 7.90
C SER A 10 8.85 -17.31 8.47
N GLU A 11 7.90 -17.80 7.69
CA GLU A 11 6.51 -17.78 8.11
C GLU A 11 6.15 -16.43 8.72
N GLU A 12 5.63 -15.55 7.88
CA GLU A 12 5.25 -14.22 8.33
C GLU A 12 3.72 -14.12 8.44
N LEU A 13 3.28 -13.17 9.25
CA LEU A 13 1.86 -12.95 9.45
C LEU A 13 1.17 -12.78 8.09
N TYR A 14 1.40 -11.62 7.49
CA TYR A 14 0.82 -11.32 6.19
C TYR A 14 1.60 -10.20 5.49
N GLU A 15 1.88 -10.43 4.22
CA GLU A 15 2.60 -9.45 3.42
C GLU A 15 1.63 -8.60 2.61
N VAL A 16 1.83 -7.29 2.69
CA VAL A 16 0.98 -6.36 1.97
C VAL A 16 1.02 -6.70 0.47
N GLU A 17 -0.16 -6.99 -0.05
CA GLU A 17 -0.29 -7.35 -1.46
C GLU A 17 -0.30 -6.08 -2.31
N ARG A 18 -1.16 -5.15 -1.94
CA ARG A 18 -1.28 -3.90 -2.66
C ARG A 18 -2.41 -3.04 -2.06
N ILE A 19 -2.43 -1.78 -2.49
CA ILE A 19 -3.44 -0.86 -2.01
C ILE A 19 -4.59 -0.78 -3.01
N VAL A 20 -5.80 -0.87 -2.49
CA VAL A 20 -6.98 -0.82 -3.33
C VAL A 20 -7.76 0.46 -3.03
N ASP A 21 -7.42 1.07 -1.91
CA ASP A 21 -8.07 2.30 -1.50
C ASP A 21 -7.28 2.92 -0.34
N LYS A 22 -7.66 4.16 -0.01
CA LYS A 22 -6.99 4.88 1.06
C LYS A 22 -7.89 6.03 1.53
N ARG A 23 -7.96 6.19 2.84
CA ARG A 23 -8.77 7.25 3.42
C ARG A 23 -8.31 7.55 4.85
N LYS A 24 -8.92 8.58 5.43
CA LYS A 24 -8.57 8.98 6.78
C LYS A 24 -9.69 8.54 7.73
N ASN A 25 -9.29 8.27 8.96
CA ASN A 25 -10.23 7.83 9.98
C ASN A 25 -10.87 9.07 10.64
N LYS A 26 -12.05 8.86 11.20
CA LYS A 26 -12.77 9.93 11.86
C LYS A 26 -11.85 10.59 12.90
N LYS A 27 -10.84 9.82 13.31
CA LYS A 27 -9.89 10.31 14.29
C LYS A 27 -8.88 11.23 13.62
N GLY A 28 -8.62 10.93 12.35
CA GLY A 28 -7.67 11.71 11.57
C GLY A 28 -6.44 10.89 11.21
N LYS A 29 -6.62 9.58 11.22
CA LYS A 29 -5.54 8.66 10.90
C LYS A 29 -5.71 8.17 9.46
N THR A 30 -4.58 8.08 8.76
CA THR A 30 -4.60 7.64 7.38
C THR A 30 -4.65 6.11 7.31
N GLU A 31 -5.65 5.61 6.60
CA GLU A 31 -5.83 4.18 6.45
C GLU A 31 -5.81 3.79 4.97
N TYR A 32 -5.04 2.75 4.67
CA TYR A 32 -4.94 2.28 3.30
C TYR A 32 -5.54 0.89 3.15
N LEU A 33 -6.41 0.75 2.16
CA LEU A 33 -7.07 -0.52 1.90
C LEU A 33 -6.08 -1.48 1.23
N VAL A 34 -5.67 -2.48 1.98
CA VAL A 34 -4.73 -3.47 1.47
C VAL A 34 -5.33 -4.87 1.63
N ARG A 35 -5.03 -5.71 0.64
CA ARG A 35 -5.54 -7.08 0.67
C ARG A 35 -4.58 -7.99 1.42
N TRP A 36 -5.02 -9.23 1.62
CA TRP A 36 -4.20 -10.20 2.34
C TRP A 36 -4.76 -11.60 2.02
N LYS A 37 -3.91 -12.59 2.22
CA LYS A 37 -4.29 -13.96 1.96
C LYS A 37 -5.46 -14.34 2.87
N GLY A 38 -6.39 -15.10 2.30
CA GLY A 38 -7.56 -15.54 3.04
C GLY A 38 -8.70 -14.53 2.91
N TYR A 39 -8.33 -13.25 2.94
CA TYR A 39 -9.31 -12.19 2.83
C TYR A 39 -9.68 -11.93 1.37
N ASP A 40 -10.92 -12.23 1.04
CA ASP A 40 -11.41 -12.04 -0.31
C ASP A 40 -11.32 -10.56 -0.67
N SER A 41 -11.75 -10.26 -1.90
CA SER A 41 -11.72 -8.89 -2.38
C SER A 41 -12.61 -8.01 -1.50
N GLU A 42 -13.76 -8.56 -1.16
CA GLU A 42 -14.72 -7.83 -0.33
C GLU A 42 -14.42 -8.08 1.15
N ASP A 43 -13.27 -8.69 1.40
CA ASP A 43 -12.86 -8.99 2.77
C ASP A 43 -11.69 -8.08 3.16
N ASP A 44 -11.12 -7.45 2.14
CA ASP A 44 -9.99 -6.55 2.36
C ASP A 44 -10.25 -5.72 3.62
N THR A 45 -9.18 -5.38 4.30
CA THR A 45 -9.28 -4.59 5.52
C THR A 45 -8.63 -3.22 5.32
N TRP A 46 -8.69 -2.41 6.36
CA TRP A 46 -8.12 -1.07 6.31
C TRP A 46 -7.02 -0.99 7.37
N GLU A 47 -5.81 -0.71 6.90
CA GLU A 47 -4.66 -0.60 7.80
C GLU A 47 -4.08 0.80 7.73
N PRO A 48 -3.72 1.34 8.93
CA PRO A 48 -3.15 2.67 9.02
C PRO A 48 -1.69 2.67 8.54
N GLU A 49 -1.36 3.69 7.76
CA GLU A 49 -0.01 3.81 7.24
C GLU A 49 1.02 3.44 8.32
N GLN A 50 0.64 3.69 9.56
CA GLN A 50 1.50 3.39 10.68
C GLN A 50 1.81 1.89 10.73
N HIS A 51 0.75 1.10 10.62
CA HIS A 51 0.89 -0.35 10.64
C HIS A 51 1.60 -0.82 9.37
N LEU A 52 1.48 -0.01 8.33
CA LEU A 52 2.11 -0.33 7.06
C LEU A 52 3.55 0.17 7.06
N VAL A 53 4.38 -0.52 7.83
CA VAL A 53 5.78 -0.17 7.94
C VAL A 53 6.58 -0.92 6.87
N ASN A 54 7.42 -0.18 6.17
CA ASN A 54 8.24 -0.76 5.12
C ASN A 54 7.34 -1.14 3.94
N CYS A 55 6.19 -0.50 3.88
CA CYS A 55 5.25 -0.76 2.80
C CYS A 55 5.11 0.51 1.96
N GLU A 56 5.85 1.53 2.36
CA GLU A 56 5.81 2.80 1.65
C GLU A 56 5.75 2.57 0.15
N GLU A 57 6.62 1.68 -0.32
CA GLU A 57 6.67 1.36 -1.73
C GLU A 57 5.25 1.23 -2.30
N TYR A 58 4.57 0.19 -1.87
CA TYR A 58 3.22 -0.06 -2.32
C TYR A 58 2.39 1.23 -2.30
N ILE A 59 2.24 1.78 -1.11
CA ILE A 59 1.48 3.01 -0.94
C ILE A 59 1.92 4.03 -1.99
N HIS A 60 3.22 4.26 -2.02
CA HIS A 60 3.78 5.21 -2.97
C HIS A 60 3.22 4.94 -4.36
N ASP A 61 3.42 3.71 -4.82
CA ASP A 61 2.94 3.32 -6.13
C ASP A 61 1.43 3.60 -6.22
N PHE A 62 0.71 3.14 -5.21
CA PHE A 62 -0.73 3.33 -5.17
C PHE A 62 -1.07 4.82 -5.23
N ASN A 63 -0.28 5.61 -4.53
CA ASN A 63 -0.50 7.05 -4.50
C ASN A 63 -0.31 7.62 -5.90
N ARG A 64 0.76 7.20 -6.55
CA ARG A 64 1.06 7.65 -7.89
C ARG A 64 -0.16 7.46 -8.80
N ARG A 65 -0.72 6.27 -8.73
CA ARG A 65 -1.90 5.95 -9.54
C ARG A 65 -2.97 7.03 -9.36
N HIS A 66 -3.39 7.19 -8.11
CA HIS A 66 -4.41 8.18 -7.79
C HIS A 66 -3.97 9.56 -8.30
N THR A 67 -2.86 10.03 -7.75
CA THR A 67 -2.32 11.32 -8.13
C THR A 67 -2.48 11.54 -9.64
N GLU A 68 -2.72 12.79 -10.01
CA GLU A 68 -2.88 13.15 -11.40
C GLU A 68 -1.75 14.06 -11.87
N LYS A 69 -0.98 13.57 -12.82
CA LYS A 69 0.14 14.32 -13.36
C LYS A 69 1.07 14.73 -12.21
N GLN A 70 2.18 14.02 -12.12
CA GLN A 70 3.16 14.29 -11.08
C GLN A 70 4.51 13.70 -11.46
N LYS A 71 4.52 12.40 -11.70
CA LYS A 71 5.74 11.70 -12.07
C LYS A 71 5.93 11.81 -13.59
N GLU A 72 7.18 11.99 -13.99
CA GLU A 72 7.50 12.09 -15.41
C GLU A 72 7.81 10.70 -15.98
N SER A 73 7.42 10.52 -17.24
CA SER A 73 7.64 9.26 -17.91
C SER A 73 9.01 9.27 -18.60
N GLY A 74 9.60 8.09 -18.67
CA GLY A 74 10.91 7.94 -19.30
C GLY A 74 10.94 6.72 -20.22
N PRO A 75 11.90 6.76 -21.18
CA PRO A 75 12.05 5.66 -22.13
C PRO A 75 12.72 4.45 -21.45
N SER A 76 12.91 3.41 -22.25
CA SER A 76 13.53 2.19 -21.75
C SER A 76 14.98 2.11 -22.23
N SER A 77 15.89 2.26 -21.28
CA SER A 77 17.32 2.21 -21.58
C SER A 77 17.75 0.76 -21.81
N GLY A 78 17.57 -0.04 -20.77
CA GLY A 78 17.94 -1.44 -20.84
C GLY A 78 17.99 -2.07 -19.44
N GLY A 1 17.96 3.33 -6.66
CA GLY A 1 18.80 3.30 -5.46
C GLY A 1 18.56 2.02 -4.67
N SER A 2 18.71 2.14 -3.35
CA SER A 2 18.51 1.01 -2.46
C SER A 2 17.13 1.08 -1.81
N SER A 3 16.63 -0.08 -1.41
CA SER A 3 15.33 -0.15 -0.76
C SER A 3 15.11 -1.55 -0.19
N GLY A 4 15.17 -2.53 -1.06
CA GLY A 4 14.99 -3.92 -0.65
C GLY A 4 15.64 -4.17 0.71
N SER A 5 14.81 -4.62 1.64
CA SER A 5 15.30 -4.91 2.99
C SER A 5 14.23 -5.67 3.77
N SER A 6 14.65 -6.25 4.88
CA SER A 6 13.75 -7.01 5.73
C SER A 6 14.46 -7.42 7.02
N GLY A 7 13.68 -7.48 8.10
CA GLY A 7 14.22 -7.84 9.40
C GLY A 7 14.32 -9.36 9.54
N MET A 8 14.46 -9.80 10.79
CA MET A 8 14.57 -11.21 11.08
C MET A 8 13.43 -11.68 11.98
N ALA A 9 12.53 -12.47 11.40
CA ALA A 9 11.41 -12.99 12.16
C ALA A 9 10.99 -14.34 11.58
N SER A 10 10.16 -15.04 12.33
CA SER A 10 9.69 -16.36 11.91
C SER A 10 8.21 -16.27 11.51
N GLU A 11 7.98 -16.12 10.21
CA GLU A 11 6.64 -16.03 9.69
C GLU A 11 6.00 -14.70 10.11
N GLU A 12 5.23 -14.13 9.18
CA GLU A 12 4.56 -12.87 9.43
C GLU A 12 3.05 -13.03 9.30
N LEU A 13 2.33 -12.09 9.86
CA LEU A 13 0.87 -12.12 9.82
C LEU A 13 0.42 -12.23 8.37
N TYR A 14 0.69 -11.18 7.61
CA TYR A 14 0.32 -11.14 6.21
C TYR A 14 1.11 -10.07 5.45
N GLU A 15 1.59 -10.47 4.28
CA GLU A 15 2.37 -9.56 3.46
C GLU A 15 1.44 -8.67 2.61
N VAL A 16 1.63 -7.38 2.76
CA VAL A 16 0.83 -6.41 2.02
C VAL A 16 0.84 -6.77 0.54
N GLU A 17 -0.34 -7.03 0.01
CA GLU A 17 -0.47 -7.39 -1.39
C GLU A 17 -0.45 -6.13 -2.26
N ARG A 18 -1.30 -5.19 -1.90
CA ARG A 18 -1.38 -3.94 -2.64
C ARG A 18 -2.49 -3.06 -2.06
N ILE A 19 -2.47 -1.80 -2.48
CA ILE A 19 -3.46 -0.84 -2.02
C ILE A 19 -4.61 -0.77 -3.04
N VAL A 20 -5.83 -0.85 -2.52
CA VAL A 20 -7.00 -0.79 -3.36
C VAL A 20 -7.76 0.51 -3.09
N ASP A 21 -7.46 1.11 -1.95
CA ASP A 21 -8.10 2.36 -1.55
C ASP A 21 -7.32 2.99 -0.40
N LYS A 22 -7.68 4.22 -0.09
CA LYS A 22 -7.02 4.94 0.99
C LYS A 22 -7.93 6.07 1.47
N ARG A 23 -7.96 6.23 2.79
CA ARG A 23 -8.78 7.27 3.39
C ARG A 23 -8.32 7.55 4.82
N LYS A 24 -8.95 8.55 5.42
CA LYS A 24 -8.62 8.93 6.79
C LYS A 24 -9.71 8.44 7.74
N ASN A 25 -9.31 8.18 8.96
CA ASN A 25 -10.24 7.70 9.97
C ASN A 25 -10.96 8.90 10.61
N LYS A 26 -11.96 8.59 11.42
CA LYS A 26 -12.73 9.62 12.08
C LYS A 26 -11.82 10.41 13.02
N LYS A 27 -10.87 9.70 13.61
CA LYS A 27 -9.92 10.32 14.53
C LYS A 27 -8.98 11.23 13.74
N GLY A 28 -8.73 10.85 12.49
CA GLY A 28 -7.85 11.62 11.62
C GLY A 28 -6.60 10.83 11.28
N LYS A 29 -6.75 9.51 11.25
CA LYS A 29 -5.63 8.63 10.94
C LYS A 29 -5.75 8.17 9.49
N THR A 30 -4.61 8.17 8.80
CA THR A 30 -4.58 7.75 7.41
C THR A 30 -4.57 6.22 7.32
N GLU A 31 -5.56 5.69 6.61
CA GLU A 31 -5.67 4.26 6.44
C GLU A 31 -5.67 3.90 4.95
N TYR A 32 -5.03 2.77 4.65
CA TYR A 32 -4.95 2.31 3.27
C TYR A 32 -5.57 0.92 3.12
N LEU A 33 -6.46 0.81 2.14
CA LEU A 33 -7.13 -0.44 1.88
C LEU A 33 -6.16 -1.41 1.21
N VAL A 34 -5.78 -2.43 1.96
CA VAL A 34 -4.86 -3.43 1.46
C VAL A 34 -5.49 -4.82 1.56
N ARG A 35 -5.19 -5.66 0.60
CA ARG A 35 -5.73 -7.01 0.57
C ARG A 35 -4.81 -7.95 1.35
N TRP A 36 -5.26 -9.20 1.46
CA TRP A 36 -4.50 -10.21 2.17
C TRP A 36 -5.04 -11.58 1.77
N LYS A 37 -4.25 -12.61 2.06
CA LYS A 37 -4.63 -13.97 1.73
C LYS A 37 -5.76 -14.42 2.67
N GLY A 38 -6.80 -14.98 2.07
CA GLY A 38 -7.94 -15.44 2.84
C GLY A 38 -9.10 -14.45 2.76
N TYR A 39 -8.80 -13.20 3.06
CA TYR A 39 -9.79 -12.15 3.02
C TYR A 39 -10.33 -11.95 1.60
N ASP A 40 -11.60 -12.29 1.43
CA ASP A 40 -12.23 -12.14 0.13
C ASP A 40 -12.05 -10.71 -0.38
N SER A 41 -12.66 -10.44 -1.52
CA SER A 41 -12.56 -9.11 -2.11
C SER A 41 -13.28 -8.09 -1.23
N GLU A 42 -14.38 -8.54 -0.64
CA GLU A 42 -15.17 -7.68 0.23
C GLU A 42 -14.81 -7.93 1.70
N ASP A 43 -13.63 -8.50 1.89
CA ASP A 43 -13.16 -8.79 3.24
C ASP A 43 -11.92 -7.95 3.54
N ASP A 44 -11.43 -7.28 2.50
CA ASP A 44 -10.26 -6.44 2.63
C ASP A 44 -10.34 -5.67 3.95
N THR A 45 -9.19 -5.24 4.43
CA THR A 45 -9.11 -4.49 5.67
C THR A 45 -8.44 -3.13 5.44
N TRP A 46 -8.64 -2.25 6.39
CA TRP A 46 -8.06 -0.91 6.30
C TRP A 46 -6.95 -0.81 7.35
N GLU A 47 -5.72 -0.74 6.86
CA GLU A 47 -4.57 -0.64 7.73
C GLU A 47 -3.98 0.78 7.68
N PRO A 48 -3.63 1.30 8.89
CA PRO A 48 -3.06 2.64 8.99
C PRO A 48 -1.61 2.65 8.52
N GLU A 49 -1.29 3.65 7.72
CA GLU A 49 0.06 3.80 7.20
C GLU A 49 1.09 3.44 8.29
N GLN A 50 0.71 3.70 9.52
CA GLN A 50 1.57 3.41 10.65
C GLN A 50 1.91 1.92 10.69
N HIS A 51 0.87 1.10 10.59
CA HIS A 51 1.04 -0.33 10.62
C HIS A 51 1.71 -0.80 9.33
N LEU A 52 1.51 -0.02 8.28
CA LEU A 52 2.11 -0.33 6.99
C LEU A 52 3.55 0.18 6.95
N VAL A 53 4.38 -0.46 7.76
CA VAL A 53 5.79 -0.09 7.84
C VAL A 53 6.55 -0.81 6.73
N ASN A 54 7.51 -0.10 6.15
CA ASN A 54 8.33 -0.65 5.08
C ASN A 54 7.42 -1.04 3.91
N CYS A 55 6.21 -0.52 3.94
CA CYS A 55 5.24 -0.79 2.90
C CYS A 55 5.01 0.48 2.09
N GLU A 56 5.82 1.49 2.40
CA GLU A 56 5.71 2.77 1.72
C GLU A 56 5.63 2.56 0.20
N GLU A 57 6.52 1.71 -0.29
CA GLU A 57 6.56 1.41 -1.72
C GLU A 57 5.13 1.28 -2.26
N TYR A 58 4.47 0.22 -1.83
CA TYR A 58 3.11 -0.03 -2.28
C TYR A 58 2.27 1.25 -2.27
N ILE A 59 2.15 1.83 -1.08
CA ILE A 59 1.39 3.06 -0.92
C ILE A 59 1.85 4.07 -1.98
N HIS A 60 3.15 4.35 -1.94
CA HIS A 60 3.72 5.30 -2.89
C HIS A 60 3.18 5.02 -4.28
N ASP A 61 3.43 3.82 -4.75
CA ASP A 61 2.97 3.42 -6.08
C ASP A 61 1.46 3.68 -6.19
N PHE A 62 0.73 3.17 -5.22
CA PHE A 62 -0.71 3.35 -5.19
C PHE A 62 -1.09 4.82 -5.28
N ASN A 63 -0.32 5.64 -4.58
CA ASN A 63 -0.56 7.08 -4.57
C ASN A 63 -0.33 7.63 -5.97
N ARG A 64 0.79 7.25 -6.56
CA ARG A 64 1.15 7.70 -7.88
C ARG A 64 0.04 7.33 -8.88
N ARG A 65 -0.15 6.02 -9.05
CA ARG A 65 -1.17 5.54 -9.96
C ARG A 65 -2.48 6.27 -9.73
N HIS A 66 -2.94 6.24 -8.50
CA HIS A 66 -4.18 6.90 -8.14
C HIS A 66 -4.27 8.26 -8.84
N THR A 67 -3.40 9.16 -8.42
CA THR A 67 -3.37 10.49 -8.99
C THR A 67 -2.79 10.45 -10.42
N GLU A 68 -2.99 11.54 -11.13
CA GLU A 68 -2.49 11.64 -12.50
C GLU A 68 -1.44 12.74 -12.60
N LYS A 69 -0.20 12.36 -12.31
CA LYS A 69 0.90 13.30 -12.37
C LYS A 69 2.07 12.67 -13.13
N GLN A 70 2.83 13.51 -13.80
CA GLN A 70 3.98 13.05 -14.56
C GLN A 70 5.11 12.65 -13.62
N LYS A 71 5.34 11.34 -13.54
CA LYS A 71 6.39 10.82 -12.69
C LYS A 71 7.27 9.86 -13.50
N GLU A 72 8.53 10.25 -13.63
CA GLU A 72 9.49 9.45 -14.38
C GLU A 72 9.72 8.12 -13.66
N SER A 73 8.92 7.12 -14.03
CA SER A 73 9.05 5.81 -13.44
C SER A 73 8.02 4.85 -14.06
N GLY A 74 8.48 4.15 -15.08
CA GLY A 74 7.62 3.20 -15.78
C GLY A 74 7.93 3.18 -17.28
N PRO A 75 7.54 2.05 -17.93
CA PRO A 75 7.77 1.90 -19.36
C PRO A 75 6.78 2.75 -20.17
N SER A 76 7.09 4.04 -20.24
CA SER A 76 6.24 4.96 -20.97
C SER A 76 6.31 4.65 -22.47
N SER A 77 5.15 4.73 -23.11
CA SER A 77 5.06 4.46 -24.54
C SER A 77 5.43 3.01 -24.82
N GLY A 78 4.40 2.16 -24.86
CA GLY A 78 4.60 0.75 -25.12
C GLY A 78 4.87 0.49 -26.61
N GLY A 1 -3.88 -12.05 -14.08
CA GLY A 1 -2.60 -11.45 -13.76
C GLY A 1 -2.05 -11.99 -12.44
N SER A 2 -1.08 -12.88 -12.55
CA SER A 2 -0.47 -13.48 -11.38
C SER A 2 1.00 -13.10 -11.31
N SER A 3 1.51 -13.05 -10.09
CA SER A 3 2.90 -12.70 -9.86
C SER A 3 3.47 -13.49 -8.68
N GLY A 4 4.71 -13.92 -8.82
CA GLY A 4 5.37 -14.68 -7.78
C GLY A 4 6.69 -14.02 -7.38
N SER A 5 6.58 -12.90 -6.69
CA SER A 5 7.75 -12.17 -6.24
C SER A 5 7.59 -11.76 -4.78
N SER A 6 7.84 -12.72 -3.90
CA SER A 6 7.73 -12.48 -2.47
C SER A 6 9.12 -12.37 -1.84
N GLY A 7 9.31 -11.29 -1.09
CA GLY A 7 10.58 -11.05 -0.43
C GLY A 7 10.39 -10.25 0.86
N MET A 8 11.50 -9.85 1.45
CA MET A 8 11.48 -9.08 2.67
C MET A 8 10.56 -9.72 3.71
N ALA A 9 11.16 -10.58 4.53
CA ALA A 9 10.41 -11.26 5.57
C ALA A 9 11.38 -12.04 6.46
N SER A 10 10.95 -12.27 7.70
CA SER A 10 11.76 -12.99 8.65
C SER A 10 10.86 -13.72 9.66
N GLU A 11 10.01 -12.93 10.30
CA GLU A 11 9.10 -13.48 11.29
C GLU A 11 7.82 -12.64 11.36
N GLU A 12 7.50 -12.00 10.24
CA GLU A 12 6.32 -11.17 10.17
C GLU A 12 5.08 -12.02 9.93
N LEU A 13 3.93 -11.36 9.92
CA LEU A 13 2.67 -12.03 9.70
C LEU A 13 2.52 -12.34 8.22
N TYR A 14 2.14 -11.33 7.45
CA TYR A 14 1.96 -11.48 6.03
C TYR A 14 2.64 -10.34 5.26
N GLU A 15 2.29 -10.23 3.99
CA GLU A 15 2.85 -9.20 3.14
C GLU A 15 1.74 -8.41 2.45
N VAL A 16 1.97 -7.10 2.36
CA VAL A 16 0.99 -6.23 1.73
C VAL A 16 0.97 -6.50 0.22
N GLU A 17 -0.17 -6.99 -0.23
CA GLU A 17 -0.34 -7.30 -1.65
C GLU A 17 -0.36 -6.01 -2.48
N ARG A 18 -1.23 -5.10 -2.07
CA ARG A 18 -1.36 -3.83 -2.77
C ARG A 18 -2.48 -2.99 -2.15
N ILE A 19 -2.50 -1.72 -2.53
CA ILE A 19 -3.52 -0.82 -2.02
C ILE A 19 -4.67 -0.72 -3.03
N VAL A 20 -5.88 -0.85 -2.50
CA VAL A 20 -7.07 -0.79 -3.34
C VAL A 20 -7.85 0.49 -3.01
N ASP A 21 -7.55 1.05 -1.86
CA ASP A 21 -8.21 2.26 -1.41
C ASP A 21 -7.42 2.88 -0.26
N LYS A 22 -7.79 4.10 0.08
CA LYS A 22 -7.13 4.82 1.17
C LYS A 22 -7.97 6.04 1.56
N ARG A 23 -8.13 6.21 2.85
CA ARG A 23 -8.90 7.33 3.38
C ARG A 23 -8.48 7.64 4.81
N LYS A 24 -9.04 8.73 5.33
CA LYS A 24 -8.73 9.14 6.69
C LYS A 24 -9.87 8.72 7.62
N ASN A 25 -9.51 8.49 8.88
CA ASN A 25 -10.50 8.08 9.87
C ASN A 25 -11.05 9.32 10.58
N LYS A 26 -12.08 9.10 11.38
CA LYS A 26 -12.70 10.18 12.12
C LYS A 26 -11.67 10.85 13.02
N LYS A 27 -10.74 10.03 13.49
CA LYS A 27 -9.68 10.52 14.37
C LYS A 27 -8.66 11.30 13.54
N GLY A 28 -8.72 11.09 12.23
CA GLY A 28 -7.81 11.77 11.32
C GLY A 28 -6.65 10.84 10.92
N LYS A 29 -6.82 9.57 11.24
CA LYS A 29 -5.80 8.57 10.92
C LYS A 29 -5.96 8.14 9.47
N THR A 30 -4.83 7.97 8.81
CA THR A 30 -4.83 7.54 7.41
C THR A 30 -4.82 6.02 7.32
N GLU A 31 -5.83 5.49 6.64
CA GLU A 31 -5.96 4.05 6.47
C GLU A 31 -5.89 3.69 4.98
N TYR A 32 -5.15 2.62 4.71
CA TYR A 32 -5.00 2.16 3.34
C TYR A 32 -5.60 0.76 3.17
N LEU A 33 -6.48 0.66 2.18
CA LEU A 33 -7.13 -0.62 1.90
C LEU A 33 -6.13 -1.55 1.21
N VAL A 34 -5.71 -2.57 1.95
CA VAL A 34 -4.77 -3.54 1.41
C VAL A 34 -5.36 -4.95 1.52
N ARG A 35 -5.08 -5.74 0.51
CA ARG A 35 -5.58 -7.12 0.49
C ARG A 35 -4.62 -8.04 1.23
N TRP A 36 -5.03 -9.30 1.33
CA TRP A 36 -4.23 -10.30 2.02
C TRP A 36 -4.73 -11.69 1.60
N LYS A 37 -3.84 -12.65 1.70
CA LYS A 37 -4.18 -14.02 1.34
C LYS A 37 -5.24 -14.55 2.30
N GLY A 38 -6.16 -15.32 1.75
CA GLY A 38 -7.23 -15.90 2.54
C GLY A 38 -8.45 -14.98 2.57
N TYR A 39 -8.18 -13.69 2.42
CA TYR A 39 -9.25 -12.70 2.42
C TYR A 39 -9.76 -12.44 1.00
N ASP A 40 -11.07 -12.46 0.86
CA ASP A 40 -11.69 -12.23 -0.43
C ASP A 40 -11.51 -10.77 -0.82
N SER A 41 -12.26 -10.36 -1.83
CA SER A 41 -12.20 -8.99 -2.32
C SER A 41 -12.95 -8.06 -1.36
N GLU A 42 -14.12 -8.52 -0.94
CA GLU A 42 -14.94 -7.75 -0.03
C GLU A 42 -14.55 -8.05 1.42
N ASP A 43 -13.41 -8.69 1.58
CA ASP A 43 -12.91 -9.05 2.90
C ASP A 43 -11.69 -8.19 3.24
N ASP A 44 -11.17 -7.54 2.21
CA ASP A 44 -10.00 -6.69 2.37
C ASP A 44 -10.13 -5.91 3.68
N THR A 45 -8.98 -5.57 4.25
CA THR A 45 -8.96 -4.82 5.49
C THR A 45 -8.33 -3.44 5.28
N TRP A 46 -8.45 -2.60 6.30
CA TRP A 46 -7.90 -1.26 6.22
C TRP A 46 -6.76 -1.16 7.24
N GLU A 47 -5.59 -0.83 6.72
CA GLU A 47 -4.41 -0.70 7.57
C GLU A 47 -3.88 0.74 7.52
N PRO A 48 -3.55 1.27 8.73
CA PRO A 48 -3.02 2.62 8.84
C PRO A 48 -1.57 2.68 8.37
N GLU A 49 -1.28 3.72 7.59
CA GLU A 49 0.07 3.91 7.08
C GLU A 49 1.10 3.60 8.17
N GLN A 50 0.76 3.97 9.40
CA GLN A 50 1.63 3.74 10.52
C GLN A 50 1.96 2.25 10.65
N HIS A 51 0.92 1.43 10.51
CA HIS A 51 1.09 -0.01 10.61
C HIS A 51 1.79 -0.53 9.35
N LEU A 52 1.55 0.17 8.25
CA LEU A 52 2.15 -0.22 6.98
C LEU A 52 3.60 0.28 6.94
N VAL A 53 4.44 -0.38 7.73
CA VAL A 53 5.84 -0.02 7.79
C VAL A 53 6.63 -0.90 6.82
N ASN A 54 7.61 -0.28 6.17
CA ASN A 54 8.44 -0.99 5.21
C ASN A 54 7.59 -1.40 4.00
N CYS A 55 6.39 -0.85 3.96
CA CYS A 55 5.47 -1.15 2.87
C CYS A 55 5.12 0.16 2.17
N GLU A 56 5.97 1.16 2.38
CA GLU A 56 5.77 2.46 1.77
C GLU A 56 5.74 2.34 0.24
N GLU A 57 6.49 1.38 -0.26
CA GLU A 57 6.56 1.14 -1.69
C GLU A 57 5.15 1.08 -2.28
N TYR A 58 4.43 0.05 -1.88
CA TYR A 58 3.07 -0.13 -2.36
C TYR A 58 2.26 1.16 -2.25
N ILE A 59 2.20 1.69 -1.05
CA ILE A 59 1.48 2.93 -0.80
C ILE A 59 1.93 3.99 -1.80
N HIS A 60 3.24 4.17 -1.87
CA HIS A 60 3.81 5.15 -2.78
C HIS A 60 3.25 4.94 -4.19
N ASP A 61 3.38 3.70 -4.66
CA ASP A 61 2.88 3.36 -5.98
C ASP A 61 1.40 3.71 -6.07
N PHE A 62 0.63 3.16 -5.13
CA PHE A 62 -0.80 3.40 -5.09
C PHE A 62 -1.10 4.90 -5.10
N ASN A 63 -0.36 5.62 -4.27
CA ASN A 63 -0.55 7.07 -4.17
C ASN A 63 -0.34 7.69 -5.55
N ARG A 64 0.76 7.32 -6.19
CA ARG A 64 1.08 7.84 -7.50
C ARG A 64 -0.07 7.57 -8.47
N ARG A 65 -0.43 6.30 -8.56
CA ARG A 65 -1.51 5.89 -9.45
C ARG A 65 -2.77 6.70 -9.16
N HIS A 66 -3.17 6.68 -7.89
CA HIS A 66 -4.36 7.42 -7.48
C HIS A 66 -4.22 8.89 -7.87
N THR A 67 -3.26 9.55 -7.23
CA THR A 67 -3.03 10.95 -7.51
C THR A 67 -2.76 11.17 -9.00
N GLU A 68 -3.05 12.39 -9.44
CA GLU A 68 -2.85 12.74 -10.84
C GLU A 68 -1.38 13.08 -11.10
N LYS A 69 -0.80 12.34 -12.04
CA LYS A 69 0.60 12.56 -12.40
C LYS A 69 0.85 12.00 -13.80
N GLN A 70 1.75 12.66 -14.50
CA GLN A 70 2.09 12.25 -15.86
C GLN A 70 3.34 11.35 -15.84
N LYS A 71 3.11 10.07 -15.55
CA LYS A 71 4.19 9.12 -15.50
C LYS A 71 3.87 7.94 -16.42
N GLU A 72 4.83 7.60 -17.26
CA GLU A 72 4.66 6.49 -18.18
C GLU A 72 5.95 5.65 -18.25
N SER A 73 5.79 4.37 -17.94
CA SER A 73 6.92 3.46 -17.95
C SER A 73 6.73 2.43 -19.06
N GLY A 74 5.67 1.65 -18.93
CA GLY A 74 5.37 0.62 -19.92
C GLY A 74 4.84 -0.65 -19.24
N PRO A 75 4.10 -1.46 -20.05
CA PRO A 75 3.53 -2.70 -19.53
C PRO A 75 4.62 -3.77 -19.38
N SER A 76 4.28 -4.80 -18.61
CA SER A 76 5.21 -5.90 -18.38
C SER A 76 4.57 -6.92 -17.43
N SER A 77 4.44 -8.14 -17.94
CA SER A 77 3.86 -9.22 -17.15
C SER A 77 4.62 -10.52 -17.41
N GLY A 78 4.35 -11.50 -16.56
CA GLY A 78 4.99 -12.80 -16.69
C GLY A 78 4.61 -13.71 -15.53
N GLY A 1 23.87 -1.17 -9.55
CA GLY A 1 22.68 -0.86 -8.78
C GLY A 1 22.77 0.54 -8.15
N SER A 2 22.20 0.66 -6.96
CA SER A 2 22.21 1.93 -6.26
C SER A 2 22.64 1.71 -4.80
N SER A 3 21.78 1.03 -4.06
CA SER A 3 22.05 0.75 -2.66
C SER A 3 21.02 -0.23 -2.11
N GLY A 4 21.30 -0.72 -0.91
CA GLY A 4 20.42 -1.67 -0.26
C GLY A 4 20.23 -2.92 -1.13
N SER A 5 19.70 -3.96 -0.50
CA SER A 5 19.47 -5.22 -1.19
C SER A 5 18.26 -5.93 -0.58
N SER A 6 18.37 -6.21 0.71
CA SER A 6 17.30 -6.89 1.43
C SER A 6 17.46 -6.68 2.94
N GLY A 7 16.44 -7.09 3.67
CA GLY A 7 16.46 -6.96 5.12
C GLY A 7 15.30 -6.10 5.61
N MET A 8 15.57 -5.33 6.65
CA MET A 8 14.55 -4.46 7.22
C MET A 8 13.34 -5.27 7.67
N ALA A 9 12.50 -4.62 8.47
CA ALA A 9 11.30 -5.25 8.98
C ALA A 9 11.69 -6.46 9.85
N SER A 10 11.01 -6.59 10.97
CA SER A 10 11.27 -7.68 11.90
C SER A 10 10.28 -8.81 11.67
N GLU A 11 9.05 -8.60 12.14
CA GLU A 11 8.00 -9.59 11.99
C GLU A 11 6.63 -8.91 11.93
N GLU A 12 5.89 -9.24 10.89
CA GLU A 12 4.56 -8.68 10.70
C GLU A 12 3.51 -9.78 10.61
N LEU A 13 2.26 -9.37 10.54
CA LEU A 13 1.16 -10.31 10.46
C LEU A 13 1.22 -11.03 9.12
N TYR A 14 1.28 -10.24 8.05
CA TYR A 14 1.34 -10.80 6.71
C TYR A 14 2.08 -9.84 5.76
N GLU A 15 1.95 -10.13 4.47
CA GLU A 15 2.59 -9.31 3.46
C GLU A 15 1.55 -8.51 2.68
N VAL A 16 1.79 -7.21 2.61
CA VAL A 16 0.89 -6.32 1.91
C VAL A 16 0.91 -6.64 0.42
N GLU A 17 -0.25 -7.01 -0.09
CA GLU A 17 -0.39 -7.35 -1.49
C GLU A 17 -0.38 -6.09 -2.35
N ARG A 18 -1.25 -5.15 -1.98
CA ARG A 18 -1.37 -3.91 -2.70
C ARG A 18 -2.47 -3.04 -2.11
N ILE A 19 -2.48 -1.78 -2.49
CA ILE A 19 -3.48 -0.85 -2.01
C ILE A 19 -4.62 -0.76 -3.02
N VAL A 20 -5.84 -0.85 -2.49
CA VAL A 20 -7.02 -0.80 -3.33
C VAL A 20 -7.80 0.49 -3.01
N ASP A 21 -7.46 1.09 -1.89
CA ASP A 21 -8.10 2.32 -1.47
C ASP A 21 -7.31 2.94 -0.32
N LYS A 22 -7.71 4.15 0.04
CA LYS A 22 -7.04 4.86 1.12
C LYS A 22 -7.89 6.07 1.53
N ARG A 23 -8.02 6.24 2.84
CA ARG A 23 -8.81 7.35 3.37
C ARG A 23 -8.50 7.56 4.85
N LYS A 24 -9.17 8.54 5.43
CA LYS A 24 -8.98 8.85 6.84
C LYS A 24 -10.25 8.53 7.61
N ASN A 25 -10.10 8.41 8.92
CA ASN A 25 -11.24 8.10 9.77
C ASN A 25 -11.56 9.32 10.65
N LYS A 26 -12.61 9.17 11.44
CA LYS A 26 -13.03 10.25 12.33
C LYS A 26 -11.85 10.64 13.24
N LYS A 27 -10.99 9.67 13.48
CA LYS A 27 -9.83 9.90 14.33
C LYS A 27 -8.88 10.88 13.63
N GLY A 28 -8.73 10.69 12.33
CA GLY A 28 -7.87 11.55 11.53
C GLY A 28 -6.58 10.81 11.13
N LYS A 29 -6.65 9.49 11.23
CA LYS A 29 -5.51 8.66 10.89
C LYS A 29 -5.66 8.17 9.44
N THR A 30 -4.54 8.18 8.72
CA THR A 30 -4.54 7.74 7.34
C THR A 30 -4.63 6.22 7.27
N GLU A 31 -5.61 5.75 6.52
CA GLU A 31 -5.82 4.32 6.35
C GLU A 31 -5.72 3.93 4.87
N TYR A 32 -5.14 2.77 4.63
CA TYR A 32 -4.98 2.27 3.28
C TYR A 32 -5.58 0.87 3.13
N LEU A 33 -6.46 0.75 2.14
CA LEU A 33 -7.12 -0.52 1.89
C LEU A 33 -6.12 -1.47 1.22
N VAL A 34 -5.74 -2.49 1.97
CA VAL A 34 -4.79 -3.48 1.46
C VAL A 34 -5.40 -4.87 1.59
N ARG A 35 -5.12 -5.69 0.59
CA ARG A 35 -5.64 -7.05 0.57
C ARG A 35 -4.72 -7.98 1.37
N TRP A 36 -5.14 -9.23 1.49
CA TRP A 36 -4.38 -10.22 2.23
C TRP A 36 -4.88 -11.61 1.82
N LYS A 37 -3.95 -12.55 1.83
CA LYS A 37 -4.29 -13.93 1.46
C LYS A 37 -5.20 -14.53 2.54
N GLY A 38 -5.99 -15.50 2.13
CA GLY A 38 -6.90 -16.16 3.05
C GLY A 38 -8.24 -15.43 3.12
N TYR A 39 -8.16 -14.11 3.15
CA TYR A 39 -9.34 -13.28 3.22
C TYR A 39 -9.96 -13.10 1.82
N ASP A 40 -11.28 -12.94 1.82
CA ASP A 40 -12.00 -12.75 0.57
C ASP A 40 -11.77 -11.34 0.06
N SER A 41 -12.42 -11.03 -1.05
CA SER A 41 -12.29 -9.71 -1.65
C SER A 41 -13.00 -8.66 -0.78
N GLU A 42 -14.10 -9.09 -0.19
CA GLU A 42 -14.88 -8.20 0.67
C GLU A 42 -14.43 -8.35 2.13
N ASP A 43 -13.25 -8.93 2.30
CA ASP A 43 -12.70 -9.14 3.63
C ASP A 43 -11.52 -8.19 3.85
N ASP A 44 -11.08 -7.59 2.75
CA ASP A 44 -9.96 -6.67 2.81
C ASP A 44 -10.09 -5.80 4.06
N THR A 45 -8.94 -5.48 4.65
CA THR A 45 -8.91 -4.66 5.84
C THR A 45 -8.22 -3.32 5.56
N TRP A 46 -8.48 -2.36 6.43
CA TRP A 46 -7.89 -1.04 6.30
C TRP A 46 -6.75 -0.92 7.30
N GLU A 47 -5.54 -0.73 6.78
CA GLU A 47 -4.37 -0.60 7.62
C GLU A 47 -3.83 0.83 7.55
N PRO A 48 -3.46 1.38 8.73
CA PRO A 48 -2.93 2.72 8.81
C PRO A 48 -1.48 2.76 8.31
N GLU A 49 -1.19 3.80 7.51
CA GLU A 49 0.14 3.96 6.97
C GLU A 49 1.19 3.63 8.02
N GLN A 50 0.92 4.06 9.26
CA GLN A 50 1.83 3.82 10.36
C GLN A 50 2.12 2.31 10.48
N HIS A 51 1.06 1.53 10.41
CA HIS A 51 1.19 0.08 10.51
C HIS A 51 1.88 -0.46 9.26
N LEU A 52 1.60 0.18 8.14
CA LEU A 52 2.19 -0.23 6.88
C LEU A 52 3.64 0.23 6.83
N VAL A 53 4.46 -0.41 7.65
CA VAL A 53 5.88 -0.08 7.71
C VAL A 53 6.66 -1.02 6.79
N ASN A 54 7.61 -0.44 6.07
CA ASN A 54 8.42 -1.22 5.15
C ASN A 54 7.59 -1.63 3.95
N CYS A 55 6.37 -1.11 3.91
CA CYS A 55 5.46 -1.41 2.82
C CYS A 55 5.05 -0.10 2.13
N GLU A 56 5.80 0.94 2.47
CA GLU A 56 5.53 2.26 1.91
C GLU A 56 5.58 2.21 0.38
N GLU A 57 6.34 1.25 -0.12
CA GLU A 57 6.48 1.07 -1.55
C GLU A 57 5.11 1.08 -2.23
N TYR A 58 4.35 0.04 -1.94
CA TYR A 58 3.02 -0.08 -2.51
C TYR A 58 2.24 1.22 -2.38
N ILE A 59 2.16 1.72 -1.16
CA ILE A 59 1.45 2.96 -0.89
C ILE A 59 1.93 4.03 -1.88
N HIS A 60 3.23 4.27 -1.88
CA HIS A 60 3.81 5.26 -2.77
C HIS A 60 3.27 5.06 -4.19
N ASP A 61 3.38 3.82 -4.66
CA ASP A 61 2.91 3.49 -5.99
C ASP A 61 1.41 3.80 -6.09
N PHE A 62 0.66 3.27 -5.12
CA PHE A 62 -0.77 3.48 -5.09
C PHE A 62 -1.11 4.97 -5.13
N ASN A 63 -0.35 5.75 -4.37
CA ASN A 63 -0.56 7.18 -4.32
C ASN A 63 -0.33 7.79 -5.71
N ARG A 64 0.81 7.43 -6.29
CA ARG A 64 1.16 7.92 -7.61
C ARG A 64 0.07 7.54 -8.63
N ARG A 65 -0.24 6.25 -8.65
CA ARG A 65 -1.25 5.75 -9.56
C ARG A 65 -2.57 6.50 -9.36
N HIS A 66 -2.98 6.57 -8.10
CA HIS A 66 -4.22 7.26 -7.76
C HIS A 66 -4.22 8.65 -8.39
N THR A 67 -3.36 9.52 -7.86
CA THR A 67 -3.26 10.87 -8.35
C THR A 67 -2.58 10.89 -9.73
N GLU A 68 -2.47 12.08 -10.28
CA GLU A 68 -1.85 12.25 -11.58
C GLU A 68 -0.33 12.10 -11.47
N LYS A 69 0.32 12.09 -12.62
CA LYS A 69 1.77 11.95 -12.67
C LYS A 69 2.38 13.14 -13.41
N GLN A 70 3.70 13.18 -13.43
CA GLN A 70 4.41 14.25 -14.10
C GLN A 70 5.77 13.76 -14.59
N LYS A 71 6.15 14.24 -15.77
CA LYS A 71 7.42 13.86 -16.36
C LYS A 71 8.56 14.42 -15.50
N GLU A 72 9.72 13.78 -15.64
CA GLU A 72 10.89 14.21 -14.89
C GLU A 72 10.59 14.17 -13.38
N SER A 73 11.66 14.20 -12.60
CA SER A 73 11.54 14.17 -11.15
C SER A 73 12.53 15.16 -10.53
N GLY A 74 13.80 14.95 -10.83
CA GLY A 74 14.85 15.81 -10.31
C GLY A 74 15.58 16.54 -11.43
N PRO A 75 15.42 17.89 -11.44
CA PRO A 75 16.05 18.71 -12.46
C PRO A 75 17.55 18.86 -12.19
N SER A 76 17.89 18.91 -10.90
CA SER A 76 19.28 19.05 -10.50
C SER A 76 20.15 18.11 -11.32
N SER A 77 19.81 16.83 -11.28
CA SER A 77 20.55 15.82 -12.01
C SER A 77 20.69 16.24 -13.47
N GLY A 78 19.55 16.46 -14.10
CA GLY A 78 19.54 16.87 -15.50
C GLY A 78 18.11 17.18 -15.97
N GLY A 1 20.88 7.89 -3.65
CA GLY A 1 20.62 7.45 -2.29
C GLY A 1 19.53 6.36 -2.28
N SER A 2 19.41 5.70 -1.14
CA SER A 2 18.43 4.64 -0.98
C SER A 2 18.66 3.55 -2.02
N SER A 3 18.05 2.40 -1.78
CA SER A 3 18.18 1.28 -2.69
C SER A 3 17.20 0.18 -2.31
N GLY A 4 17.32 -0.28 -1.06
CA GLY A 4 16.46 -1.33 -0.56
C GLY A 4 16.62 -2.61 -1.37
N SER A 5 16.89 -3.70 -0.65
CA SER A 5 17.07 -4.99 -1.29
C SER A 5 17.16 -6.09 -0.22
N SER A 6 16.03 -6.73 0.02
CA SER A 6 15.96 -7.80 1.00
C SER A 6 14.62 -8.52 0.90
N GLY A 7 14.61 -9.75 1.39
CA GLY A 7 13.41 -10.56 1.36
C GLY A 7 13.75 -12.05 1.19
N MET A 8 13.66 -12.77 2.29
CA MET A 8 13.95 -14.19 2.27
C MET A 8 13.46 -14.87 3.56
N ALA A 9 12.45 -15.71 3.40
CA ALA A 9 11.89 -16.42 4.53
C ALA A 9 11.03 -17.59 4.02
N SER A 10 10.80 -18.55 4.91
CA SER A 10 10.01 -19.71 4.56
C SER A 10 8.57 -19.30 4.27
N GLU A 11 8.02 -18.51 5.19
CA GLU A 11 6.65 -18.03 5.04
C GLU A 11 6.28 -17.11 6.20
N GLU A 12 5.69 -15.98 5.87
CA GLU A 12 5.28 -15.01 6.87
C GLU A 12 3.76 -15.08 7.08
N LEU A 13 3.32 -14.45 8.17
CA LEU A 13 1.90 -14.42 8.49
C LEU A 13 1.12 -13.89 7.30
N TYR A 14 1.41 -12.65 6.95
CA TYR A 14 0.74 -12.01 5.83
C TYR A 14 1.53 -10.80 5.33
N GLU A 15 1.67 -10.71 4.02
CA GLU A 15 2.40 -9.61 3.41
C GLU A 15 1.44 -8.74 2.58
N VAL A 16 1.64 -7.44 2.69
CA VAL A 16 0.82 -6.49 1.96
C VAL A 16 0.91 -6.78 0.46
N GLU A 17 -0.25 -7.05 -0.12
CA GLU A 17 -0.32 -7.35 -1.55
C GLU A 17 -0.29 -6.05 -2.36
N ARG A 18 -1.17 -5.14 -1.99
CA ARG A 18 -1.26 -3.87 -2.67
C ARG A 18 -2.40 -3.03 -2.08
N ILE A 19 -2.42 -1.75 -2.48
CA ILE A 19 -3.45 -0.85 -1.99
C ILE A 19 -4.57 -0.76 -3.02
N VAL A 20 -5.79 -0.96 -2.53
CA VAL A 20 -6.96 -0.91 -3.39
C VAL A 20 -7.74 0.37 -3.10
N ASP A 21 -7.46 0.96 -1.96
CA ASP A 21 -8.12 2.19 -1.56
C ASP A 21 -7.37 2.81 -0.38
N LYS A 22 -7.80 4.01 -0.02
CA LYS A 22 -7.17 4.72 1.09
C LYS A 22 -8.11 5.84 1.56
N ARG A 23 -8.21 5.98 2.87
CA ARG A 23 -9.05 7.01 3.45
C ARG A 23 -8.54 7.38 4.84
N LYS A 24 -9.16 8.42 5.40
CA LYS A 24 -8.78 8.89 6.73
C LYS A 24 -9.89 8.54 7.73
N ASN A 25 -9.48 8.34 8.96
CA ASN A 25 -10.43 8.00 10.01
C ASN A 25 -11.01 9.29 10.62
N LYS A 26 -12.16 9.16 11.25
CA LYS A 26 -12.81 10.30 11.86
C LYS A 26 -11.83 11.00 12.80
N LYS A 27 -10.95 10.20 13.40
CA LYS A 27 -9.96 10.72 14.32
C LYS A 27 -8.92 11.54 13.54
N GLY A 28 -8.73 11.14 12.29
CA GLY A 28 -7.77 11.82 11.42
C GLY A 28 -6.58 10.90 11.11
N LYS A 29 -6.82 9.60 11.24
CA LYS A 29 -5.78 8.63 10.97
C LYS A 29 -5.91 8.13 9.53
N THR A 30 -4.77 7.95 8.89
CA THR A 30 -4.75 7.47 7.52
C THR A 30 -4.93 5.96 7.47
N GLU A 31 -5.78 5.52 6.56
CA GLU A 31 -6.05 4.10 6.40
C GLU A 31 -5.97 3.70 4.93
N TYR A 32 -5.14 2.70 4.66
CA TYR A 32 -4.96 2.23 3.30
C TYR A 32 -5.55 0.82 3.14
N LEU A 33 -6.46 0.71 2.17
CA LEU A 33 -7.11 -0.56 1.91
C LEU A 33 -6.12 -1.49 1.21
N VAL A 34 -5.78 -2.57 1.90
CA VAL A 34 -4.84 -3.54 1.36
C VAL A 34 -5.48 -4.94 1.43
N ARG A 35 -5.17 -5.73 0.41
CA ARG A 35 -5.70 -7.09 0.33
C ARG A 35 -4.77 -8.06 1.07
N TRP A 36 -5.24 -9.28 1.23
CA TRP A 36 -4.47 -10.31 1.90
C TRP A 36 -5.04 -11.67 1.50
N LYS A 37 -4.27 -12.71 1.80
CA LYS A 37 -4.69 -14.07 1.47
C LYS A 37 -5.79 -14.50 2.43
N GLY A 38 -6.76 -15.23 1.88
CA GLY A 38 -7.87 -15.71 2.67
C GLY A 38 -9.03 -14.71 2.65
N TYR A 39 -8.69 -13.44 2.75
CA TYR A 39 -9.68 -12.38 2.75
C TYR A 39 -10.14 -12.07 1.32
N ASP A 40 -11.39 -12.38 1.05
CA ASP A 40 -11.97 -12.14 -0.27
C ASP A 40 -11.77 -10.67 -0.63
N SER A 41 -12.40 -10.28 -1.73
CA SER A 41 -12.31 -8.91 -2.20
C SER A 41 -13.06 -7.98 -1.26
N GLU A 42 -14.17 -8.48 -0.74
CA GLU A 42 -14.98 -7.70 0.18
C GLU A 42 -14.58 -7.99 1.63
N ASP A 43 -13.54 -8.80 1.77
CA ASP A 43 -13.04 -9.17 3.07
C ASP A 43 -11.81 -8.33 3.40
N ASP A 44 -11.26 -7.70 2.36
CA ASP A 44 -10.09 -6.87 2.52
C ASP A 44 -10.24 -5.99 3.76
N THR A 45 -9.12 -5.59 4.32
CA THR A 45 -9.12 -4.74 5.50
C THR A 45 -8.37 -3.43 5.22
N TRP A 46 -8.43 -2.55 6.20
CA TRP A 46 -7.77 -1.26 6.08
C TRP A 46 -6.64 -1.19 7.12
N GLU A 47 -5.49 -0.74 6.67
CA GLU A 47 -4.34 -0.64 7.56
C GLU A 47 -3.76 0.78 7.49
N PRO A 48 -3.38 1.30 8.69
CA PRO A 48 -2.80 2.64 8.79
C PRO A 48 -1.37 2.65 8.28
N GLU A 49 -1.04 3.72 7.55
CA GLU A 49 0.29 3.87 7.01
C GLU A 49 1.35 3.54 8.06
N GLN A 50 1.22 4.20 9.21
CA GLN A 50 2.14 4.00 10.30
C GLN A 50 2.28 2.50 10.61
N HIS A 51 1.24 1.76 10.23
CA HIS A 51 1.24 0.32 10.46
C HIS A 51 1.80 -0.39 9.23
N LEU A 52 1.67 0.26 8.09
CA LEU A 52 2.16 -0.30 6.85
C LEU A 52 3.66 0.01 6.70
N VAL A 53 4.40 -0.36 7.74
CA VAL A 53 5.83 -0.13 7.75
C VAL A 53 6.49 -1.07 6.73
N ASN A 54 7.55 -0.56 6.11
CA ASN A 54 8.28 -1.33 5.11
C ASN A 54 7.33 -1.69 3.96
N CYS A 55 6.21 -0.99 3.92
CA CYS A 55 5.22 -1.24 2.88
C CYS A 55 4.96 0.08 2.16
N GLU A 56 5.72 1.10 2.55
CA GLU A 56 5.58 2.42 1.95
C GLU A 56 5.58 2.31 0.42
N GLU A 57 6.40 1.40 -0.07
CA GLU A 57 6.52 1.18 -1.50
C GLU A 57 5.12 1.14 -2.14
N TYR A 58 4.40 0.08 -1.81
CA TYR A 58 3.06 -0.10 -2.34
C TYR A 58 2.25 1.20 -2.25
N ILE A 59 2.18 1.74 -1.04
CA ILE A 59 1.46 2.97 -0.81
C ILE A 59 1.93 4.03 -1.82
N HIS A 60 3.22 4.28 -1.80
CA HIS A 60 3.81 5.26 -2.71
C HIS A 60 3.26 5.05 -4.12
N ASP A 61 3.38 3.81 -4.58
CA ASP A 61 2.91 3.46 -5.91
C ASP A 61 1.42 3.77 -6.02
N PHE A 62 0.67 3.24 -5.05
CA PHE A 62 -0.77 3.46 -5.04
C PHE A 62 -1.10 4.95 -5.04
N ASN A 63 -0.29 5.71 -4.31
CA ASN A 63 -0.49 7.15 -4.23
C ASN A 63 -0.29 7.77 -5.61
N ARG A 64 0.81 7.36 -6.25
CA ARG A 64 1.13 7.87 -7.57
C ARG A 64 -0.07 7.71 -8.51
N ARG A 65 -0.65 6.52 -8.48
CA ARG A 65 -1.80 6.23 -9.32
C ARG A 65 -2.90 7.27 -9.10
N HIS A 66 -3.31 7.39 -7.85
CA HIS A 66 -4.35 8.35 -7.49
C HIS A 66 -3.89 9.76 -7.84
N THR A 67 -2.82 10.18 -7.18
CA THR A 67 -2.27 11.51 -7.40
C THR A 67 -2.11 11.77 -8.90
N GLU A 68 -2.19 13.04 -9.27
CA GLU A 68 -2.06 13.43 -10.66
C GLU A 68 -0.59 13.64 -11.02
N LYS A 69 -0.10 12.78 -11.90
CA LYS A 69 1.28 12.86 -12.34
C LYS A 69 1.34 12.78 -13.86
N GLN A 70 2.47 13.20 -14.40
CA GLN A 70 2.67 13.18 -15.84
C GLN A 70 2.97 11.76 -16.32
N LYS A 71 2.31 11.38 -17.40
CA LYS A 71 2.50 10.06 -17.96
C LYS A 71 2.03 9.01 -16.96
N GLU A 72 0.71 8.90 -16.83
CA GLU A 72 0.13 7.94 -15.91
C GLU A 72 -1.30 7.60 -16.33
N SER A 73 -1.72 6.40 -15.99
CA SER A 73 -3.05 5.94 -16.32
C SER A 73 -3.30 4.54 -15.74
N GLY A 74 -4.56 4.25 -15.49
CA GLY A 74 -4.94 2.96 -14.94
C GLY A 74 -5.96 2.26 -15.83
N PRO A 75 -5.95 0.90 -15.78
CA PRO A 75 -6.87 0.10 -16.57
C PRO A 75 -8.28 0.14 -15.98
N SER A 76 -9.23 0.53 -16.82
CA SER A 76 -10.61 0.61 -16.40
C SER A 76 -11.40 -0.60 -16.88
N SER A 77 -12.49 -0.90 -16.20
CA SER A 77 -13.32 -2.03 -16.56
C SER A 77 -14.65 -1.54 -17.12
N GLY A 78 -14.77 -1.63 -18.44
CA GLY A 78 -15.99 -1.20 -19.11
C GLY A 78 -16.18 -1.94 -20.42
N GLY A 1 11.24 -8.08 -9.97
CA GLY A 1 11.54 -7.85 -8.56
C GLY A 1 12.20 -6.49 -8.35
N SER A 2 13.10 -6.43 -7.38
CA SER A 2 13.79 -5.19 -7.08
C SER A 2 15.30 -5.46 -7.03
N SER A 3 15.69 -6.36 -6.15
CA SER A 3 17.10 -6.70 -6.01
C SER A 3 17.24 -8.16 -5.54
N GLY A 4 16.63 -8.45 -4.41
CA GLY A 4 16.69 -9.79 -3.86
C GLY A 4 18.12 -10.20 -3.54
N SER A 5 18.63 -11.14 -4.34
CA SER A 5 19.97 -11.62 -4.15
C SER A 5 20.04 -12.55 -2.93
N SER A 6 19.65 -12.00 -1.79
CA SER A 6 19.67 -12.76 -0.55
C SER A 6 18.23 -13.14 -0.17
N GLY A 7 18.05 -14.43 0.07
CA GLY A 7 16.73 -14.94 0.46
C GLY A 7 16.39 -14.54 1.90
N MET A 8 16.92 -15.32 2.83
CA MET A 8 16.69 -15.08 4.24
C MET A 8 15.20 -15.14 4.56
N ALA A 9 14.91 -15.54 5.79
CA ALA A 9 13.53 -15.64 6.23
C ALA A 9 12.69 -16.31 5.14
N SER A 10 12.60 -17.62 5.22
CA SER A 10 11.83 -18.38 4.25
C SER A 10 10.34 -18.30 4.58
N GLU A 11 9.59 -17.73 3.65
CA GLU A 11 8.16 -17.59 3.83
C GLU A 11 7.85 -16.74 5.07
N GLU A 12 7.02 -15.73 4.86
CA GLU A 12 6.66 -14.83 5.94
C GLU A 12 5.20 -15.08 6.37
N LEU A 13 4.81 -14.42 7.44
CA LEU A 13 3.47 -14.57 7.96
C LEU A 13 2.47 -13.95 6.98
N TYR A 14 2.71 -12.67 6.69
CA TYR A 14 1.84 -11.95 5.77
C TYR A 14 2.52 -10.67 5.28
N GLU A 15 2.37 -10.42 3.99
CA GLU A 15 2.96 -9.23 3.37
C GLU A 15 1.90 -8.48 2.57
N VAL A 16 1.97 -7.15 2.67
CA VAL A 16 1.03 -6.30 1.95
C VAL A 16 1.05 -6.67 0.46
N GLU A 17 -0.11 -7.04 -0.03
CA GLU A 17 -0.26 -7.42 -1.43
C GLU A 17 -0.26 -6.17 -2.32
N ARG A 18 -1.12 -5.23 -1.94
CA ARG A 18 -1.23 -3.99 -2.68
C ARG A 18 -2.32 -3.10 -2.08
N ILE A 19 -2.31 -1.84 -2.48
CA ILE A 19 -3.29 -0.89 -1.99
C ILE A 19 -4.46 -0.81 -2.97
N VAL A 20 -5.66 -0.94 -2.42
CA VAL A 20 -6.87 -0.88 -3.23
C VAL A 20 -7.59 0.44 -2.98
N ASP A 21 -7.18 1.10 -1.91
CA ASP A 21 -7.78 2.38 -1.54
C ASP A 21 -7.02 2.97 -0.35
N LYS A 22 -7.43 4.17 0.04
CA LYS A 22 -6.81 4.86 1.15
C LYS A 22 -7.65 6.07 1.54
N ARG A 23 -7.89 6.19 2.84
CA ARG A 23 -8.67 7.30 3.35
C ARG A 23 -8.24 7.65 4.78
N LYS A 24 -8.91 8.64 5.34
CA LYS A 24 -8.62 9.07 6.70
C LYS A 24 -9.70 8.56 7.64
N ASN A 25 -9.29 8.30 8.87
CA ASN A 25 -10.22 7.80 9.89
C ASN A 25 -10.98 8.98 10.48
N LYS A 26 -11.95 8.65 11.32
CA LYS A 26 -12.76 9.66 11.97
C LYS A 26 -11.87 10.48 12.92
N LYS A 27 -10.91 9.79 13.51
CA LYS A 27 -10.00 10.43 14.43
C LYS A 27 -9.02 11.31 13.66
N GLY A 28 -8.77 10.92 12.42
CA GLY A 28 -7.85 11.66 11.57
C GLY A 28 -6.61 10.82 11.23
N LYS A 29 -6.77 9.52 11.37
CA LYS A 29 -5.68 8.60 11.09
C LYS A 29 -5.75 8.14 9.63
N THR A 30 -4.59 8.04 9.01
CA THR A 30 -4.52 7.61 7.62
C THR A 30 -4.57 6.09 7.53
N GLU A 31 -5.44 5.61 6.63
CA GLU A 31 -5.58 4.18 6.44
C GLU A 31 -5.54 3.84 4.95
N TYR A 32 -4.98 2.67 4.66
CA TYR A 32 -4.87 2.22 3.28
C TYR A 32 -5.50 0.83 3.11
N LEU A 33 -6.31 0.73 2.07
CA LEU A 33 -6.98 -0.54 1.79
C LEU A 33 -5.97 -1.52 1.17
N VAL A 34 -5.60 -2.51 1.96
CA VAL A 34 -4.65 -3.51 1.50
C VAL A 34 -5.26 -4.90 1.66
N ARG A 35 -5.02 -5.74 0.67
CA ARG A 35 -5.54 -7.10 0.70
C ARG A 35 -4.59 -8.02 1.46
N TRP A 36 -5.02 -9.26 1.62
CA TRP A 36 -4.21 -10.25 2.32
C TRP A 36 -4.75 -11.64 1.97
N LYS A 37 -3.90 -12.64 2.18
CA LYS A 37 -4.29 -14.01 1.89
C LYS A 37 -5.41 -14.43 2.83
N GLY A 38 -6.17 -15.42 2.39
CA GLY A 38 -7.29 -15.92 3.17
C GLY A 38 -8.51 -15.02 3.03
N TYR A 39 -8.28 -13.73 3.24
CA TYR A 39 -9.36 -12.76 3.14
C TYR A 39 -9.88 -12.67 1.70
N ASP A 40 -11.19 -12.49 1.60
CA ASP A 40 -11.83 -12.39 0.29
C ASP A 40 -11.46 -11.06 -0.35
N SER A 41 -12.19 -10.73 -1.41
CA SER A 41 -11.94 -9.49 -2.12
C SER A 41 -12.58 -8.32 -1.38
N GLU A 42 -13.82 -8.54 -0.95
CA GLU A 42 -14.56 -7.52 -0.22
C GLU A 42 -14.30 -7.65 1.27
N ASP A 43 -13.28 -8.44 1.61
CA ASP A 43 -12.93 -8.65 3.00
C ASP A 43 -11.78 -7.71 3.38
N ASP A 44 -11.17 -7.12 2.35
CA ASP A 44 -10.07 -6.20 2.55
C ASP A 44 -10.36 -5.32 3.77
N THR A 45 -9.31 -5.05 4.52
CA THR A 45 -9.42 -4.23 5.72
C THR A 45 -8.81 -2.85 5.48
N TRP A 46 -8.80 -2.05 6.54
CA TRP A 46 -8.24 -0.71 6.46
C TRP A 46 -7.12 -0.60 7.49
N GLU A 47 -5.89 -0.79 7.00
CA GLU A 47 -4.73 -0.72 7.86
C GLU A 47 -4.11 0.68 7.80
N PRO A 48 -3.73 1.19 9.01
CA PRO A 48 -3.14 2.51 9.11
C PRO A 48 -1.68 2.49 8.62
N GLU A 49 -1.34 3.50 7.84
CA GLU A 49 0.01 3.61 7.30
C GLU A 49 1.03 3.19 8.35
N GLN A 50 0.84 3.70 9.55
CA GLN A 50 1.74 3.39 10.65
C GLN A 50 1.94 1.87 10.76
N HIS A 51 0.83 1.15 10.69
CA HIS A 51 0.87 -0.30 10.77
C HIS A 51 1.48 -0.87 9.49
N LEU A 52 1.37 -0.09 8.42
CA LEU A 52 1.90 -0.50 7.14
C LEU A 52 3.35 -0.04 7.01
N VAL A 53 4.21 -0.65 7.82
CA VAL A 53 5.61 -0.32 7.82
C VAL A 53 6.29 -0.99 6.62
N ASN A 54 7.21 -0.26 6.03
CA ASN A 54 7.94 -0.76 4.87
C ASN A 54 6.95 -1.03 3.73
N CYS A 55 5.83 -0.35 3.80
CA CYS A 55 4.79 -0.50 2.79
C CYS A 55 4.83 0.73 1.87
N GLU A 56 5.53 1.75 2.33
CA GLU A 56 5.66 2.99 1.58
C GLU A 56 5.75 2.68 0.08
N GLU A 57 6.56 1.68 -0.23
CA GLU A 57 6.75 1.27 -1.61
C GLU A 57 5.40 1.12 -2.31
N TYR A 58 4.59 0.23 -1.78
CA TYR A 58 3.27 -0.02 -2.35
C TYR A 58 2.44 1.26 -2.35
N ILE A 59 2.30 1.85 -1.18
CA ILE A 59 1.52 3.07 -1.04
C ILE A 59 1.98 4.08 -2.09
N HIS A 60 3.28 4.34 -2.10
CA HIS A 60 3.84 5.28 -3.05
C HIS A 60 3.28 5.01 -4.44
N ASP A 61 3.48 3.79 -4.90
CA ASP A 61 2.99 3.40 -6.21
C ASP A 61 1.49 3.66 -6.30
N PHE A 62 0.78 3.21 -5.28
CA PHE A 62 -0.67 3.39 -5.23
C PHE A 62 -1.02 4.88 -5.30
N ASN A 63 -0.21 5.68 -4.63
CA ASN A 63 -0.43 7.12 -4.61
C ASN A 63 -0.31 7.67 -6.03
N ARG A 64 0.69 7.18 -6.74
CA ARG A 64 0.94 7.60 -8.11
C ARG A 64 -0.30 7.33 -8.97
N ARG A 65 -0.76 6.09 -8.90
CA ARG A 65 -1.93 5.69 -9.68
C ARG A 65 -3.08 6.68 -9.46
N HIS A 66 -3.45 6.82 -8.20
CA HIS A 66 -4.54 7.73 -7.84
C HIS A 66 -4.25 9.12 -8.42
N THR A 67 -3.18 9.72 -7.94
CA THR A 67 -2.79 11.04 -8.40
C THR A 67 -2.49 11.02 -9.89
N GLU A 68 -2.18 12.19 -10.42
CA GLU A 68 -1.88 12.32 -11.84
C GLU A 68 -0.47 12.89 -12.02
N LYS A 69 0.03 12.79 -13.25
CA LYS A 69 1.35 13.29 -13.57
C LYS A 69 1.31 13.99 -14.93
N GLN A 70 0.82 15.21 -14.91
CA GLN A 70 0.72 16.00 -16.12
C GLN A 70 -0.26 15.34 -17.11
N LYS A 71 0.23 14.30 -17.77
CA LYS A 71 -0.58 13.57 -18.73
C LYS A 71 -0.56 12.09 -18.39
N GLU A 72 -1.73 11.56 -18.09
CA GLU A 72 -1.86 10.16 -17.76
C GLU A 72 -3.30 9.68 -17.98
N SER A 73 -3.63 9.46 -19.25
CA SER A 73 -4.96 9.01 -19.60
C SER A 73 -4.89 8.02 -20.76
N GLY A 74 -6.00 7.34 -20.99
CA GLY A 74 -6.08 6.36 -22.06
C GLY A 74 -7.24 5.40 -21.84
N PRO A 75 -7.70 4.78 -22.97
CA PRO A 75 -8.80 3.83 -22.92
C PRO A 75 -8.35 2.50 -22.32
N SER A 76 -9.10 2.04 -21.34
CA SER A 76 -8.80 0.78 -20.68
C SER A 76 -9.98 0.36 -19.81
N SER A 77 -10.86 -0.44 -20.42
CA SER A 77 -12.03 -0.93 -19.71
C SER A 77 -11.74 -2.29 -19.10
N GLY A 78 -11.61 -2.30 -17.78
CA GLY A 78 -11.33 -3.53 -17.05
C GLY A 78 -12.54 -4.46 -17.06
N GLY A 1 8.50 -1.44 -5.52
CA GLY A 1 8.74 -1.14 -6.92
C GLY A 1 9.96 -1.91 -7.45
N SER A 2 9.72 -3.17 -7.79
CA SER A 2 10.77 -4.02 -8.30
C SER A 2 11.82 -4.26 -7.21
N SER A 3 11.77 -5.44 -6.63
CA SER A 3 12.71 -5.81 -5.58
C SER A 3 12.69 -7.32 -5.36
N GLY A 4 11.50 -7.83 -5.03
CA GLY A 4 11.34 -9.25 -4.79
C GLY A 4 12.00 -9.66 -3.48
N SER A 5 11.16 -10.16 -2.57
CA SER A 5 11.65 -10.60 -1.27
C SER A 5 11.29 -12.07 -1.05
N SER A 6 12.13 -12.94 -1.57
CA SER A 6 11.92 -14.37 -1.43
C SER A 6 12.87 -14.95 -0.38
N GLY A 7 12.56 -16.16 0.05
CA GLY A 7 13.38 -16.83 1.05
C GLY A 7 12.51 -17.35 2.20
N MET A 8 13.16 -17.50 3.35
CA MET A 8 12.47 -17.98 4.53
C MET A 8 13.01 -17.31 5.80
N ALA A 9 12.13 -16.60 6.48
CA ALA A 9 12.51 -15.92 7.70
C ALA A 9 11.26 -15.68 8.56
N SER A 10 10.92 -16.70 9.34
CA SER A 10 9.76 -16.62 10.21
C SER A 10 8.49 -16.49 9.37
N GLU A 11 7.35 -16.74 10.01
CA GLU A 11 6.07 -16.64 9.34
C GLU A 11 5.38 -15.33 9.71
N GLU A 12 5.51 -14.37 8.82
CA GLU A 12 4.90 -13.06 9.04
C GLU A 12 3.37 -13.17 9.00
N LEU A 13 2.73 -12.23 9.65
CA LEU A 13 1.27 -12.21 9.70
C LEU A 13 0.72 -12.27 8.28
N TYR A 14 0.95 -11.20 7.54
CA TYR A 14 0.48 -11.12 6.17
C TYR A 14 1.27 -10.06 5.38
N GLU A 15 1.69 -10.46 4.19
CA GLU A 15 2.45 -9.56 3.33
C GLU A 15 1.50 -8.68 2.52
N VAL A 16 1.70 -7.37 2.64
CA VAL A 16 0.88 -6.42 1.92
C VAL A 16 0.91 -6.75 0.43
N GLU A 17 -0.27 -7.02 -0.11
CA GLU A 17 -0.39 -7.35 -1.52
C GLU A 17 -0.37 -6.08 -2.37
N ARG A 18 -1.24 -5.15 -1.99
CA ARG A 18 -1.34 -3.88 -2.71
C ARG A 18 -2.46 -3.02 -2.12
N ILE A 19 -2.43 -1.74 -2.47
CA ILE A 19 -3.43 -0.81 -1.99
C ILE A 19 -4.57 -0.73 -2.99
N VAL A 20 -5.79 -0.83 -2.48
CA VAL A 20 -6.97 -0.77 -3.31
C VAL A 20 -7.74 0.53 -3.02
N ASP A 21 -7.39 1.14 -1.90
CA ASP A 21 -8.03 2.37 -1.48
C ASP A 21 -7.26 2.99 -0.32
N LYS A 22 -7.61 4.22 0.01
CA LYS A 22 -6.95 4.93 1.09
C LYS A 22 -7.84 6.08 1.55
N ARG A 23 -8.05 6.15 2.86
CA ARG A 23 -8.88 7.19 3.44
C ARG A 23 -8.45 7.47 4.88
N LYS A 24 -9.16 8.40 5.51
CA LYS A 24 -8.87 8.77 6.88
C LYS A 24 -10.07 8.43 7.77
N ASN A 25 -9.78 8.23 9.04
CA ASN A 25 -10.82 7.89 10.00
C ASN A 25 -11.37 9.18 10.63
N LYS A 26 -12.35 9.01 11.50
CA LYS A 26 -12.96 10.14 12.17
C LYS A 26 -11.89 10.88 12.99
N LYS A 27 -10.95 10.10 13.51
CA LYS A 27 -9.88 10.66 14.31
C LYS A 27 -8.94 11.47 13.40
N GLY A 28 -8.82 11.00 12.17
CA GLY A 28 -7.96 11.66 11.20
C GLY A 28 -6.75 10.81 10.87
N LYS A 29 -6.83 9.54 11.24
CA LYS A 29 -5.74 8.60 11.00
C LYS A 29 -5.82 8.12 9.55
N THR A 30 -4.66 8.08 8.91
CA THR A 30 -4.57 7.64 7.53
C THR A 30 -4.63 6.10 7.46
N GLU A 31 -5.52 5.62 6.62
CA GLU A 31 -5.69 4.18 6.44
C GLU A 31 -5.65 3.82 4.96
N TYR A 32 -4.95 2.73 4.66
CA TYR A 32 -4.84 2.27 3.29
C TYR A 32 -5.44 0.88 3.13
N LEU A 33 -6.39 0.79 2.20
CA LEU A 33 -7.05 -0.48 1.93
C LEU A 33 -6.08 -1.42 1.22
N VAL A 34 -5.69 -2.47 1.95
CA VAL A 34 -4.78 -3.46 1.40
C VAL A 34 -5.44 -4.83 1.42
N ARG A 35 -5.02 -5.66 0.48
CA ARG A 35 -5.57 -7.00 0.37
C ARG A 35 -4.68 -8.00 1.10
N TRP A 36 -5.13 -9.25 1.13
CA TRP A 36 -4.38 -10.30 1.79
C TRP A 36 -4.91 -11.65 1.29
N LYS A 37 -4.25 -12.71 1.74
CA LYS A 37 -4.65 -14.05 1.34
C LYS A 37 -5.84 -14.49 2.18
N GLY A 38 -6.74 -15.24 1.55
CA GLY A 38 -7.92 -15.73 2.22
C GLY A 38 -9.06 -14.71 2.14
N TYR A 39 -8.70 -13.46 2.33
CA TYR A 39 -9.68 -12.38 2.28
C TYR A 39 -9.98 -11.99 0.82
N ASP A 40 -11.24 -12.16 0.45
CA ASP A 40 -11.67 -11.82 -0.90
C ASP A 40 -11.23 -10.40 -1.23
N SER A 41 -11.55 -9.99 -2.45
CA SER A 41 -11.19 -8.65 -2.90
C SER A 41 -11.97 -7.61 -2.11
N GLU A 42 -13.17 -8.00 -1.70
CA GLU A 42 -14.03 -7.11 -0.93
C GLU A 42 -13.86 -7.35 0.57
N ASP A 43 -12.72 -7.96 0.90
CA ASP A 43 -12.42 -8.25 2.30
C ASP A 43 -11.23 -7.40 2.74
N ASP A 44 -10.54 -6.83 1.76
CA ASP A 44 -9.39 -6.00 2.04
C ASP A 44 -9.68 -5.13 3.26
N THR A 45 -8.76 -5.21 4.23
CA THR A 45 -8.92 -4.44 5.45
C THR A 45 -8.38 -3.02 5.25
N TRP A 46 -8.38 -2.25 6.34
CA TRP A 46 -7.91 -0.88 6.30
C TRP A 46 -6.80 -0.73 7.34
N GLU A 47 -5.57 -0.77 6.84
CA GLU A 47 -4.41 -0.64 7.72
C GLU A 47 -3.83 0.77 7.63
N PRO A 48 -3.48 1.32 8.82
CA PRO A 48 -2.92 2.67 8.89
C PRO A 48 -1.46 2.67 8.41
N GLU A 49 -1.12 3.71 7.67
CA GLU A 49 0.23 3.84 7.15
C GLU A 49 1.26 3.48 8.23
N GLN A 50 0.85 3.70 9.48
CA GLN A 50 1.71 3.41 10.61
C GLN A 50 1.98 1.90 10.70
N HIS A 51 0.92 1.13 10.53
CA HIS A 51 1.02 -0.31 10.59
C HIS A 51 1.71 -0.83 9.32
N LEU A 52 1.52 -0.09 8.24
CA LEU A 52 2.12 -0.46 6.97
C LEU A 52 3.58 0.00 6.94
N VAL A 53 4.39 -0.62 7.78
CA VAL A 53 5.80 -0.28 7.86
C VAL A 53 6.55 -1.01 6.75
N ASN A 54 7.54 -0.31 6.20
CA ASN A 54 8.34 -0.87 5.12
C ASN A 54 7.42 -1.31 3.98
N CYS A 55 6.28 -0.64 3.89
CA CYS A 55 5.31 -0.95 2.85
C CYS A 55 5.08 0.32 2.02
N GLU A 56 5.81 1.36 2.38
CA GLU A 56 5.69 2.63 1.68
C GLU A 56 5.70 2.40 0.16
N GLU A 57 6.53 1.46 -0.26
CA GLU A 57 6.64 1.14 -1.68
C GLU A 57 5.26 1.11 -2.32
N TYR A 58 4.47 0.13 -1.89
CA TYR A 58 3.13 -0.02 -2.43
C TYR A 58 2.34 1.29 -2.33
N ILE A 59 2.20 1.76 -1.11
CA ILE A 59 1.48 3.01 -0.86
C ILE A 59 1.93 4.06 -1.87
N HIS A 60 3.24 4.22 -1.96
CA HIS A 60 3.82 5.19 -2.88
C HIS A 60 3.22 5.00 -4.26
N ASP A 61 3.41 3.80 -4.81
CA ASP A 61 2.90 3.48 -6.12
C ASP A 61 1.39 3.79 -6.16
N PHE A 62 0.69 3.25 -5.19
CA PHE A 62 -0.75 3.46 -5.09
C PHE A 62 -1.09 4.95 -5.09
N ASN A 63 -0.27 5.71 -4.38
CA ASN A 63 -0.46 7.15 -4.29
C ASN A 63 -0.30 7.77 -5.67
N ARG A 64 0.63 7.22 -6.43
CA ARG A 64 0.89 7.71 -7.77
C ARG A 64 -0.28 7.37 -8.70
N ARG A 65 -0.56 6.08 -8.79
CA ARG A 65 -1.64 5.61 -9.64
C ARG A 65 -2.93 6.36 -9.31
N HIS A 66 -3.14 6.57 -8.02
CA HIS A 66 -4.33 7.27 -7.56
C HIS A 66 -4.22 8.75 -7.91
N THR A 67 -3.24 9.40 -7.31
CA THR A 67 -3.02 10.82 -7.55
C THR A 67 -2.85 11.08 -9.05
N GLU A 68 -3.72 11.94 -9.57
CA GLU A 68 -3.68 12.29 -10.97
C GLU A 68 -2.59 13.35 -11.23
N LYS A 69 -1.38 12.87 -11.42
CA LYS A 69 -0.25 13.77 -11.67
C LYS A 69 0.23 13.56 -13.10
N GLN A 70 1.03 14.52 -13.56
CA GLN A 70 1.58 14.47 -14.91
C GLN A 70 2.74 13.48 -14.98
N LYS A 71 2.83 12.83 -16.12
CA LYS A 71 3.89 11.85 -16.33
C LYS A 71 3.66 10.65 -15.41
N GLU A 72 3.37 9.52 -16.02
CA GLU A 72 3.13 8.30 -15.26
C GLU A 72 3.18 7.08 -16.18
N SER A 73 3.79 6.02 -15.67
CA SER A 73 3.92 4.79 -16.44
C SER A 73 2.66 3.94 -16.26
N GLY A 74 2.46 3.04 -17.22
CA GLY A 74 1.31 2.16 -17.19
C GLY A 74 1.73 0.69 -17.09
N PRO A 75 0.91 -0.19 -17.72
CA PRO A 75 1.19 -1.61 -17.71
C PRO A 75 2.34 -1.95 -18.67
N SER A 76 2.31 -1.29 -19.82
CA SER A 76 3.34 -1.51 -20.82
C SER A 76 4.73 -1.43 -20.18
N SER A 77 5.39 -2.58 -20.15
CA SER A 77 6.73 -2.65 -19.57
C SER A 77 7.37 -3.98 -19.90
N GLY A 78 8.06 -4.01 -21.05
CA GLY A 78 8.72 -5.22 -21.50
C GLY A 78 7.73 -6.37 -21.62
N GLY A 1 19.69 6.22 2.85
CA GLY A 1 19.80 4.79 2.66
C GLY A 1 19.38 4.40 1.24
N SER A 2 19.87 3.24 0.81
CA SER A 2 19.55 2.75 -0.52
C SER A 2 19.66 1.22 -0.55
N SER A 3 18.70 0.60 -1.21
CA SER A 3 18.69 -0.84 -1.32
C SER A 3 19.02 -1.47 0.03
N GLY A 4 17.98 -1.75 0.79
CA GLY A 4 18.15 -2.35 2.11
C GLY A 4 17.22 -3.56 2.28
N SER A 5 17.13 -4.02 3.52
CA SER A 5 16.29 -5.17 3.83
C SER A 5 16.30 -5.43 5.33
N SER A 6 15.40 -4.77 6.03
CA SER A 6 15.30 -4.92 7.47
C SER A 6 13.84 -5.14 7.87
N GLY A 7 13.63 -6.17 8.68
CA GLY A 7 12.29 -6.50 9.15
C GLY A 7 12.34 -7.51 10.29
N MET A 8 12.70 -7.01 11.46
CA MET A 8 12.79 -7.87 12.63
C MET A 8 11.93 -7.32 13.78
N ALA A 9 11.67 -8.18 14.75
CA ALA A 9 10.87 -7.79 15.91
C ALA A 9 9.40 -7.75 15.50
N SER A 10 9.10 -6.86 14.55
CA SER A 10 7.74 -6.71 14.07
C SER A 10 7.34 -7.94 13.26
N GLU A 11 6.11 -8.37 13.49
CA GLU A 11 5.58 -9.54 12.80
C GLU A 11 4.12 -9.30 12.38
N GLU A 12 3.95 -8.61 11.27
CA GLU A 12 2.63 -8.32 10.77
C GLU A 12 1.84 -9.61 10.55
N LEU A 13 0.53 -9.45 10.48
CA LEU A 13 -0.35 -10.60 10.28
C LEU A 13 0.05 -11.32 8.99
N TYR A 14 0.11 -10.56 7.92
CA TYR A 14 0.48 -11.12 6.63
C TYR A 14 1.31 -10.12 5.81
N GLU A 15 1.46 -10.42 4.53
CA GLU A 15 2.22 -9.57 3.64
C GLU A 15 1.28 -8.68 2.82
N VAL A 16 1.62 -7.40 2.76
CA VAL A 16 0.82 -6.46 2.01
C VAL A 16 0.87 -6.81 0.52
N GLU A 17 -0.31 -7.05 -0.03
CA GLU A 17 -0.41 -7.40 -1.45
C GLU A 17 -0.40 -6.14 -2.32
N ARG A 18 -1.26 -5.20 -1.96
CA ARG A 18 -1.36 -3.95 -2.68
C ARG A 18 -2.47 -3.07 -2.10
N ILE A 19 -2.45 -1.81 -2.49
CA ILE A 19 -3.45 -0.86 -2.01
C ILE A 19 -4.59 -0.78 -3.03
N VAL A 20 -5.80 -0.88 -2.52
CA VAL A 20 -6.98 -0.80 -3.37
C VAL A 20 -7.73 0.50 -3.09
N ASP A 21 -7.43 1.07 -1.94
CA ASP A 21 -8.08 2.32 -1.54
C ASP A 21 -7.29 2.94 -0.38
N LYS A 22 -7.68 4.16 -0.04
CA LYS A 22 -7.02 4.87 1.05
C LYS A 22 -7.93 6.00 1.53
N ARG A 23 -8.08 6.09 2.84
CA ARG A 23 -8.91 7.12 3.44
C ARG A 23 -8.41 7.45 4.85
N LYS A 24 -9.00 8.49 5.42
CA LYS A 24 -8.63 8.92 6.76
C LYS A 24 -9.76 8.55 7.73
N ASN A 25 -9.36 8.32 8.98
CA ASN A 25 -10.32 7.97 10.01
C ASN A 25 -10.93 9.23 10.60
N LYS A 26 -12.03 9.05 11.32
CA LYS A 26 -12.72 10.17 11.94
C LYS A 26 -11.76 10.88 12.91
N LYS A 27 -10.83 10.10 13.46
CA LYS A 27 -9.87 10.64 14.39
C LYS A 27 -8.83 11.46 13.62
N GLY A 28 -8.62 11.08 12.38
CA GLY A 28 -7.67 11.77 11.53
C GLY A 28 -6.47 10.88 11.20
N LYS A 29 -6.71 9.59 11.26
CA LYS A 29 -5.66 8.61 10.97
C LYS A 29 -5.81 8.12 9.54
N THR A 30 -4.67 8.02 8.87
CA THR A 30 -4.67 7.57 7.48
C THR A 30 -4.75 6.04 7.42
N GLU A 31 -5.65 5.56 6.59
CA GLU A 31 -5.83 4.13 6.43
C GLU A 31 -5.83 3.75 4.94
N TYR A 32 -5.04 2.74 4.62
CA TYR A 32 -4.93 2.27 3.25
C TYR A 32 -5.55 0.88 3.09
N LEU A 33 -6.44 0.78 2.12
CA LEU A 33 -7.11 -0.49 1.85
C LEU A 33 -6.13 -1.45 1.19
N VAL A 34 -5.75 -2.49 1.92
CA VAL A 34 -4.82 -3.48 1.42
C VAL A 34 -5.44 -4.87 1.56
N ARG A 35 -5.15 -5.72 0.58
CA ARG A 35 -5.66 -7.07 0.58
C ARG A 35 -4.74 -7.98 1.40
N TRP A 36 -5.19 -9.22 1.56
CA TRP A 36 -4.42 -10.20 2.31
C TRP A 36 -4.93 -11.59 1.94
N LYS A 37 -4.14 -12.59 2.29
CA LYS A 37 -4.50 -13.98 1.99
C LYS A 37 -5.60 -14.42 2.96
N GLY A 38 -6.57 -15.14 2.41
CA GLY A 38 -7.68 -15.64 3.21
C GLY A 38 -8.87 -14.68 3.15
N TYR A 39 -8.54 -13.39 3.13
CA TYR A 39 -9.58 -12.37 3.08
C TYR A 39 -10.02 -12.11 1.64
N ASP A 40 -11.28 -12.44 1.38
CA ASP A 40 -11.84 -12.25 0.04
C ASP A 40 -11.61 -10.80 -0.40
N SER A 41 -12.10 -10.49 -1.59
CA SER A 41 -11.96 -9.16 -2.13
C SER A 41 -12.75 -8.15 -1.28
N GLU A 42 -13.94 -8.57 -0.89
CA GLU A 42 -14.80 -7.73 -0.08
C GLU A 42 -14.44 -7.88 1.40
N ASP A 43 -13.43 -8.69 1.65
CA ASP A 43 -12.98 -8.93 3.02
C ASP A 43 -11.77 -8.04 3.32
N ASP A 44 -11.27 -7.40 2.27
CA ASP A 44 -10.12 -6.52 2.40
C ASP A 44 -10.25 -5.72 3.70
N THR A 45 -9.11 -5.48 4.33
CA THR A 45 -9.07 -4.73 5.57
C THR A 45 -8.42 -3.36 5.35
N TRP A 46 -8.61 -2.49 6.33
CA TRP A 46 -8.05 -1.15 6.26
C TRP A 46 -6.93 -1.05 7.29
N GLU A 47 -5.72 -0.84 6.80
CA GLU A 47 -4.55 -0.72 7.66
C GLU A 47 -3.98 0.69 7.59
N PRO A 48 -3.65 1.24 8.78
CA PRO A 48 -3.08 2.58 8.87
C PRO A 48 -1.62 2.59 8.42
N GLU A 49 -1.28 3.61 7.64
CA GLU A 49 0.07 3.75 7.13
C GLU A 49 1.09 3.36 8.21
N GLN A 50 0.71 3.62 9.45
CA GLN A 50 1.56 3.30 10.58
C GLN A 50 1.87 1.81 10.62
N HIS A 51 0.81 1.01 10.51
CA HIS A 51 0.94 -0.43 10.53
C HIS A 51 1.63 -0.90 9.25
N LEU A 52 1.58 -0.04 8.23
CA LEU A 52 2.18 -0.35 6.96
C LEU A 52 3.62 0.16 6.94
N VAL A 53 4.45 -0.47 7.77
CA VAL A 53 5.85 -0.10 7.86
C VAL A 53 6.63 -0.76 6.73
N ASN A 54 7.62 -0.05 6.25
CA ASN A 54 8.46 -0.55 5.17
C ASN A 54 7.56 -1.00 4.01
N CYS A 55 6.37 -0.42 3.96
CA CYS A 55 5.41 -0.75 2.92
C CYS A 55 5.17 0.50 2.08
N GLU A 56 5.84 1.58 2.47
CA GLU A 56 5.71 2.85 1.76
C GLU A 56 5.69 2.60 0.26
N GLU A 57 6.51 1.67 -0.18
CA GLU A 57 6.61 1.35 -1.60
C GLU A 57 5.20 1.24 -2.19
N TYR A 58 4.50 0.20 -1.78
CA TYR A 58 3.14 -0.02 -2.27
C TYR A 58 2.32 1.27 -2.24
N ILE A 59 2.15 1.79 -1.04
CA ILE A 59 1.39 3.02 -0.87
C ILE A 59 1.85 4.05 -1.90
N HIS A 60 3.15 4.27 -1.93
CA HIS A 60 3.73 5.23 -2.87
C HIS A 60 3.15 4.97 -4.27
N ASP A 61 3.44 3.79 -4.78
CA ASP A 61 2.95 3.40 -6.10
C ASP A 61 1.45 3.67 -6.19
N PHE A 62 0.74 3.20 -5.18
CA PHE A 62 -0.71 3.37 -5.14
C PHE A 62 -1.07 4.86 -5.18
N ASN A 63 -0.28 5.65 -4.49
CA ASN A 63 -0.51 7.09 -4.44
C ASN A 63 -0.26 7.69 -5.82
N ARG A 64 0.75 7.15 -6.49
CA ARG A 64 1.10 7.62 -7.82
C ARG A 64 -0.08 7.45 -8.78
N ARG A 65 -0.60 6.23 -8.81
CA ARG A 65 -1.73 5.92 -9.67
C ARG A 65 -2.87 6.90 -9.43
N HIS A 66 -3.29 6.98 -8.17
CA HIS A 66 -4.37 7.87 -7.80
C HIS A 66 -4.04 9.29 -8.26
N THR A 67 -3.00 9.85 -7.64
CA THR A 67 -2.57 11.20 -7.97
C THR A 67 -2.32 11.32 -9.47
N GLU A 68 -2.54 12.53 -9.98
CA GLU A 68 -2.34 12.79 -11.40
C GLU A 68 -0.91 12.43 -11.81
N LYS A 69 -0.75 12.17 -13.10
CA LYS A 69 0.55 11.81 -13.64
C LYS A 69 0.58 12.12 -15.13
N GLN A 70 1.79 12.11 -15.68
CA GLN A 70 1.97 12.38 -17.10
C GLN A 70 1.53 13.81 -17.43
N LYS A 71 2.09 14.33 -18.51
CA LYS A 71 1.76 15.68 -18.95
C LYS A 71 0.24 15.89 -18.85
N GLU A 72 -0.14 17.14 -18.66
CA GLU A 72 -1.55 17.49 -18.56
C GLU A 72 -1.72 19.01 -18.54
N SER A 73 -2.93 19.44 -18.82
CA SER A 73 -3.24 20.86 -18.85
C SER A 73 -2.81 21.50 -17.53
N GLY A 74 -1.66 22.16 -17.57
CA GLY A 74 -1.13 22.82 -16.39
C GLY A 74 0.12 23.63 -16.74
N PRO A 75 0.90 23.95 -15.67
CA PRO A 75 2.13 24.73 -15.85
C PRO A 75 3.23 23.87 -16.45
N SER A 76 3.48 22.73 -15.79
CA SER A 76 4.51 21.82 -16.25
C SER A 76 4.46 20.53 -15.44
N SER A 77 4.79 19.43 -16.10
CA SER A 77 4.79 18.13 -15.46
C SER A 77 5.63 18.17 -14.19
N GLY A 78 6.91 18.51 -14.38
CA GLY A 78 7.84 18.59 -13.27
C GLY A 78 8.99 19.55 -13.58
N GLY A 1 2.29 -2.86 -10.57
CA GLY A 1 3.61 -3.30 -10.98
C GLY A 1 4.26 -4.18 -9.90
N SER A 2 5.43 -4.70 -10.24
CA SER A 2 6.15 -5.55 -9.31
C SER A 2 7.53 -4.96 -9.02
N SER A 3 7.68 -4.44 -7.81
CA SER A 3 8.94 -3.84 -7.39
C SER A 3 9.00 -3.77 -5.86
N GLY A 4 10.23 -3.86 -5.36
CA GLY A 4 10.44 -3.81 -3.91
C GLY A 4 11.55 -4.78 -3.49
N SER A 5 12.24 -4.41 -2.43
CA SER A 5 13.32 -5.24 -1.92
C SER A 5 13.89 -4.61 -0.63
N SER A 6 14.56 -5.46 0.14
CA SER A 6 15.16 -5.00 1.39
C SER A 6 14.07 -4.46 2.32
N GLY A 7 13.91 -5.16 3.44
CA GLY A 7 12.91 -4.77 4.43
C GLY A 7 12.17 -5.99 4.98
N MET A 8 11.75 -5.87 6.23
CA MET A 8 11.04 -6.96 6.88
C MET A 8 10.46 -6.50 8.22
N ALA A 9 9.28 -7.03 8.53
CA ALA A 9 8.62 -6.69 9.78
C ALA A 9 9.09 -7.63 10.89
N SER A 10 8.93 -7.18 12.12
CA SER A 10 9.34 -7.97 13.26
C SER A 10 8.48 -9.23 13.35
N GLU A 11 7.19 -9.07 13.07
CA GLU A 11 6.28 -10.19 13.11
C GLU A 11 4.89 -9.74 12.67
N GLU A 12 4.67 -9.80 11.37
CA GLU A 12 3.38 -9.40 10.80
C GLU A 12 2.56 -10.64 10.43
N LEU A 13 1.25 -10.44 10.36
CA LEU A 13 0.35 -11.52 10.02
C LEU A 13 0.65 -12.02 8.61
N TYR A 14 0.71 -11.07 7.68
CA TYR A 14 0.99 -11.39 6.29
C TYR A 14 1.77 -10.27 5.62
N GLU A 15 1.84 -10.35 4.30
CA GLU A 15 2.54 -9.35 3.52
C GLU A 15 1.56 -8.53 2.68
N VAL A 16 1.71 -7.22 2.76
CA VAL A 16 0.84 -6.33 2.01
C VAL A 16 0.89 -6.69 0.52
N GLU A 17 -0.28 -6.98 -0.02
CA GLU A 17 -0.39 -7.35 -1.42
C GLU A 17 -0.39 -6.09 -2.30
N ARG A 18 -1.24 -5.15 -1.93
CA ARG A 18 -1.36 -3.90 -2.67
C ARG A 18 -2.44 -3.02 -2.06
N ILE A 19 -2.42 -1.76 -2.44
CA ILE A 19 -3.40 -0.80 -1.96
C ILE A 19 -4.57 -0.73 -2.93
N VAL A 20 -5.77 -0.86 -2.38
CA VAL A 20 -6.98 -0.82 -3.19
C VAL A 20 -7.70 0.51 -2.92
N ASP A 21 -7.27 1.20 -1.88
CA ASP A 21 -7.87 2.47 -1.51
C ASP A 21 -7.06 3.09 -0.37
N LYS A 22 -7.51 4.27 0.05
CA LYS A 22 -6.85 4.98 1.13
C LYS A 22 -7.71 6.16 1.56
N ARG A 23 -7.97 6.23 2.86
CA ARG A 23 -8.77 7.30 3.42
C ARG A 23 -8.34 7.60 4.85
N LYS A 24 -9.04 8.56 5.46
CA LYS A 24 -8.75 8.95 6.83
C LYS A 24 -9.81 8.37 7.76
N ASN A 25 -9.39 8.08 8.98
CA ASN A 25 -10.28 7.53 9.97
C ASN A 25 -11.19 8.65 10.52
N LYS A 26 -12.06 8.25 11.44
CA LYS A 26 -12.97 9.21 12.04
C LYS A 26 -12.19 10.14 12.98
N LYS A 27 -11.20 9.57 13.64
CA LYS A 27 -10.37 10.34 14.55
C LYS A 27 -9.47 11.28 13.75
N GLY A 28 -8.98 10.77 12.63
CA GLY A 28 -8.10 11.54 11.77
C GLY A 28 -6.80 10.81 11.51
N LYS A 29 -6.92 9.51 11.25
CA LYS A 29 -5.76 8.68 10.97
C LYS A 29 -5.83 8.19 9.52
N THR A 30 -4.67 8.15 8.89
CA THR A 30 -4.58 7.70 7.52
C THR A 30 -4.69 6.17 7.44
N GLU A 31 -5.57 5.72 6.56
CA GLU A 31 -5.78 4.29 6.38
C GLU A 31 -5.68 3.92 4.91
N TYR A 32 -5.07 2.78 4.66
CA TYR A 32 -4.91 2.29 3.29
C TYR A 32 -5.54 0.91 3.12
N LEU A 33 -6.40 0.81 2.10
CA LEU A 33 -7.07 -0.45 1.83
C LEU A 33 -6.08 -1.43 1.20
N VAL A 34 -5.71 -2.43 1.97
CA VAL A 34 -4.78 -3.44 1.51
C VAL A 34 -5.41 -4.83 1.64
N ARG A 35 -5.20 -5.64 0.63
CA ARG A 35 -5.75 -6.99 0.62
C ARG A 35 -4.82 -7.95 1.37
N TRP A 36 -5.27 -9.19 1.47
CA TRP A 36 -4.48 -10.20 2.16
C TRP A 36 -5.01 -11.57 1.74
N LYS A 37 -4.15 -12.57 1.88
CA LYS A 37 -4.51 -13.93 1.51
C LYS A 37 -5.64 -14.42 2.44
N GLY A 38 -6.37 -15.39 1.95
CA GLY A 38 -7.47 -15.96 2.71
C GLY A 38 -8.73 -15.09 2.60
N TYR A 39 -8.53 -13.80 2.86
CA TYR A 39 -9.63 -12.85 2.79
C TYR A 39 -9.77 -12.27 1.38
N ASP A 40 -11.01 -12.10 0.96
CA ASP A 40 -11.29 -11.56 -0.35
C ASP A 40 -11.52 -10.05 -0.24
N SER A 41 -11.59 -9.41 -1.40
CA SER A 41 -11.80 -7.97 -1.45
C SER A 41 -12.92 -7.57 -0.47
N GLU A 42 -14.07 -8.18 -0.67
CA GLU A 42 -15.22 -7.90 0.17
C GLU A 42 -14.85 -8.05 1.65
N ASP A 43 -13.77 -8.79 1.88
CA ASP A 43 -13.29 -9.01 3.23
C ASP A 43 -11.93 -8.34 3.41
N ASP A 44 -11.84 -7.13 2.88
CA ASP A 44 -10.60 -6.37 2.96
C ASP A 44 -10.55 -5.64 4.31
N THR A 45 -9.44 -4.98 4.55
CA THR A 45 -9.25 -4.23 5.78
C THR A 45 -8.63 -2.87 5.50
N TRP A 46 -8.64 -2.02 6.53
CA TRP A 46 -8.09 -0.68 6.40
C TRP A 46 -6.92 -0.56 7.38
N GLU A 47 -5.72 -0.66 6.85
CA GLU A 47 -4.53 -0.57 7.67
C GLU A 47 -3.92 0.83 7.55
N PRO A 48 -3.54 1.40 8.73
CA PRO A 48 -2.95 2.72 8.78
C PRO A 48 -1.50 2.69 8.29
N GLU A 49 -1.13 3.74 7.58
CA GLU A 49 0.22 3.85 7.05
C GLU A 49 1.24 3.51 8.14
N GLN A 50 1.07 4.14 9.29
CA GLN A 50 1.97 3.91 10.41
C GLN A 50 2.11 2.40 10.67
N HIS A 51 1.10 1.67 10.26
CA HIS A 51 1.09 0.23 10.45
C HIS A 51 1.69 -0.45 9.21
N LEU A 52 1.60 0.24 8.09
CA LEU A 52 2.12 -0.28 6.84
C LEU A 52 3.61 0.07 6.74
N VAL A 53 4.34 -0.29 7.78
CA VAL A 53 5.78 -0.02 7.81
C VAL A 53 6.48 -0.89 6.77
N ASN A 54 7.49 -0.31 6.15
CA ASN A 54 8.25 -1.02 5.13
C ASN A 54 7.32 -1.45 4.01
N CYS A 55 6.17 -0.80 3.96
CA CYS A 55 5.18 -1.11 2.93
C CYS A 55 4.92 0.17 2.12
N GLU A 56 5.75 1.17 2.37
CA GLU A 56 5.61 2.43 1.67
C GLU A 56 5.66 2.22 0.16
N GLU A 57 6.44 1.22 -0.25
CA GLU A 57 6.58 0.91 -1.66
C GLU A 57 5.20 0.90 -2.33
N TYR A 58 4.40 -0.10 -1.97
CA TYR A 58 3.07 -0.23 -2.53
C TYR A 58 2.30 1.08 -2.45
N ILE A 59 2.33 1.67 -1.25
CA ILE A 59 1.64 2.93 -1.04
C ILE A 59 2.08 3.94 -2.09
N HIS A 60 3.39 4.21 -2.10
CA HIS A 60 3.95 5.14 -3.04
C HIS A 60 3.38 4.88 -4.43
N ASP A 61 3.46 3.63 -4.85
CA ASP A 61 2.94 3.24 -6.15
C ASP A 61 1.45 3.58 -6.24
N PHE A 62 0.71 3.13 -5.24
CA PHE A 62 -0.72 3.38 -5.19
C PHE A 62 -1.01 4.88 -5.23
N ASN A 63 -0.18 5.62 -4.52
CA ASN A 63 -0.33 7.07 -4.46
C ASN A 63 -0.17 7.66 -5.87
N ARG A 64 0.90 7.24 -6.52
CA ARG A 64 1.18 7.71 -7.87
C ARG A 64 -0.03 7.49 -8.77
N ARG A 65 -0.58 6.28 -8.69
CA ARG A 65 -1.73 5.93 -9.48
C ARG A 65 -2.85 6.96 -9.30
N HIS A 66 -3.23 7.15 -8.04
CA HIS A 66 -4.29 8.09 -7.71
C HIS A 66 -3.94 9.46 -8.31
N THR A 67 -2.83 10.01 -7.85
CA THR A 67 -2.39 11.31 -8.32
C THR A 67 -0.98 11.21 -8.93
N GLU A 68 -0.89 11.61 -10.19
CA GLU A 68 0.37 11.56 -10.90
C GLU A 68 1.47 12.22 -10.07
N LYS A 69 1.22 13.47 -9.69
CA LYS A 69 2.18 14.21 -8.89
C LYS A 69 3.40 14.55 -9.74
N GLN A 70 4.15 13.51 -10.07
CA GLN A 70 5.35 13.68 -10.88
C GLN A 70 5.94 12.31 -11.24
N LYS A 71 6.62 12.28 -12.38
CA LYS A 71 7.24 11.05 -12.85
C LYS A 71 6.14 10.03 -13.16
N GLU A 72 6.35 9.29 -14.24
CA GLU A 72 5.40 8.27 -14.65
C GLU A 72 4.24 8.92 -15.42
N SER A 73 4.33 8.83 -16.74
CA SER A 73 3.29 9.39 -17.60
C SER A 73 2.21 8.35 -17.88
N GLY A 74 2.67 7.21 -18.40
CA GLY A 74 1.76 6.13 -18.73
C GLY A 74 1.23 6.25 -20.16
N PRO A 75 -0.08 5.95 -20.32
CA PRO A 75 -0.72 6.03 -21.62
C PRO A 75 -0.98 7.48 -22.02
N SER A 76 0.10 8.25 -22.07
CA SER A 76 0.00 9.66 -22.42
C SER A 76 -0.76 10.42 -21.35
N SER A 77 -0.04 11.30 -20.66
CA SER A 77 -0.64 12.09 -19.59
C SER A 77 -1.63 13.09 -20.19
N GLY A 78 -2.91 12.85 -19.91
CA GLY A 78 -3.95 13.72 -20.40
C GLY A 78 -4.88 12.96 -21.36
N GLY A 1 9.18 -13.87 -19.77
CA GLY A 1 9.97 -13.66 -18.56
C GLY A 1 9.42 -14.51 -17.40
N SER A 2 10.19 -14.55 -16.33
CA SER A 2 9.79 -15.31 -15.16
C SER A 2 9.41 -14.37 -14.02
N SER A 3 8.62 -14.90 -13.09
CA SER A 3 8.17 -14.11 -11.96
C SER A 3 8.21 -14.96 -10.68
N GLY A 4 9.03 -14.53 -9.75
CA GLY A 4 9.18 -15.24 -8.48
C GLY A 4 9.20 -14.26 -7.31
N SER A 5 8.89 -14.80 -6.14
CA SER A 5 8.88 -13.98 -4.93
C SER A 5 9.73 -14.64 -3.84
N SER A 6 9.38 -15.89 -3.54
CA SER A 6 10.11 -16.64 -2.53
C SER A 6 9.99 -15.94 -1.18
N GLY A 7 10.35 -16.68 -0.13
CA GLY A 7 10.28 -16.13 1.21
C GLY A 7 9.80 -17.20 2.20
N MET A 8 10.72 -17.62 3.07
CA MET A 8 10.41 -18.62 4.06
C MET A 8 11.36 -18.53 5.26
N ALA A 9 10.88 -17.93 6.33
CA ALA A 9 11.67 -17.78 7.53
C ALA A 9 10.82 -17.13 8.63
N SER A 10 10.36 -15.92 8.32
CA SER A 10 9.54 -15.18 9.26
C SER A 10 8.07 -15.23 8.84
N GLU A 11 7.30 -15.99 9.58
CA GLU A 11 5.88 -16.15 9.29
C GLU A 11 5.11 -14.90 9.73
N GLU A 12 5.21 -13.87 8.91
CA GLU A 12 4.52 -12.61 9.20
C GLU A 12 3.02 -12.78 9.07
N LEU A 13 2.29 -11.78 9.54
CA LEU A 13 0.84 -11.80 9.47
C LEU A 13 0.41 -12.01 8.02
N TYR A 14 0.65 -10.99 7.21
CA TYR A 14 0.29 -11.05 5.81
C TYR A 14 1.06 -10.01 4.99
N GLU A 15 1.57 -10.45 3.85
CA GLU A 15 2.32 -9.57 2.98
C GLU A 15 1.38 -8.67 2.18
N VAL A 16 1.58 -7.37 2.34
CA VAL A 16 0.76 -6.39 1.65
C VAL A 16 0.82 -6.66 0.14
N GLU A 17 -0.34 -6.90 -0.43
CA GLU A 17 -0.44 -7.16 -1.86
C GLU A 17 -0.44 -5.86 -2.65
N ARG A 18 -1.34 -4.97 -2.23
CA ARG A 18 -1.45 -3.67 -2.89
C ARG A 18 -2.58 -2.86 -2.27
N ILE A 19 -2.59 -1.57 -2.58
CA ILE A 19 -3.61 -0.68 -2.05
C ILE A 19 -4.75 -0.56 -3.06
N VAL A 20 -5.97 -0.73 -2.55
CA VAL A 20 -7.15 -0.65 -3.41
C VAL A 20 -7.93 0.60 -3.05
N ASP A 21 -7.66 1.13 -1.86
CA ASP A 21 -8.34 2.32 -1.39
C ASP A 21 -7.54 2.94 -0.24
N LYS A 22 -7.92 4.15 0.12
CA LYS A 22 -7.25 4.86 1.20
C LYS A 22 -8.08 6.08 1.60
N ARG A 23 -8.24 6.25 2.90
CA ARG A 23 -9.00 7.38 3.42
C ARG A 23 -8.57 7.70 4.85
N LYS A 24 -9.15 8.77 5.38
CA LYS A 24 -8.83 9.19 6.74
C LYS A 24 -9.94 8.73 7.69
N ASN A 25 -9.55 8.48 8.93
CA ASN A 25 -10.49 8.02 9.93
C ASN A 25 -11.04 9.24 10.69
N LYS A 26 -11.92 8.96 11.65
CA LYS A 26 -12.52 10.01 12.44
C LYS A 26 -11.42 10.73 13.25
N LYS A 27 -10.50 9.93 13.76
CA LYS A 27 -9.40 10.47 14.54
C LYS A 27 -8.44 11.20 13.62
N GLY A 28 -8.65 11.03 12.33
CA GLY A 28 -7.80 11.67 11.34
C GLY A 28 -6.65 10.75 10.91
N LYS A 29 -6.80 9.47 11.26
CA LYS A 29 -5.78 8.50 10.93
C LYS A 29 -5.95 8.07 9.47
N THR A 30 -4.81 7.93 8.80
CA THR A 30 -4.81 7.53 7.40
C THR A 30 -4.84 6.01 7.28
N GLU A 31 -5.87 5.52 6.60
CA GLU A 31 -6.02 4.09 6.40
C GLU A 31 -5.89 3.73 4.92
N TYR A 32 -5.27 2.60 4.66
CA TYR A 32 -5.07 2.14 3.31
C TYR A 32 -5.65 0.73 3.11
N LEU A 33 -6.57 0.64 2.15
CA LEU A 33 -7.21 -0.62 1.85
C LEU A 33 -6.22 -1.55 1.14
N VAL A 34 -5.80 -2.58 1.85
CA VAL A 34 -4.85 -3.53 1.31
C VAL A 34 -5.46 -4.93 1.35
N ARG A 35 -5.20 -5.70 0.30
CA ARG A 35 -5.72 -7.06 0.21
C ARG A 35 -4.80 -8.01 0.96
N TRP A 36 -5.22 -9.28 1.00
CA TRP A 36 -4.45 -10.29 1.68
C TRP A 36 -4.93 -11.66 1.19
N LYS A 37 -4.01 -12.61 1.18
CA LYS A 37 -4.33 -13.96 0.72
C LYS A 37 -5.42 -14.55 1.62
N GLY A 38 -6.24 -15.41 1.03
CA GLY A 38 -7.32 -16.04 1.76
C GLY A 38 -8.52 -15.10 1.89
N TYR A 39 -8.24 -13.90 2.37
CA TYR A 39 -9.28 -12.90 2.55
C TYR A 39 -10.04 -12.67 1.23
N ASP A 40 -11.35 -12.84 1.31
CA ASP A 40 -12.20 -12.64 0.16
C ASP A 40 -12.13 -11.18 -0.29
N SER A 41 -12.95 -10.86 -1.29
CA SER A 41 -12.98 -9.50 -1.81
C SER A 41 -13.52 -8.54 -0.74
N GLU A 42 -14.60 -8.97 -0.10
CA GLU A 42 -15.22 -8.16 0.94
C GLU A 42 -14.61 -8.50 2.30
N ASP A 43 -13.41 -9.04 2.27
CA ASP A 43 -12.72 -9.41 3.48
C ASP A 43 -11.53 -8.47 3.70
N ASP A 44 -11.14 -7.80 2.62
CA ASP A 44 -10.02 -6.88 2.67
C ASP A 44 -10.12 -6.04 3.95
N THR A 45 -8.96 -5.68 4.48
CA THR A 45 -8.92 -4.89 5.70
C THR A 45 -8.22 -3.55 5.43
N TRP A 46 -8.47 -2.59 6.30
CA TRP A 46 -7.89 -1.27 6.18
C TRP A 46 -6.71 -1.17 7.17
N GLU A 47 -5.53 -0.96 6.61
CA GLU A 47 -4.33 -0.85 7.42
C GLU A 47 -3.82 0.59 7.41
N PRO A 48 -3.54 1.11 8.65
CA PRO A 48 -3.04 2.47 8.79
C PRO A 48 -1.58 2.57 8.37
N GLU A 49 -1.28 3.62 7.62
CA GLU A 49 0.07 3.84 7.15
C GLU A 49 1.08 3.55 8.27
N GLN A 50 0.72 3.99 9.47
CA GLN A 50 1.59 3.79 10.63
C GLN A 50 1.92 2.30 10.77
N HIS A 51 0.92 1.46 10.55
CA HIS A 51 1.11 0.03 10.65
C HIS A 51 1.84 -0.49 9.42
N LEU A 52 1.58 0.18 8.29
CA LEU A 52 2.20 -0.21 7.04
C LEU A 52 3.63 0.33 7.00
N VAL A 53 4.45 -0.22 7.90
CA VAL A 53 5.84 0.18 7.99
C VAL A 53 6.67 -0.66 7.02
N ASN A 54 7.60 0.01 6.34
CA ASN A 54 8.46 -0.67 5.39
C ASN A 54 7.63 -1.12 4.18
N CYS A 55 6.39 -0.65 4.15
CA CYS A 55 5.49 -0.99 3.07
C CYS A 55 5.10 0.30 2.33
N GLU A 56 5.93 1.32 2.53
CA GLU A 56 5.68 2.60 1.89
C GLU A 56 5.68 2.44 0.37
N GLU A 57 6.52 1.55 -0.10
CA GLU A 57 6.62 1.30 -1.54
C GLU A 57 5.22 1.21 -2.16
N TYR A 58 4.49 0.20 -1.73
CA TYR A 58 3.13 -0.02 -2.23
C TYR A 58 2.33 1.28 -2.18
N ILE A 59 2.16 1.79 -0.97
CA ILE A 59 1.41 3.01 -0.76
C ILE A 59 1.89 4.08 -1.75
N HIS A 60 3.21 4.12 -1.92
CA HIS A 60 3.80 5.08 -2.84
C HIS A 60 3.31 4.81 -4.26
N ASP A 61 3.34 3.55 -4.64
CA ASP A 61 2.91 3.16 -5.97
C ASP A 61 1.43 3.49 -6.13
N PHE A 62 0.65 3.15 -5.11
CA PHE A 62 -0.78 3.41 -5.12
C PHE A 62 -1.06 4.91 -5.24
N ASN A 63 -0.23 5.70 -4.56
CA ASN A 63 -0.38 7.13 -4.59
C ASN A 63 -0.14 7.65 -6.01
N ARG A 64 0.97 7.18 -6.58
CA ARG A 64 1.33 7.58 -7.93
C ARG A 64 0.22 7.22 -8.91
N ARG A 65 -0.21 5.98 -8.84
CA ARG A 65 -1.27 5.49 -9.70
C ARG A 65 -2.54 6.33 -9.52
N HIS A 66 -2.97 6.42 -8.26
CA HIS A 66 -4.16 7.19 -7.94
C HIS A 66 -4.00 8.62 -8.45
N THR A 67 -3.02 9.30 -7.89
CA THR A 67 -2.76 10.68 -8.28
C THR A 67 -2.52 10.78 -9.78
N GLU A 68 -2.72 11.97 -10.32
CA GLU A 68 -2.53 12.21 -11.74
C GLU A 68 -1.38 13.18 -11.97
N LYS A 69 -0.35 12.67 -12.61
CA LYS A 69 0.83 13.48 -12.90
C LYS A 69 1.35 13.13 -14.30
N GLN A 70 2.11 14.06 -14.86
CA GLN A 70 2.67 13.88 -16.18
C GLN A 70 3.86 12.91 -16.13
N LYS A 71 3.59 11.66 -16.48
CA LYS A 71 4.62 10.64 -16.47
C LYS A 71 4.15 9.45 -17.30
N GLU A 72 4.95 9.14 -18.32
CA GLU A 72 4.62 8.02 -19.20
C GLU A 72 5.20 6.73 -18.64
N SER A 73 4.30 5.77 -18.42
CA SER A 73 4.70 4.48 -17.89
C SER A 73 5.02 3.51 -19.03
N GLY A 74 6.12 2.79 -18.87
CA GLY A 74 6.54 1.84 -19.87
C GLY A 74 6.38 0.40 -19.38
N PRO A 75 6.07 -0.51 -20.33
CA PRO A 75 5.87 -1.91 -20.00
C PRO A 75 7.21 -2.60 -19.74
N SER A 76 7.51 -2.77 -18.46
CA SER A 76 8.75 -3.41 -18.06
C SER A 76 8.46 -4.61 -17.16
N SER A 77 8.45 -5.79 -17.78
CA SER A 77 8.18 -7.01 -17.06
C SER A 77 9.47 -7.82 -16.90
N GLY A 78 9.78 -8.14 -15.65
CA GLY A 78 10.99 -8.89 -15.35
C GLY A 78 12.24 -8.12 -15.75
N GLY A 1 18.84 7.32 -14.47
CA GLY A 1 19.34 6.86 -13.19
C GLY A 1 19.32 5.32 -13.10
N SER A 2 19.45 4.82 -11.88
CA SER A 2 19.45 3.39 -11.66
C SER A 2 19.61 3.09 -10.17
N SER A 3 18.51 2.65 -9.56
CA SER A 3 18.52 2.32 -8.15
C SER A 3 17.16 1.77 -7.73
N GLY A 4 17.19 0.92 -6.72
CA GLY A 4 15.98 0.31 -6.22
C GLY A 4 16.26 -1.07 -5.62
N SER A 5 16.25 -1.13 -4.30
CA SER A 5 16.50 -2.38 -3.60
C SER A 5 16.33 -2.17 -2.09
N SER A 6 16.30 -3.29 -1.38
CA SER A 6 16.14 -3.25 0.07
C SER A 6 16.09 -4.67 0.63
N GLY A 7 16.30 -4.77 1.94
CA GLY A 7 16.29 -6.06 2.60
C GLY A 7 16.38 -5.88 4.12
N MET A 8 15.22 -5.68 4.73
CA MET A 8 15.16 -5.51 6.17
C MET A 8 14.19 -6.50 6.81
N ALA A 9 14.33 -6.66 8.12
CA ALA A 9 13.48 -7.58 8.85
C ALA A 9 12.03 -7.07 8.81
N SER A 10 11.14 -7.89 9.35
CA SER A 10 9.72 -7.54 9.37
C SER A 10 8.95 -8.54 10.23
N GLU A 11 8.11 -8.00 11.10
CA GLU A 11 7.32 -8.82 11.98
C GLU A 11 5.83 -8.44 11.88
N GLU A 12 5.44 -8.05 10.68
CA GLU A 12 4.07 -7.66 10.44
C GLU A 12 3.14 -8.87 10.52
N LEU A 13 1.84 -8.59 10.53
CA LEU A 13 0.85 -9.65 10.60
C LEU A 13 0.92 -10.50 9.34
N TYR A 14 0.89 -9.82 8.21
CA TYR A 14 0.96 -10.51 6.92
C TYR A 14 1.72 -9.68 5.89
N GLU A 15 1.60 -10.08 4.63
CA GLU A 15 2.27 -9.39 3.56
C GLU A 15 1.27 -8.53 2.78
N VAL A 16 1.61 -7.25 2.66
CA VAL A 16 0.75 -6.32 1.94
C VAL A 16 0.78 -6.65 0.44
N GLU A 17 -0.40 -6.96 -0.08
CA GLU A 17 -0.53 -7.30 -1.49
C GLU A 17 -0.50 -6.03 -2.34
N ARG A 18 -1.35 -5.08 -1.97
CA ARG A 18 -1.44 -3.82 -2.68
C ARG A 18 -2.55 -2.95 -2.09
N ILE A 19 -2.50 -1.67 -2.46
CA ILE A 19 -3.49 -0.72 -1.97
C ILE A 19 -4.64 -0.63 -2.98
N VAL A 20 -5.85 -0.73 -2.46
CA VAL A 20 -7.03 -0.65 -3.30
C VAL A 20 -7.79 0.64 -3.00
N ASP A 21 -7.48 1.22 -1.85
CA ASP A 21 -8.11 2.45 -1.42
C ASP A 21 -7.33 3.05 -0.26
N LYS A 22 -7.71 4.27 0.11
CA LYS A 22 -7.06 4.96 1.22
C LYS A 22 -7.94 6.13 1.66
N ARG A 23 -8.11 6.24 2.97
CA ARG A 23 -8.91 7.31 3.54
C ARG A 23 -8.46 7.62 4.96
N LYS A 24 -9.09 8.63 5.55
CA LYS A 24 -8.76 9.03 6.90
C LYS A 24 -9.86 8.55 7.85
N ASN A 25 -9.44 8.20 9.06
CA ASN A 25 -10.37 7.74 10.07
C ASN A 25 -11.06 8.94 10.73
N LYS A 26 -12.12 8.64 11.45
CA LYS A 26 -12.88 9.69 12.14
C LYS A 26 -11.94 10.45 13.08
N LYS A 27 -10.95 9.74 13.60
CA LYS A 27 -10.00 10.33 14.51
C LYS A 27 -9.00 11.18 13.70
N GLY A 28 -8.92 10.89 12.41
CA GLY A 28 -8.03 11.62 11.53
C GLY A 28 -6.78 10.78 11.21
N LYS A 29 -6.92 9.47 11.38
CA LYS A 29 -5.82 8.56 11.11
C LYS A 29 -5.90 8.09 9.66
N THR A 30 -4.73 8.03 9.03
CA THR A 30 -4.66 7.59 7.66
C THR A 30 -4.67 6.06 7.57
N GLU A 31 -5.59 5.55 6.77
CA GLU A 31 -5.73 4.11 6.60
C GLU A 31 -5.77 3.76 5.11
N TYR A 32 -4.95 2.78 4.74
CA TYR A 32 -4.88 2.34 3.36
C TYR A 32 -5.52 0.96 3.19
N LEU A 33 -6.43 0.87 2.23
CA LEU A 33 -7.11 -0.39 1.96
C LEU A 33 -6.14 -1.35 1.27
N VAL A 34 -5.75 -2.37 1.99
CA VAL A 34 -4.83 -3.37 1.46
C VAL A 34 -5.48 -4.75 1.53
N ARG A 35 -5.15 -5.59 0.57
CA ARG A 35 -5.68 -6.93 0.51
C ARG A 35 -4.77 -7.90 1.27
N TRP A 36 -5.22 -9.14 1.36
CA TRP A 36 -4.45 -10.17 2.05
C TRP A 36 -5.00 -11.53 1.63
N LYS A 37 -4.24 -12.57 1.93
CA LYS A 37 -4.63 -13.92 1.58
C LYS A 37 -5.76 -14.36 2.50
N GLY A 38 -6.66 -15.18 1.94
CA GLY A 38 -7.79 -15.67 2.70
C GLY A 38 -8.98 -14.73 2.61
N TYR A 39 -8.67 -13.44 2.75
CA TYR A 39 -9.71 -12.41 2.69
C TYR A 39 -10.04 -12.07 1.23
N ASP A 40 -11.31 -12.23 0.89
CA ASP A 40 -11.78 -11.94 -0.45
C ASP A 40 -11.58 -10.44 -0.74
N SER A 41 -12.35 -9.96 -1.72
CA SER A 41 -12.27 -8.57 -2.09
C SER A 41 -13.05 -7.71 -1.09
N GLU A 42 -14.18 -8.26 -0.64
CA GLU A 42 -15.01 -7.56 0.32
C GLU A 42 -14.56 -7.85 1.74
N ASP A 43 -13.39 -8.47 1.83
CA ASP A 43 -12.83 -8.82 3.13
C ASP A 43 -11.64 -7.90 3.42
N ASP A 44 -11.17 -7.23 2.37
CA ASP A 44 -10.04 -6.33 2.51
C ASP A 44 -10.17 -5.55 3.81
N THR A 45 -9.03 -5.35 4.46
CA THR A 45 -9.01 -4.62 5.71
C THR A 45 -8.34 -3.25 5.52
N TRP A 46 -8.60 -2.36 6.47
CA TRP A 46 -8.04 -1.03 6.41
C TRP A 46 -6.93 -0.94 7.47
N GLU A 47 -5.70 -0.78 6.97
CA GLU A 47 -4.56 -0.68 7.85
C GLU A 47 -3.97 0.73 7.81
N PRO A 48 -3.63 1.26 9.01
CA PRO A 48 -3.06 2.59 9.11
C PRO A 48 -1.60 2.60 8.66
N GLU A 49 -1.26 3.60 7.86
CA GLU A 49 0.10 3.73 7.35
C GLU A 49 1.10 3.36 8.44
N GLN A 50 0.72 3.63 9.68
CA GLN A 50 1.58 3.33 10.81
C GLN A 50 1.94 1.84 10.82
N HIS A 51 0.91 1.02 10.69
CA HIS A 51 1.10 -0.43 10.69
C HIS A 51 1.78 -0.84 9.39
N LEU A 52 1.58 -0.03 8.37
CA LEU A 52 2.18 -0.31 7.07
C LEU A 52 3.61 0.22 7.03
N VAL A 53 4.47 -0.42 7.80
CA VAL A 53 5.86 -0.02 7.87
C VAL A 53 6.64 -0.72 6.75
N ASN A 54 7.53 0.06 6.13
CA ASN A 54 8.35 -0.46 5.05
C ASN A 54 7.44 -0.91 3.91
N CYS A 55 6.23 -0.36 3.91
CA CYS A 55 5.26 -0.69 2.88
C CYS A 55 4.97 0.56 2.06
N GLU A 56 5.85 1.55 2.22
CA GLU A 56 5.70 2.80 1.50
C GLU A 56 5.62 2.55 0.00
N GLU A 57 6.47 1.65 -0.46
CA GLU A 57 6.49 1.31 -1.87
C GLU A 57 5.07 1.22 -2.43
N TYR A 58 4.34 0.24 -1.93
CA TYR A 58 2.97 0.03 -2.36
C TYR A 58 2.18 1.35 -2.33
N ILE A 59 2.06 1.90 -1.13
CA ILE A 59 1.34 3.14 -0.95
C ILE A 59 1.78 4.14 -2.02
N HIS A 60 3.09 4.17 -2.25
CA HIS A 60 3.65 5.07 -3.24
C HIS A 60 3.06 4.76 -4.62
N ASP A 61 3.28 3.53 -5.05
CA ASP A 61 2.77 3.09 -6.35
C ASP A 61 1.28 3.39 -6.44
N PHE A 62 0.61 3.22 -5.30
CA PHE A 62 -0.82 3.46 -5.24
C PHE A 62 -1.13 4.95 -5.38
N ASN A 63 -0.18 5.76 -4.95
CA ASN A 63 -0.33 7.21 -5.01
C ASN A 63 0.12 7.69 -6.39
N ARG A 64 1.23 7.16 -6.84
CA ARG A 64 1.78 7.52 -8.13
C ARG A 64 0.88 7.00 -9.26
N ARG A 65 0.19 5.92 -8.96
CA ARG A 65 -0.71 5.32 -9.94
C ARG A 65 -1.64 6.37 -10.53
N HIS A 66 -2.35 7.06 -9.65
CA HIS A 66 -3.28 8.09 -10.09
C HIS A 66 -2.60 8.98 -11.14
N THR A 67 -1.56 9.67 -10.70
CA THR A 67 -0.81 10.55 -11.59
C THR A 67 -0.04 9.73 -12.63
N GLU A 68 0.42 10.43 -13.66
CA GLU A 68 1.17 9.78 -14.72
C GLU A 68 2.60 10.28 -14.73
N LYS A 69 3.51 9.40 -14.36
CA LYS A 69 4.93 9.73 -14.33
C LYS A 69 5.72 8.72 -15.17
N GLN A 70 6.18 9.20 -16.31
CA GLN A 70 6.95 8.35 -17.21
C GLN A 70 7.99 7.54 -16.43
N LYS A 71 7.62 6.31 -16.11
CA LYS A 71 8.50 5.44 -15.36
C LYS A 71 7.84 4.06 -15.22
N GLU A 72 8.66 3.08 -14.89
CA GLU A 72 8.18 1.72 -14.73
C GLU A 72 7.65 1.18 -16.05
N SER A 73 8.07 -0.05 -16.37
CA SER A 73 7.65 -0.68 -17.60
C SER A 73 6.72 -1.86 -17.30
N GLY A 74 5.71 -2.01 -18.14
CA GLY A 74 4.74 -3.09 -17.96
C GLY A 74 3.35 -2.66 -18.43
N PRO A 75 2.32 -3.25 -17.78
CA PRO A 75 0.94 -2.94 -18.12
C PRO A 75 0.54 -1.57 -17.59
N SER A 76 0.36 -0.63 -18.51
CA SER A 76 -0.01 0.72 -18.15
C SER A 76 -1.30 1.11 -18.87
N SER A 77 -1.91 2.19 -18.39
CA SER A 77 -3.14 2.69 -18.99
C SER A 77 -2.83 3.76 -20.04
N GLY A 78 -3.84 4.08 -20.82
CA GLY A 78 -3.69 5.10 -21.86
C GLY A 78 -3.09 6.39 -21.29
N GLY A 1 13.50 -0.68 -14.03
CA GLY A 1 12.97 -1.88 -13.39
C GLY A 1 13.76 -2.21 -12.12
N SER A 2 13.15 -1.91 -10.99
CA SER A 2 13.77 -2.17 -9.71
C SER A 2 12.72 -2.61 -8.69
N SER A 3 13.11 -3.57 -7.86
CA SER A 3 12.21 -4.08 -6.84
C SER A 3 12.92 -5.15 -6.00
N GLY A 4 12.30 -5.48 -4.88
CA GLY A 4 12.86 -6.48 -3.99
C GLY A 4 12.07 -7.79 -4.08
N SER A 5 10.83 -7.74 -3.61
CA SER A 5 9.97 -8.91 -3.63
C SER A 5 10.52 -9.97 -2.69
N SER A 6 9.61 -10.57 -1.92
CA SER A 6 9.99 -11.60 -0.98
C SER A 6 10.95 -11.03 0.06
N GLY A 7 10.93 -11.65 1.23
CA GLY A 7 11.80 -11.22 2.33
C GLY A 7 13.20 -11.80 2.18
N MET A 8 13.79 -12.12 3.33
CA MET A 8 15.12 -12.69 3.35
C MET A 8 15.53 -13.10 4.76
N ALA A 9 15.56 -12.10 5.64
CA ALA A 9 15.94 -12.34 7.02
C ALA A 9 14.70 -12.17 7.91
N SER A 10 14.19 -10.96 7.94
CA SER A 10 13.02 -10.65 8.74
C SER A 10 11.91 -11.66 8.45
N GLU A 11 10.89 -11.65 9.29
CA GLU A 11 9.77 -12.56 9.14
C GLU A 11 8.48 -11.90 9.64
N GLU A 12 7.53 -11.80 8.74
CA GLU A 12 6.24 -11.20 9.07
C GLU A 12 5.11 -12.22 8.90
N LEU A 13 3.99 -11.92 9.55
CA LEU A 13 2.83 -12.80 9.48
C LEU A 13 2.40 -12.95 8.03
N TYR A 14 2.20 -11.81 7.38
CA TYR A 14 1.77 -11.80 5.99
C TYR A 14 2.50 -10.70 5.21
N GLU A 15 1.99 -10.44 4.01
CA GLU A 15 2.59 -9.43 3.15
C GLU A 15 1.49 -8.61 2.46
N VAL A 16 1.74 -7.31 2.37
CA VAL A 16 0.79 -6.42 1.74
C VAL A 16 0.81 -6.64 0.23
N GLU A 17 -0.34 -7.08 -0.29
CA GLU A 17 -0.46 -7.33 -1.71
C GLU A 17 -0.41 -6.02 -2.50
N ARG A 18 -1.27 -5.09 -2.09
CA ARG A 18 -1.34 -3.80 -2.75
C ARG A 18 -2.46 -2.95 -2.14
N ILE A 19 -2.41 -1.66 -2.43
CA ILE A 19 -3.40 -0.73 -1.92
C ILE A 19 -4.57 -0.65 -2.91
N VAL A 20 -5.76 -0.93 -2.40
CA VAL A 20 -6.95 -0.89 -3.22
C VAL A 20 -7.72 0.40 -2.94
N ASP A 21 -7.44 0.98 -1.78
CA ASP A 21 -8.08 2.22 -1.38
C ASP A 21 -7.29 2.86 -0.24
N LYS A 22 -7.74 4.04 0.16
CA LYS A 22 -7.08 4.76 1.23
C LYS A 22 -7.93 5.98 1.60
N ARG A 23 -8.20 6.10 2.90
CA ARG A 23 -8.99 7.21 3.40
C ARG A 23 -8.62 7.51 4.85
N LYS A 24 -9.29 8.51 5.40
CA LYS A 24 -9.05 8.92 6.78
C LYS A 24 -10.34 8.75 7.59
N ASN A 25 -10.16 8.63 8.89
CA ASN A 25 -11.30 8.46 9.79
C ASN A 25 -11.61 9.80 10.47
N LYS A 26 -12.74 9.82 11.16
CA LYS A 26 -13.15 11.02 11.85
C LYS A 26 -12.02 11.50 12.76
N LYS A 27 -11.25 10.54 13.25
CA LYS A 27 -10.13 10.85 14.12
C LYS A 27 -9.06 11.60 13.33
N GLY A 28 -8.83 11.14 12.11
CA GLY A 28 -7.83 11.74 11.24
C GLY A 28 -6.70 10.76 10.94
N LYS A 29 -6.93 9.51 11.27
CA LYS A 29 -5.94 8.47 11.05
C LYS A 29 -6.02 8.02 9.58
N THR A 30 -4.85 7.88 8.98
CA THR A 30 -4.77 7.46 7.59
C THR A 30 -4.82 5.93 7.50
N GLU A 31 -5.74 5.45 6.67
CA GLU A 31 -5.91 4.02 6.48
C GLU A 31 -5.81 3.68 5.00
N TYR A 32 -5.14 2.56 4.73
CA TYR A 32 -4.97 2.10 3.36
C TYR A 32 -5.56 0.70 3.17
N LEU A 33 -6.51 0.63 2.26
CA LEU A 33 -7.18 -0.64 1.97
C LEU A 33 -6.20 -1.55 1.22
N VAL A 34 -5.76 -2.59 1.91
CA VAL A 34 -4.82 -3.54 1.33
C VAL A 34 -5.46 -4.93 1.34
N ARG A 35 -5.17 -5.68 0.28
CA ARG A 35 -5.71 -7.02 0.14
C ARG A 35 -4.82 -8.03 0.87
N TRP A 36 -5.26 -9.27 0.88
CA TRP A 36 -4.51 -10.33 1.54
C TRP A 36 -5.02 -11.67 0.99
N LYS A 37 -4.12 -12.65 1.00
CA LYS A 37 -4.47 -13.98 0.52
C LYS A 37 -5.47 -14.61 1.48
N GLY A 38 -6.40 -15.37 0.90
CA GLY A 38 -7.42 -16.03 1.69
C GLY A 38 -8.65 -15.14 1.87
N TYR A 39 -8.40 -13.89 2.20
CA TYR A 39 -9.46 -12.93 2.40
C TYR A 39 -9.91 -12.33 1.07
N ASP A 40 -11.22 -12.37 0.85
CA ASP A 40 -11.79 -11.83 -0.38
C ASP A 40 -11.71 -10.30 -0.34
N SER A 41 -12.37 -9.68 -1.31
CA SER A 41 -12.39 -8.24 -1.40
C SER A 41 -13.13 -7.64 -0.20
N GLU A 42 -14.34 -8.14 0.01
CA GLU A 42 -15.16 -7.67 1.12
C GLU A 42 -14.51 -8.01 2.45
N ASP A 43 -13.49 -8.86 2.38
CA ASP A 43 -12.77 -9.27 3.57
C ASP A 43 -11.55 -8.35 3.77
N ASP A 44 -11.15 -7.71 2.68
CA ASP A 44 -10.01 -6.81 2.73
C ASP A 44 -10.08 -5.98 4.00
N THR A 45 -8.91 -5.67 4.54
CA THR A 45 -8.83 -4.88 5.75
C THR A 45 -8.20 -3.51 5.46
N TRP A 46 -8.24 -2.64 6.45
CA TRP A 46 -7.69 -1.31 6.31
C TRP A 46 -6.51 -1.18 7.28
N GLU A 47 -5.33 -1.06 6.70
CA GLU A 47 -4.11 -0.93 7.49
C GLU A 47 -3.61 0.51 7.46
N PRO A 48 -3.25 1.02 8.67
CA PRO A 48 -2.75 2.38 8.79
C PRO A 48 -1.31 2.48 8.29
N GLU A 49 -1.05 3.56 7.56
CA GLU A 49 0.28 3.78 7.02
C GLU A 49 1.35 3.47 8.07
N GLN A 50 1.22 4.13 9.20
CA GLN A 50 2.17 3.94 10.30
C GLN A 50 2.37 2.45 10.55
N HIS A 51 1.32 1.67 10.29
CA HIS A 51 1.39 0.24 10.49
C HIS A 51 2.01 -0.42 9.25
N LEU A 52 1.76 0.19 8.11
CA LEU A 52 2.30 -0.31 6.85
C LEU A 52 3.77 0.05 6.74
N VAL A 53 4.56 -0.50 7.65
CA VAL A 53 6.00 -0.23 7.66
C VAL A 53 6.69 -1.17 6.67
N ASN A 54 7.70 -0.63 5.99
CA ASN A 54 8.45 -1.40 5.02
C ASN A 54 7.53 -1.77 3.85
N CYS A 55 6.37 -1.13 3.83
CA CYS A 55 5.40 -1.39 2.78
C CYS A 55 5.07 -0.06 2.10
N GLU A 56 5.95 0.91 2.31
CA GLU A 56 5.76 2.23 1.73
C GLU A 56 5.71 2.13 0.20
N GLU A 57 6.51 1.22 -0.33
CA GLU A 57 6.56 1.02 -1.77
C GLU A 57 5.14 1.04 -2.36
N TYR A 58 4.36 0.06 -1.96
CA TYR A 58 2.99 -0.05 -2.45
C TYR A 58 2.25 1.29 -2.29
N ILE A 59 2.21 1.76 -1.06
CA ILE A 59 1.55 3.02 -0.77
C ILE A 59 2.04 4.09 -1.74
N HIS A 60 3.35 4.24 -1.79
CA HIS A 60 3.96 5.23 -2.68
C HIS A 60 3.39 5.06 -4.09
N ASP A 61 3.42 3.83 -4.58
CA ASP A 61 2.91 3.53 -5.90
C ASP A 61 1.43 3.90 -5.97
N PHE A 62 0.65 3.26 -5.11
CA PHE A 62 -0.78 3.52 -5.06
C PHE A 62 -1.06 5.02 -5.00
N ASN A 63 -0.36 5.69 -4.11
CA ASN A 63 -0.53 7.13 -3.94
C ASN A 63 -0.35 7.82 -5.30
N ARG A 64 0.71 7.42 -6.00
CA ARG A 64 1.00 8.00 -7.30
C ARG A 64 -0.18 7.77 -8.25
N ARG A 65 -0.56 6.51 -8.38
CA ARG A 65 -1.67 6.16 -9.25
C ARG A 65 -2.91 6.99 -8.90
N HIS A 66 -3.21 7.01 -7.60
CA HIS A 66 -4.36 7.76 -7.12
C HIS A 66 -4.23 9.23 -7.52
N THR A 67 -3.20 9.86 -7.00
CA THR A 67 -2.95 11.27 -7.30
C THR A 67 -2.69 11.46 -8.79
N GLU A 68 -2.48 12.71 -9.17
CA GLU A 68 -2.21 13.03 -10.57
C GLU A 68 -0.71 13.16 -10.80
N LYS A 69 -0.33 13.01 -12.07
CA LYS A 69 1.07 13.10 -12.44
C LYS A 69 1.18 13.28 -13.96
N GLN A 70 2.41 13.44 -14.42
CA GLN A 70 2.66 13.61 -15.84
C GLN A 70 3.22 12.33 -16.45
N LYS A 71 2.55 11.23 -16.16
CA LYS A 71 2.97 9.94 -16.66
C LYS A 71 1.75 9.19 -17.23
N GLU A 72 1.26 9.70 -18.34
CA GLU A 72 0.10 9.10 -18.99
C GLU A 72 -0.21 9.83 -20.30
N SER A 73 -0.86 9.10 -21.20
CA SER A 73 -1.23 9.66 -22.48
C SER A 73 -2.74 9.52 -22.71
N GLY A 74 -3.40 10.66 -22.79
CA GLY A 74 -4.83 10.69 -23.00
C GLY A 74 -5.52 11.68 -22.05
N PRO A 75 -6.83 11.93 -22.32
CA PRO A 75 -7.60 12.84 -21.50
C PRO A 75 -7.94 12.22 -20.15
N SER A 76 -6.91 12.03 -19.34
CA SER A 76 -7.10 11.44 -18.03
C SER A 76 -7.56 9.98 -18.15
N SER A 77 -7.39 9.24 -17.07
CA SER A 77 -7.79 7.84 -17.06
C SER A 77 -8.31 7.47 -15.67
N GLY A 78 -9.54 6.95 -15.66
CA GLY A 78 -10.17 6.55 -14.41
C GLY A 78 -11.61 6.10 -14.64
N GLY A 1 23.39 4.20 -5.37
CA GLY A 1 22.48 3.91 -4.28
C GLY A 1 22.05 2.44 -4.31
N SER A 2 20.76 2.23 -4.13
CA SER A 2 20.20 0.89 -4.12
C SER A 2 20.70 0.12 -2.90
N SER A 3 19.75 -0.26 -2.06
CA SER A 3 20.06 -1.00 -0.84
C SER A 3 18.80 -1.22 -0.02
N GLY A 4 18.86 -2.21 0.84
CA GLY A 4 17.73 -2.54 1.70
C GLY A 4 17.82 -3.98 2.20
N SER A 5 18.63 -4.17 3.23
CA SER A 5 18.82 -5.48 3.81
C SER A 5 19.62 -5.37 5.11
N SER A 6 19.17 -6.12 6.12
CA SER A 6 19.83 -6.11 7.41
C SER A 6 19.05 -6.97 8.40
N GLY A 7 19.78 -7.75 9.16
CA GLY A 7 19.17 -8.62 10.15
C GLY A 7 18.47 -9.81 9.50
N MET A 8 18.19 -10.81 10.30
CA MET A 8 17.52 -12.01 9.81
C MET A 8 17.02 -12.87 10.96
N ALA A 9 15.76 -12.64 11.32
CA ALA A 9 15.14 -13.39 12.40
C ALA A 9 13.65 -13.02 12.48
N SER A 10 13.41 -11.74 12.69
CA SER A 10 12.04 -11.26 12.78
C SER A 10 11.20 -11.80 11.63
N GLU A 11 9.91 -11.51 11.68
CA GLU A 11 9.00 -11.97 10.65
C GLU A 11 7.57 -11.53 10.97
N GLU A 12 6.83 -11.22 9.92
CA GLU A 12 5.44 -10.79 10.08
C GLU A 12 4.49 -11.91 9.68
N LEU A 13 3.24 -11.76 10.10
CA LEU A 13 2.22 -12.75 9.78
C LEU A 13 2.11 -12.89 8.26
N TYR A 14 1.89 -11.77 7.61
CA TYR A 14 1.75 -11.75 6.16
C TYR A 14 2.49 -10.55 5.56
N GLU A 15 2.19 -10.30 4.29
CA GLU A 15 2.82 -9.19 3.59
C GLU A 15 1.77 -8.42 2.77
N VAL A 16 1.91 -7.11 2.78
CA VAL A 16 0.99 -6.25 2.05
C VAL A 16 1.07 -6.57 0.55
N GLU A 17 -0.07 -6.94 -0.01
CA GLU A 17 -0.13 -7.27 -1.42
C GLU A 17 -0.13 -6.00 -2.28
N ARG A 18 -1.02 -5.09 -1.91
CA ARG A 18 -1.13 -3.82 -2.62
C ARG A 18 -2.27 -2.98 -2.03
N ILE A 19 -2.30 -1.72 -2.45
CA ILE A 19 -3.32 -0.81 -1.97
C ILE A 19 -4.46 -0.75 -2.99
N VAL A 20 -5.67 -0.93 -2.49
CA VAL A 20 -6.85 -0.90 -3.33
C VAL A 20 -7.64 0.38 -3.06
N ASP A 21 -7.28 1.05 -1.98
CA ASP A 21 -7.94 2.29 -1.60
C ASP A 21 -7.19 2.91 -0.42
N LYS A 22 -7.54 4.16 -0.14
CA LYS A 22 -6.92 4.87 0.97
C LYS A 22 -7.82 6.04 1.38
N ARG A 23 -7.92 6.23 2.69
CA ARG A 23 -8.74 7.30 3.24
C ARG A 23 -8.37 7.57 4.69
N LYS A 24 -9.06 8.54 5.27
CA LYS A 24 -8.82 8.90 6.66
C LYS A 24 -10.01 8.48 7.51
N ASN A 25 -9.77 8.42 8.81
CA ASN A 25 -10.82 8.03 9.75
C ASN A 25 -11.24 9.25 10.57
N LYS A 26 -12.26 9.04 11.40
CA LYS A 26 -12.77 10.11 12.24
C LYS A 26 -11.69 10.52 13.24
N LYS A 27 -10.73 9.64 13.43
CA LYS A 27 -9.64 9.89 14.36
C LYS A 27 -8.65 10.86 13.71
N GLY A 28 -8.37 10.61 12.43
CA GLY A 28 -7.44 11.44 11.69
C GLY A 28 -6.24 10.63 11.20
N LYS A 29 -6.26 9.35 11.54
CA LYS A 29 -5.19 8.45 11.13
C LYS A 29 -5.39 8.05 9.67
N THR A 30 -4.27 7.96 8.96
CA THR A 30 -4.31 7.59 7.55
C THR A 30 -4.33 6.06 7.40
N GLU A 31 -5.37 5.58 6.74
CA GLU A 31 -5.53 4.16 6.53
C GLU A 31 -5.48 3.84 5.03
N TYR A 32 -5.00 2.65 4.73
CA TYR A 32 -4.88 2.21 3.35
C TYR A 32 -5.49 0.82 3.16
N LEU A 33 -6.38 0.72 2.18
CA LEU A 33 -7.04 -0.54 1.89
C LEU A 33 -6.05 -1.48 1.20
N VAL A 34 -5.66 -2.51 1.94
CA VAL A 34 -4.72 -3.48 1.41
C VAL A 34 -5.34 -4.88 1.50
N ARG A 35 -5.03 -5.69 0.50
CA ARG A 35 -5.56 -7.05 0.45
C ARG A 35 -4.64 -8.00 1.23
N TRP A 36 -5.07 -9.25 1.32
CA TRP A 36 -4.30 -10.25 2.02
C TRP A 36 -4.81 -11.63 1.59
N LYS A 37 -3.94 -12.62 1.74
CA LYS A 37 -4.30 -13.98 1.36
C LYS A 37 -5.02 -14.65 2.53
N GLY A 38 -5.66 -15.76 2.22
CA GLY A 38 -6.39 -16.52 3.24
C GLY A 38 -7.83 -16.02 3.34
N TYR A 39 -7.99 -14.72 3.19
CA TYR A 39 -9.30 -14.10 3.27
C TYR A 39 -9.93 -13.98 1.88
N ASP A 40 -11.20 -13.59 1.87
CA ASP A 40 -11.92 -13.43 0.63
C ASP A 40 -11.54 -12.10 -0.02
N SER A 41 -12.23 -11.79 -1.12
CA SER A 41 -11.96 -10.55 -1.83
C SER A 41 -12.64 -9.37 -1.12
N GLU A 42 -13.80 -9.64 -0.57
CA GLU A 42 -14.55 -8.63 0.13
C GLU A 42 -14.19 -8.63 1.62
N ASP A 43 -12.98 -9.09 1.90
CA ASP A 43 -12.49 -9.16 3.27
C ASP A 43 -11.46 -8.05 3.50
N ASP A 44 -11.00 -7.47 2.39
CA ASP A 44 -10.01 -6.42 2.45
C ASP A 44 -10.34 -5.49 3.63
N THR A 45 -9.31 -5.20 4.41
CA THR A 45 -9.47 -4.32 5.56
C THR A 45 -8.76 -2.99 5.33
N TRP A 46 -8.80 -2.15 6.35
CA TRP A 46 -8.16 -0.84 6.27
C TRP A 46 -7.10 -0.77 7.38
N GLU A 47 -5.85 -0.73 6.96
CA GLU A 47 -4.74 -0.66 7.90
C GLU A 47 -4.11 0.74 7.87
N PRO A 48 -3.73 1.22 9.08
CA PRO A 48 -3.11 2.53 9.21
C PRO A 48 -1.66 2.51 8.72
N GLU A 49 -1.32 3.52 7.94
CA GLU A 49 0.02 3.63 7.39
C GLU A 49 1.05 3.23 8.45
N GLN A 50 0.84 3.72 9.66
CA GLN A 50 1.73 3.43 10.76
C GLN A 50 1.94 1.91 10.89
N HIS A 51 0.84 1.19 10.76
CA HIS A 51 0.89 -0.27 10.86
C HIS A 51 1.45 -0.85 9.56
N LEU A 52 1.37 -0.04 8.51
CA LEU A 52 1.85 -0.47 7.21
C LEU A 52 3.31 -0.02 7.05
N VAL A 53 4.17 -0.57 7.90
CA VAL A 53 5.58 -0.24 7.86
C VAL A 53 6.23 -0.90 6.65
N ASN A 54 7.10 -0.16 6.00
CA ASN A 54 7.79 -0.66 4.82
C ASN A 54 6.79 -0.83 3.68
N CYS A 55 5.61 -0.28 3.89
CA CYS A 55 4.55 -0.36 2.89
C CYS A 55 4.67 0.85 1.96
N GLU A 56 5.31 1.89 2.47
CA GLU A 56 5.50 3.11 1.71
C GLU A 56 5.72 2.78 0.23
N GLU A 57 6.48 1.72 0.01
CA GLU A 57 6.78 1.28 -1.35
C GLU A 57 5.48 1.10 -2.14
N TYR A 58 4.59 0.30 -1.58
CA TYR A 58 3.31 0.03 -2.21
C TYR A 58 2.45 1.30 -2.29
N ILE A 59 2.28 1.93 -1.13
CA ILE A 59 1.49 3.14 -1.05
C ILE A 59 1.94 4.12 -2.15
N HIS A 60 3.25 4.31 -2.21
CA HIS A 60 3.81 5.21 -3.21
C HIS A 60 3.20 4.91 -4.57
N ASP A 61 3.45 3.71 -5.05
CA ASP A 61 2.93 3.28 -6.34
C ASP A 61 1.43 3.55 -6.39
N PHE A 62 0.74 3.11 -5.35
CA PHE A 62 -0.70 3.31 -5.27
C PHE A 62 -1.06 4.78 -5.40
N ASN A 63 -0.26 5.61 -4.74
CA ASN A 63 -0.48 7.05 -4.77
C ASN A 63 -0.28 7.56 -6.19
N ARG A 64 0.77 7.07 -6.82
CA ARG A 64 1.08 7.48 -8.18
C ARG A 64 -0.13 7.27 -9.09
N ARG A 65 -0.67 6.06 -9.06
CA ARG A 65 -1.82 5.72 -9.85
C ARG A 65 -2.92 6.76 -9.66
N HIS A 66 -3.32 6.93 -8.40
CA HIS A 66 -4.36 7.90 -8.07
C HIS A 66 -3.94 9.29 -8.52
N THR A 67 -2.92 9.81 -7.84
CA THR A 67 -2.41 11.14 -8.17
C THR A 67 -2.12 11.25 -9.67
N GLU A 68 -2.22 12.48 -10.16
CA GLU A 68 -1.99 12.74 -11.57
C GLU A 68 -0.49 12.65 -11.88
N LYS A 69 -0.19 12.10 -13.05
CA LYS A 69 1.19 11.96 -13.47
C LYS A 69 1.65 13.24 -14.17
N GLN A 70 2.95 13.33 -14.39
CA GLN A 70 3.53 14.49 -15.05
C GLN A 70 5.02 14.29 -15.28
N LYS A 71 5.33 13.81 -16.48
CA LYS A 71 6.72 13.58 -16.85
C LYS A 71 7.32 14.85 -17.43
N GLU A 72 8.61 14.78 -17.72
CA GLU A 72 9.31 15.92 -18.28
C GLU A 72 9.38 17.05 -17.26
N SER A 73 10.41 17.03 -16.44
CA SER A 73 10.60 18.05 -15.43
C SER A 73 11.23 19.29 -16.05
N GLY A 74 12.40 19.10 -16.64
CA GLY A 74 13.11 20.20 -17.27
C GLY A 74 12.59 20.45 -18.69
N PRO A 75 12.13 21.71 -18.91
CA PRO A 75 11.61 22.09 -20.21
C PRO A 75 12.73 22.28 -21.22
N SER A 76 12.63 21.56 -22.33
CA SER A 76 13.63 21.64 -23.38
C SER A 76 13.18 22.62 -24.46
N SER A 77 14.09 22.90 -25.38
CA SER A 77 13.80 23.82 -26.47
C SER A 77 14.24 23.21 -27.80
N GLY A 78 13.50 23.57 -28.85
CA GLY A 78 13.80 23.06 -30.18
C GLY A 78 12.83 23.63 -31.21
N GLY A 1 13.82 10.95 0.82
CA GLY A 1 15.27 10.89 0.99
C GLY A 1 15.78 9.45 0.88
N SER A 2 15.68 8.91 -0.32
CA SER A 2 16.12 7.55 -0.58
C SER A 2 15.15 6.56 0.06
N SER A 3 15.08 6.62 1.38
CA SER A 3 14.21 5.74 2.14
C SER A 3 14.61 4.29 1.92
N GLY A 4 14.92 3.63 3.03
CA GLY A 4 15.33 2.23 2.97
C GLY A 4 16.71 2.05 3.60
N SER A 5 16.70 1.76 4.90
CA SER A 5 17.94 1.55 5.63
C SER A 5 18.00 0.13 6.18
N SER A 6 17.03 -0.18 7.03
CA SER A 6 16.94 -1.50 7.64
C SER A 6 15.49 -1.87 7.90
N GLY A 7 15.22 -3.16 7.85
CA GLY A 7 13.88 -3.66 8.07
C GLY A 7 13.84 -5.20 8.00
N MET A 8 13.17 -5.79 8.99
CA MET A 8 13.05 -7.24 9.05
C MET A 8 12.01 -7.66 10.08
N ALA A 9 12.20 -7.17 11.29
CA ALA A 9 11.29 -7.49 12.38
C ALA A 9 9.88 -7.00 12.02
N SER A 10 8.95 -7.93 12.01
CA SER A 10 7.57 -7.61 11.68
C SER A 10 6.63 -8.71 12.18
N GLU A 11 5.75 -8.33 13.10
CA GLU A 11 4.81 -9.28 13.66
C GLU A 11 3.42 -9.08 13.03
N GLU A 12 3.43 -8.72 11.76
CA GLU A 12 2.19 -8.49 11.04
C GLU A 12 1.49 -9.82 10.77
N LEU A 13 0.26 -9.72 10.29
CA LEU A 13 -0.53 -10.90 9.99
C LEU A 13 0.01 -11.54 8.71
N TYR A 14 0.15 -10.72 7.68
CA TYR A 14 0.66 -11.20 6.40
C TYR A 14 1.45 -10.10 5.68
N GLU A 15 1.71 -10.35 4.41
CA GLU A 15 2.46 -9.40 3.61
C GLU A 15 1.51 -8.57 2.74
N VAL A 16 1.72 -7.26 2.78
CA VAL A 16 0.89 -6.35 2.01
C VAL A 16 0.99 -6.71 0.52
N GLU A 17 -0.17 -6.91 -0.08
CA GLU A 17 -0.23 -7.25 -1.50
C GLU A 17 -0.24 -5.99 -2.35
N ARG A 18 -1.11 -5.07 -1.98
CA ARG A 18 -1.23 -3.81 -2.70
C ARG A 18 -2.34 -2.95 -2.09
N ILE A 19 -2.34 -1.68 -2.48
CA ILE A 19 -3.35 -0.76 -1.99
C ILE A 19 -4.50 -0.68 -2.99
N VAL A 20 -5.70 -0.86 -2.46
CA VAL A 20 -6.90 -0.81 -3.29
C VAL A 20 -7.67 0.47 -2.99
N ASP A 21 -7.28 1.12 -1.91
CA ASP A 21 -7.93 2.36 -1.50
C ASP A 21 -7.18 2.95 -0.30
N LYS A 22 -7.59 4.15 0.08
CA LYS A 22 -6.97 4.84 1.20
C LYS A 22 -7.89 5.97 1.66
N ARG A 23 -8.00 6.09 2.98
CA ARG A 23 -8.85 7.12 3.57
C ARG A 23 -8.41 7.40 5.01
N LYS A 24 -9.13 8.32 5.65
CA LYS A 24 -8.83 8.68 7.02
C LYS A 24 -10.00 8.28 7.92
N ASN A 25 -9.72 8.21 9.21
CA ASN A 25 -10.74 7.84 10.18
C ASN A 25 -11.28 9.10 10.84
N LYS A 26 -12.32 8.92 11.64
CA LYS A 26 -12.95 10.02 12.35
C LYS A 26 -11.88 10.77 13.16
N LYS A 27 -10.93 10.00 13.68
CA LYS A 27 -9.86 10.57 14.48
C LYS A 27 -8.93 11.38 13.57
N GLY A 28 -8.85 10.95 12.32
CA GLY A 28 -8.01 11.62 11.34
C GLY A 28 -6.78 10.77 11.00
N LYS A 29 -6.83 9.52 11.43
CA LYS A 29 -5.73 8.60 11.19
C LYS A 29 -5.79 8.13 9.73
N THR A 30 -4.63 8.10 9.10
CA THR A 30 -4.53 7.67 7.72
C THR A 30 -4.59 6.13 7.64
N GLU A 31 -5.42 5.66 6.72
CA GLU A 31 -5.57 4.22 6.53
C GLU A 31 -5.54 3.88 5.03
N TYR A 32 -4.94 2.74 4.74
CA TYR A 32 -4.83 2.29 3.35
C TYR A 32 -5.45 0.90 3.19
N LEU A 33 -6.36 0.80 2.22
CA LEU A 33 -7.02 -0.46 1.94
C LEU A 33 -6.05 -1.40 1.24
N VAL A 34 -5.66 -2.44 1.96
CA VAL A 34 -4.73 -3.43 1.41
C VAL A 34 -5.36 -4.81 1.50
N ARG A 35 -5.06 -5.63 0.50
CA ARG A 35 -5.59 -6.98 0.45
C ARG A 35 -4.66 -7.94 1.20
N TRP A 36 -5.11 -9.19 1.31
CA TRP A 36 -4.34 -10.20 2.01
C TRP A 36 -4.89 -11.57 1.59
N LYS A 37 -4.07 -12.59 1.81
CA LYS A 37 -4.46 -13.95 1.47
C LYS A 37 -5.66 -14.36 2.33
N GLY A 38 -6.56 -15.09 1.69
CA GLY A 38 -7.75 -15.56 2.40
C GLY A 38 -8.88 -14.54 2.30
N TYR A 39 -8.49 -13.27 2.44
CA TYR A 39 -9.46 -12.18 2.38
C TYR A 39 -9.94 -11.96 0.95
N ASP A 40 -11.22 -12.20 0.74
CA ASP A 40 -11.82 -12.03 -0.58
C ASP A 40 -11.72 -10.56 -0.99
N SER A 41 -12.61 -10.17 -1.90
CA SER A 41 -12.63 -8.80 -2.38
C SER A 41 -13.26 -7.89 -1.32
N GLU A 42 -14.42 -8.32 -0.82
CA GLU A 42 -15.14 -7.56 0.19
C GLU A 42 -14.70 -7.99 1.59
N ASP A 43 -13.48 -8.53 1.65
CA ASP A 43 -12.94 -8.98 2.92
C ASP A 43 -11.79 -8.07 3.33
N ASP A 44 -11.12 -7.52 2.32
CA ASP A 44 -9.99 -6.64 2.55
C ASP A 44 -10.31 -5.74 3.75
N THR A 45 -9.25 -5.32 4.43
CA THR A 45 -9.39 -4.45 5.58
C THR A 45 -8.68 -3.12 5.35
N TRP A 46 -8.68 -2.30 6.39
CA TRP A 46 -8.05 -0.99 6.31
C TRP A 46 -6.98 -0.91 7.40
N GLU A 47 -5.74 -0.74 6.95
CA GLU A 47 -4.62 -0.65 7.87
C GLU A 47 -4.00 0.75 7.82
N PRO A 48 -3.63 1.27 9.01
CA PRO A 48 -3.02 2.58 9.11
C PRO A 48 -1.57 2.55 8.64
N GLU A 49 -1.21 3.57 7.87
CA GLU A 49 0.14 3.67 7.35
C GLU A 49 1.16 3.26 8.41
N GLN A 50 0.89 3.69 9.63
CA GLN A 50 1.78 3.38 10.74
C GLN A 50 1.99 1.87 10.84
N HIS A 51 0.89 1.14 10.70
CA HIS A 51 0.95 -0.31 10.78
C HIS A 51 1.51 -0.87 9.46
N LEU A 52 1.46 -0.03 8.43
CA LEU A 52 1.95 -0.42 7.12
C LEU A 52 3.39 0.05 6.96
N VAL A 53 4.26 -0.53 7.78
CA VAL A 53 5.67 -0.18 7.74
C VAL A 53 6.34 -0.90 6.56
N ASN A 54 7.25 -0.19 5.92
CA ASN A 54 7.96 -0.75 4.78
C ASN A 54 6.98 -1.01 3.65
N CYS A 55 5.82 -0.38 3.75
CA CYS A 55 4.79 -0.53 2.74
C CYS A 55 4.82 0.70 1.84
N GLU A 56 5.50 1.73 2.32
CA GLU A 56 5.61 2.97 1.57
C GLU A 56 5.74 2.68 0.07
N GLU A 57 6.52 1.65 -0.23
CA GLU A 57 6.74 1.25 -1.61
C GLU A 57 5.39 1.10 -2.33
N TYR A 58 4.54 0.26 -1.77
CA TYR A 58 3.23 0.02 -2.35
C TYR A 58 2.39 1.30 -2.36
N ILE A 59 2.29 1.91 -1.19
CA ILE A 59 1.52 3.14 -1.06
C ILE A 59 1.96 4.13 -2.14
N HIS A 60 3.26 4.18 -2.37
CA HIS A 60 3.81 5.08 -3.37
C HIS A 60 3.24 4.71 -4.75
N ASP A 61 3.28 3.42 -5.03
CA ASP A 61 2.78 2.93 -6.31
C ASP A 61 1.28 3.21 -6.40
N PHE A 62 0.66 3.31 -5.24
CA PHE A 62 -0.78 3.57 -5.17
C PHE A 62 -1.06 5.06 -5.28
N ASN A 63 -0.10 5.86 -4.82
CA ASN A 63 -0.25 7.30 -4.86
C ASN A 63 0.14 7.81 -6.26
N ARG A 64 1.06 7.10 -6.87
CA ARG A 64 1.52 7.46 -8.21
C ARG A 64 0.47 7.06 -9.25
N ARG A 65 -0.31 6.05 -8.92
CA ARG A 65 -1.35 5.57 -9.81
C ARG A 65 -2.33 6.70 -10.14
N HIS A 66 -2.84 7.32 -9.07
CA HIS A 66 -3.78 8.41 -9.23
C HIS A 66 -3.20 9.47 -10.17
N THR A 67 -2.18 10.16 -9.66
CA THR A 67 -1.52 11.20 -10.44
C THR A 67 -0.88 10.60 -11.70
N GLU A 68 -1.26 11.16 -12.83
CA GLU A 68 -0.74 10.70 -14.11
C GLU A 68 0.62 11.34 -14.39
N LYS A 69 0.65 12.67 -14.29
CA LYS A 69 1.87 13.41 -14.52
C LYS A 69 2.19 13.40 -16.02
N GLN A 70 2.57 12.22 -16.50
CA GLN A 70 2.90 12.07 -17.91
C GLN A 70 2.23 10.81 -18.47
N LYS A 71 2.57 9.68 -17.87
CA LYS A 71 2.01 8.41 -18.30
C LYS A 71 2.53 8.08 -19.71
N GLU A 72 2.93 6.83 -19.88
CA GLU A 72 3.45 6.37 -21.16
C GLU A 72 3.79 4.88 -21.10
N SER A 73 3.20 4.13 -22.01
CA SER A 73 3.44 2.70 -22.07
C SER A 73 2.90 2.03 -20.80
N GLY A 74 1.62 1.71 -20.84
CA GLY A 74 0.97 1.07 -19.71
C GLY A 74 0.80 -0.43 -19.94
N PRO A 75 -0.48 -0.88 -19.87
CA PRO A 75 -0.80 -2.28 -20.09
C PRO A 75 -0.72 -2.64 -21.57
N SER A 76 -0.86 -3.93 -21.84
CA SER A 76 -0.80 -4.42 -23.21
C SER A 76 0.46 -3.91 -23.90
N SER A 77 1.56 -4.59 -23.63
CA SER A 77 2.84 -4.22 -24.21
C SER A 77 3.82 -5.39 -24.07
N GLY A 78 4.04 -5.80 -22.83
CA GLY A 78 4.96 -6.89 -22.55
C GLY A 78 5.43 -6.86 -21.10
N GLY A 1 23.06 3.33 -7.01
CA GLY A 1 22.90 3.44 -5.56
C GLY A 1 24.25 3.31 -4.85
N SER A 2 24.17 3.20 -3.54
CA SER A 2 25.37 3.08 -2.73
C SER A 2 25.15 2.05 -1.63
N SER A 3 24.14 2.30 -0.81
CA SER A 3 23.81 1.41 0.29
C SER A 3 22.83 0.33 -0.18
N GLY A 4 22.69 -0.70 0.62
CA GLY A 4 21.80 -1.80 0.31
C GLY A 4 21.67 -2.77 1.48
N SER A 5 20.61 -2.58 2.26
CA SER A 5 20.36 -3.42 3.41
C SER A 5 18.85 -3.60 3.60
N SER A 6 18.49 -4.80 4.05
CA SER A 6 17.09 -5.12 4.27
C SER A 6 16.85 -5.37 5.76
N GLY A 7 17.52 -6.40 6.27
CA GLY A 7 17.38 -6.75 7.68
C GLY A 7 17.44 -8.27 7.86
N MET A 8 18.06 -8.66 8.96
CA MET A 8 18.20 -10.08 9.27
C MET A 8 16.99 -10.59 10.07
N ALA A 9 16.45 -11.69 9.60
CA ALA A 9 15.29 -12.30 10.25
C ALA A 9 14.04 -11.48 9.91
N SER A 10 13.10 -12.15 9.26
CA SER A 10 11.86 -11.49 8.87
C SER A 10 10.72 -12.52 8.87
N GLU A 11 9.91 -12.45 9.92
CA GLU A 11 8.78 -13.36 10.06
C GLU A 11 7.58 -12.61 10.65
N GLU A 12 6.85 -11.93 9.77
CA GLU A 12 5.68 -11.19 10.20
C GLU A 12 4.42 -12.03 10.01
N LEU A 13 3.32 -11.52 10.54
CA LEU A 13 2.05 -12.21 10.45
C LEU A 13 1.69 -12.41 8.97
N TYR A 14 1.42 -11.31 8.30
CA TYR A 14 1.06 -11.36 6.89
C TYR A 14 1.90 -10.35 6.09
N GLU A 15 1.48 -10.15 4.85
CA GLU A 15 2.18 -9.24 3.97
C GLU A 15 1.18 -8.41 3.15
N VAL A 16 1.51 -7.14 2.98
CA VAL A 16 0.64 -6.24 2.23
C VAL A 16 0.70 -6.60 0.74
N GLU A 17 -0.44 -6.97 0.21
CA GLU A 17 -0.54 -7.35 -1.19
C GLU A 17 -0.49 -6.10 -2.08
N ARG A 18 -1.35 -5.15 -1.75
CA ARG A 18 -1.42 -3.91 -2.50
C ARG A 18 -2.54 -3.01 -1.96
N ILE A 19 -2.53 -1.77 -2.41
CA ILE A 19 -3.53 -0.81 -1.97
C ILE A 19 -4.66 -0.75 -3.01
N VAL A 20 -5.88 -0.86 -2.51
CA VAL A 20 -7.04 -0.83 -3.38
C VAL A 20 -7.81 0.48 -3.14
N ASP A 21 -7.57 1.05 -1.97
CA ASP A 21 -8.23 2.31 -1.61
C ASP A 21 -7.47 2.97 -0.46
N LYS A 22 -7.84 4.21 -0.19
CA LYS A 22 -7.21 4.95 0.89
C LYS A 22 -8.18 6.01 1.42
N ARG A 23 -8.17 6.17 2.73
CA ARG A 23 -9.06 7.13 3.37
C ARG A 23 -8.51 7.50 4.76
N LYS A 24 -9.26 8.37 5.43
CA LYS A 24 -8.87 8.81 6.76
C LYS A 24 -9.74 8.12 7.80
N ASN A 25 -9.17 7.91 8.98
CA ASN A 25 -9.89 7.25 10.06
C ASN A 25 -10.83 8.26 10.72
N LYS A 26 -11.54 7.79 11.72
CA LYS A 26 -12.48 8.64 12.45
C LYS A 26 -11.70 9.65 13.29
N LYS A 27 -10.59 9.18 13.84
CA LYS A 27 -9.75 10.03 14.67
C LYS A 27 -9.00 11.02 13.78
N GLY A 28 -8.69 10.56 12.57
CA GLY A 28 -7.99 11.40 11.62
C GLY A 28 -6.65 10.77 11.23
N LYS A 29 -6.65 9.44 11.15
CA LYS A 29 -5.45 8.71 10.79
C LYS A 29 -5.58 8.20 9.36
N THR A 30 -4.47 8.27 8.63
CA THR A 30 -4.45 7.82 7.25
C THR A 30 -4.63 6.30 7.18
N GLU A 31 -5.65 5.89 6.45
CA GLU A 31 -5.94 4.48 6.29
C GLU A 31 -5.83 4.07 4.82
N TYR A 32 -5.26 2.90 4.61
CA TYR A 32 -5.10 2.38 3.25
C TYR A 32 -5.71 0.99 3.11
N LEU A 33 -6.61 0.86 2.14
CA LEU A 33 -7.27 -0.41 1.90
C LEU A 33 -6.28 -1.38 1.24
N VAL A 34 -5.89 -2.39 2.01
CA VAL A 34 -4.96 -3.39 1.53
C VAL A 34 -5.59 -4.77 1.66
N ARG A 35 -5.30 -5.61 0.66
CA ARG A 35 -5.82 -6.96 0.66
C ARG A 35 -4.93 -7.89 1.48
N TRP A 36 -5.36 -9.13 1.60
CA TRP A 36 -4.61 -10.12 2.36
C TRP A 36 -5.11 -11.51 1.95
N LYS A 37 -4.21 -12.48 2.04
CA LYS A 37 -4.56 -13.85 1.68
C LYS A 37 -5.54 -14.40 2.72
N GLY A 38 -6.31 -15.39 2.27
CA GLY A 38 -7.30 -16.01 3.14
C GLY A 38 -8.63 -15.28 3.08
N TYR A 39 -8.54 -13.96 3.08
CA TYR A 39 -9.73 -13.12 3.03
C TYR A 39 -10.20 -12.93 1.59
N ASP A 40 -11.48 -12.61 1.46
CA ASP A 40 -12.07 -12.40 0.14
C ASP A 40 -11.75 -10.98 -0.33
N SER A 41 -12.57 -10.50 -1.25
CA SER A 41 -12.38 -9.16 -1.79
C SER A 41 -13.09 -8.13 -0.90
N GLU A 42 -14.27 -8.49 -0.46
CA GLU A 42 -15.05 -7.62 0.41
C GLU A 42 -14.60 -7.76 1.86
N ASP A 43 -13.58 -8.58 2.06
CA ASP A 43 -13.05 -8.81 3.38
C ASP A 43 -11.84 -7.90 3.62
N ASP A 44 -11.39 -7.30 2.53
CA ASP A 44 -10.25 -6.39 2.60
C ASP A 44 -10.37 -5.51 3.85
N THR A 45 -9.23 -5.28 4.48
CA THR A 45 -9.19 -4.46 5.67
C THR A 45 -8.46 -3.14 5.41
N TRP A 46 -8.61 -2.22 6.33
CA TRP A 46 -7.97 -0.92 6.21
C TRP A 46 -6.85 -0.85 7.24
N GLU A 47 -5.65 -0.56 6.75
CA GLU A 47 -4.48 -0.45 7.60
C GLU A 47 -3.89 0.95 7.54
N PRO A 48 -3.52 1.48 8.73
CA PRO A 48 -2.94 2.81 8.82
C PRO A 48 -1.49 2.81 8.32
N GLU A 49 -1.16 3.85 7.57
CA GLU A 49 0.18 3.98 7.03
C GLU A 49 1.22 3.69 8.12
N GLN A 50 0.99 4.27 9.29
CA GLN A 50 1.89 4.09 10.41
C GLN A 50 2.10 2.60 10.69
N HIS A 51 1.08 1.82 10.35
CA HIS A 51 1.13 0.39 10.55
C HIS A 51 1.70 -0.30 9.30
N LEU A 52 1.58 0.41 8.19
CA LEU A 52 2.08 -0.10 6.92
C LEU A 52 3.55 0.27 6.77
N VAL A 53 4.33 -0.11 7.77
CA VAL A 53 5.75 0.18 7.76
C VAL A 53 6.45 -0.72 6.74
N ASN A 54 7.45 -0.17 6.09
CA ASN A 54 8.20 -0.91 5.09
C ASN A 54 7.25 -1.37 3.98
N CYS A 55 6.08 -0.73 3.95
CA CYS A 55 5.08 -1.06 2.95
C CYS A 55 4.78 0.19 2.14
N GLU A 56 5.53 1.24 2.44
CA GLU A 56 5.35 2.51 1.74
C GLU A 56 5.40 2.29 0.23
N GLU A 57 6.24 1.36 -0.18
CA GLU A 57 6.39 1.03 -1.59
C GLU A 57 5.03 1.01 -2.28
N TYR A 58 4.19 0.07 -1.82
CA TYR A 58 2.86 -0.07 -2.38
C TYR A 58 2.09 1.25 -2.30
N ILE A 59 2.05 1.80 -1.09
CA ILE A 59 1.34 3.05 -0.87
C ILE A 59 1.81 4.08 -1.91
N HIS A 60 3.12 4.21 -2.02
CA HIS A 60 3.71 5.15 -2.96
C HIS A 60 3.17 4.88 -4.36
N ASP A 61 3.22 3.60 -4.74
CA ASP A 61 2.74 3.21 -6.05
C ASP A 61 1.25 3.54 -6.17
N PHE A 62 0.55 3.36 -5.07
CA PHE A 62 -0.88 3.65 -5.04
C PHE A 62 -1.14 5.15 -5.11
N ASN A 63 -0.18 5.92 -4.60
CA ASN A 63 -0.30 7.37 -4.61
C ASN A 63 0.22 7.91 -5.95
N ARG A 64 1.25 7.26 -6.45
CA ARG A 64 1.85 7.66 -7.72
C ARG A 64 1.00 7.17 -8.89
N ARG A 65 0.27 6.09 -8.63
CA ARG A 65 -0.59 5.51 -9.66
C ARG A 65 -1.52 6.58 -10.24
N HIS A 66 -2.22 7.26 -9.34
CA HIS A 66 -3.15 8.30 -9.76
C HIS A 66 -2.45 9.22 -10.77
N THR A 67 -1.41 9.90 -10.30
CA THR A 67 -0.66 10.81 -11.14
C THR A 67 -0.04 10.06 -12.32
N GLU A 68 0.02 10.73 -13.45
CA GLU A 68 0.59 10.14 -14.65
C GLU A 68 1.78 10.97 -15.14
N LYS A 69 2.95 10.40 -14.97
CA LYS A 69 4.18 11.08 -15.40
C LYS A 69 5.15 10.05 -15.98
N GLN A 70 5.51 9.09 -15.14
CA GLN A 70 6.43 8.04 -15.55
C GLN A 70 6.02 7.48 -16.91
N LYS A 71 4.92 6.74 -16.90
CA LYS A 71 4.40 6.15 -18.13
C LYS A 71 3.45 7.13 -18.80
N GLU A 72 2.73 6.61 -19.80
CA GLU A 72 1.78 7.44 -20.53
C GLU A 72 2.50 8.61 -21.20
N SER A 73 1.80 9.25 -22.12
CA SER A 73 2.35 10.38 -22.84
C SER A 73 2.65 11.52 -21.86
N GLY A 74 1.62 11.95 -21.16
CA GLY A 74 1.76 13.03 -20.20
C GLY A 74 2.53 14.20 -20.79
N PRO A 75 3.32 14.88 -19.91
CA PRO A 75 4.11 16.02 -20.33
C PRO A 75 5.33 15.57 -21.14
N SER A 76 5.31 15.89 -22.43
CA SER A 76 6.41 15.53 -23.31
C SER A 76 7.74 15.81 -22.62
N SER A 77 8.54 14.75 -22.52
CA SER A 77 9.85 14.87 -21.89
C SER A 77 10.54 13.51 -21.87
N GLY A 78 11.85 13.54 -22.06
CA GLY A 78 12.64 12.31 -22.06
C GLY A 78 14.14 12.62 -21.95
N GLY A 1 27.52 -8.63 -8.09
CA GLY A 1 26.62 -9.51 -8.80
C GLY A 1 26.44 -10.83 -8.05
N SER A 2 25.20 -11.12 -7.69
CA SER A 2 24.88 -12.34 -6.98
C SER A 2 24.40 -13.42 -7.96
N SER A 3 24.48 -14.66 -7.51
CA SER A 3 24.05 -15.78 -8.33
C SER A 3 22.58 -16.09 -8.07
N GLY A 4 21.83 -16.22 -9.16
CA GLY A 4 20.41 -16.52 -9.06
C GLY A 4 20.18 -17.78 -8.23
N SER A 5 19.15 -17.70 -7.40
CA SER A 5 18.79 -18.83 -6.54
C SER A 5 17.30 -18.80 -6.23
N SER A 6 16.65 -19.93 -6.49
CA SER A 6 15.23 -20.06 -6.25
C SER A 6 14.98 -20.75 -4.91
N GLY A 7 13.73 -20.72 -4.48
CA GLY A 7 13.34 -21.34 -3.22
C GLY A 7 12.67 -20.32 -2.29
N MET A 8 11.51 -20.71 -1.80
CA MET A 8 10.76 -19.85 -0.91
C MET A 8 11.28 -19.96 0.52
N ALA A 9 11.30 -21.18 1.02
CA ALA A 9 11.78 -21.44 2.38
C ALA A 9 10.86 -20.73 3.37
N SER A 10 9.92 -21.50 3.91
CA SER A 10 8.97 -20.96 4.87
C SER A 10 8.11 -19.88 4.22
N GLU A 11 7.07 -19.49 4.94
CA GLU A 11 6.16 -18.47 4.44
C GLU A 11 5.76 -17.52 5.57
N GLU A 12 5.95 -16.23 5.32
CA GLU A 12 5.61 -15.21 6.29
C GLU A 12 4.11 -15.24 6.60
N LEU A 13 3.76 -14.68 7.74
CA LEU A 13 2.36 -14.63 8.15
C LEU A 13 1.51 -14.06 7.02
N TYR A 14 1.73 -12.77 6.76
CA TYR A 14 0.99 -12.09 5.70
C TYR A 14 1.71 -10.82 5.27
N GLU A 15 1.80 -10.64 3.95
CA GLU A 15 2.46 -9.48 3.40
C GLU A 15 1.46 -8.65 2.58
N VAL A 16 1.61 -7.34 2.69
CA VAL A 16 0.73 -6.43 1.96
C VAL A 16 0.86 -6.68 0.46
N GLU A 17 -0.25 -7.05 -0.15
CA GLU A 17 -0.28 -7.32 -1.57
C GLU A 17 -0.24 -6.01 -2.37
N ARG A 18 -1.13 -5.10 -2.00
CA ARG A 18 -1.19 -3.82 -2.68
C ARG A 18 -2.34 -2.98 -2.10
N ILE A 19 -2.29 -1.70 -2.38
CA ILE A 19 -3.31 -0.78 -1.91
C ILE A 19 -4.45 -0.71 -2.93
N VAL A 20 -5.67 -0.91 -2.45
CA VAL A 20 -6.84 -0.87 -3.30
C VAL A 20 -7.61 0.42 -3.04
N ASP A 21 -7.27 1.07 -1.93
CA ASP A 21 -7.93 2.30 -1.55
C ASP A 21 -7.18 2.93 -0.36
N LYS A 22 -7.55 4.17 -0.08
CA LYS A 22 -6.92 4.89 1.02
C LYS A 22 -7.85 6.00 1.50
N ARG A 23 -7.92 6.15 2.81
CA ARG A 23 -8.77 7.16 3.41
C ARG A 23 -8.34 7.45 4.85
N LYS A 24 -9.08 8.34 5.49
CA LYS A 24 -8.79 8.69 6.87
C LYS A 24 -9.97 8.28 7.76
N ASN A 25 -9.69 8.21 9.05
CA ASN A 25 -10.71 7.83 10.02
C ASN A 25 -11.26 9.09 10.69
N LYS A 26 -12.34 8.90 11.43
CA LYS A 26 -12.97 10.01 12.13
C LYS A 26 -11.94 10.68 13.05
N LYS A 27 -10.99 9.88 13.51
CA LYS A 27 -9.96 10.38 14.38
C LYS A 27 -8.98 11.26 13.58
N GLY A 28 -8.78 10.85 12.33
CA GLY A 28 -7.88 11.58 11.45
C GLY A 28 -6.69 10.72 11.06
N LYS A 29 -6.75 9.46 11.44
CA LYS A 29 -5.68 8.53 11.14
C LYS A 29 -5.79 8.08 9.68
N THR A 30 -4.65 8.08 9.01
CA THR A 30 -4.60 7.68 7.61
C THR A 30 -4.66 6.16 7.49
N GLU A 31 -5.57 5.69 6.64
CA GLU A 31 -5.74 4.26 6.43
C GLU A 31 -5.58 3.93 4.95
N TYR A 32 -5.08 2.73 4.70
CA TYR A 32 -4.88 2.27 3.34
C TYR A 32 -5.45 0.87 3.13
N LEU A 33 -6.40 0.79 2.21
CA LEU A 33 -7.04 -0.49 1.92
C LEU A 33 -6.05 -1.39 1.18
N VAL A 34 -5.65 -2.46 1.86
CA VAL A 34 -4.71 -3.41 1.28
C VAL A 34 -5.39 -4.77 1.13
N ARG A 35 -4.85 -5.56 0.21
CA ARG A 35 -5.39 -6.89 -0.03
C ARG A 35 -4.60 -7.95 0.75
N TRP A 36 -5.07 -9.18 0.66
CA TRP A 36 -4.42 -10.28 1.35
C TRP A 36 -4.91 -11.59 0.75
N LYS A 37 -4.38 -12.69 1.25
CA LYS A 37 -4.77 -14.00 0.77
C LYS A 37 -5.27 -14.85 1.95
N GLY A 38 -6.00 -15.90 1.60
CA GLY A 38 -6.56 -16.78 2.61
C GLY A 38 -7.92 -16.29 3.10
N TYR A 39 -7.93 -15.05 3.56
CA TYR A 39 -9.16 -14.45 4.05
C TYR A 39 -10.11 -14.10 2.90
N ASP A 40 -11.38 -14.04 3.22
CA ASP A 40 -12.39 -13.73 2.23
C ASP A 40 -12.11 -12.35 1.63
N SER A 41 -12.40 -12.22 0.34
CA SER A 41 -12.18 -10.96 -0.35
C SER A 41 -13.12 -9.89 0.19
N GLU A 42 -14.27 -10.34 0.67
CA GLU A 42 -15.26 -9.43 1.21
C GLU A 42 -15.00 -9.18 2.69
N ASP A 43 -13.72 -9.28 3.06
CA ASP A 43 -13.32 -9.06 4.43
C ASP A 43 -12.17 -8.04 4.46
N ASP A 44 -11.96 -7.39 3.33
CA ASP A 44 -10.90 -6.40 3.21
C ASP A 44 -10.80 -5.62 4.53
N THR A 45 -9.61 -5.09 4.76
CA THR A 45 -9.36 -4.32 5.97
C THR A 45 -8.65 -3.01 5.63
N TRP A 46 -8.74 -2.07 6.56
CA TRP A 46 -8.11 -0.77 6.38
C TRP A 46 -6.98 -0.64 7.40
N GLU A 47 -5.76 -0.69 6.90
CA GLU A 47 -4.59 -0.59 7.76
C GLU A 47 -3.99 0.81 7.66
N PRO A 48 -3.60 1.35 8.85
CA PRO A 48 -3.01 2.68 8.91
C PRO A 48 -1.57 2.67 8.41
N GLU A 49 -1.20 3.74 7.72
CA GLU A 49 0.13 3.86 7.18
C GLU A 49 1.18 3.47 8.24
N GLN A 50 0.88 3.82 9.48
CA GLN A 50 1.77 3.51 10.58
C GLN A 50 1.97 2.00 10.69
N HIS A 51 0.91 1.27 10.35
CA HIS A 51 0.95 -0.17 10.41
C HIS A 51 1.69 -0.73 9.19
N LEU A 52 1.51 -0.03 8.07
CA LEU A 52 2.14 -0.43 6.83
C LEU A 52 3.60 0.06 6.82
N VAL A 53 4.39 -0.54 7.70
CA VAL A 53 5.79 -0.19 7.80
C VAL A 53 6.59 -0.96 6.75
N ASN A 54 7.50 -0.24 6.09
CA ASN A 54 8.33 -0.85 5.07
C ASN A 54 7.47 -1.19 3.86
N CYS A 55 6.23 -0.72 3.90
CA CYS A 55 5.29 -0.97 2.81
C CYS A 55 5.06 0.35 2.07
N GLU A 56 5.98 1.28 2.28
CA GLU A 56 5.88 2.58 1.65
C GLU A 56 5.71 2.41 0.13
N GLU A 57 6.52 1.55 -0.44
CA GLU A 57 6.47 1.30 -1.86
C GLU A 57 5.02 1.23 -2.34
N TYR A 58 4.34 0.17 -1.92
CA TYR A 58 2.96 -0.03 -2.28
C TYR A 58 2.17 1.28 -2.21
N ILE A 59 2.16 1.85 -1.02
CA ILE A 59 1.45 3.11 -0.80
C ILE A 59 1.92 4.14 -1.83
N HIS A 60 3.23 4.28 -1.93
CA HIS A 60 3.81 5.22 -2.88
C HIS A 60 3.22 4.98 -4.27
N ASP A 61 3.48 3.79 -4.79
CA ASP A 61 2.99 3.41 -6.10
C ASP A 61 1.49 3.69 -6.18
N PHE A 62 0.78 3.19 -5.18
CA PHE A 62 -0.66 3.39 -5.12
C PHE A 62 -1.03 4.87 -5.20
N ASN A 63 -0.23 5.68 -4.53
CA ASN A 63 -0.45 7.12 -4.52
C ASN A 63 -0.29 7.66 -5.94
N ARG A 64 0.79 7.26 -6.58
CA ARG A 64 1.06 7.70 -7.93
C ARG A 64 -0.09 7.32 -8.86
N ARG A 65 -0.40 6.03 -8.90
CA ARG A 65 -1.47 5.54 -9.73
C ARG A 65 -2.76 6.34 -9.46
N HIS A 66 -3.03 6.53 -8.18
CA HIS A 66 -4.22 7.27 -7.78
C HIS A 66 -4.09 8.72 -8.22
N THR A 67 -3.14 9.42 -7.62
CA THR A 67 -2.90 10.81 -7.94
C THR A 67 -1.41 11.13 -7.89
N GLU A 68 -0.95 11.83 -8.92
CA GLU A 68 0.45 12.21 -9.00
C GLU A 68 0.66 13.62 -8.46
N LYS A 69 -0.08 14.56 -9.06
CA LYS A 69 0.02 15.95 -8.65
C LYS A 69 -1.00 16.21 -7.53
N GLN A 70 -0.61 17.09 -6.62
CA GLN A 70 -1.48 17.44 -5.50
C GLN A 70 -0.79 18.49 -4.61
N LYS A 71 -0.71 19.70 -5.14
CA LYS A 71 -0.09 20.79 -4.40
C LYS A 71 -0.29 22.10 -5.17
N GLU A 72 -0.62 23.14 -4.43
CA GLU A 72 -0.84 24.45 -5.03
C GLU A 72 -0.51 25.55 -4.02
N SER A 73 0.64 26.18 -4.26
CA SER A 73 1.09 27.25 -3.38
C SER A 73 2.30 27.96 -4.00
N GLY A 74 2.41 29.24 -3.72
CA GLY A 74 3.52 30.04 -4.23
C GLY A 74 3.54 31.42 -3.59
N PRO A 75 4.79 31.93 -3.37
CA PRO A 75 4.96 33.23 -2.76
C PRO A 75 4.66 34.35 -3.76
N SER A 76 3.43 34.32 -4.27
CA SER A 76 2.99 35.32 -5.23
C SER A 76 1.56 35.03 -5.67
N SER A 77 0.76 36.09 -5.74
CA SER A 77 -0.63 35.96 -6.14
C SER A 77 -1.02 37.13 -7.04
N GLY A 78 -1.45 36.80 -8.24
CA GLY A 78 -1.86 37.80 -9.21
C GLY A 78 -0.66 38.33 -10.00
N GLY A 1 14.91 17.45 2.21
CA GLY A 1 13.49 17.37 1.96
C GLY A 1 12.95 15.98 2.30
N SER A 2 13.15 15.59 3.54
CA SER A 2 12.70 14.29 4.00
C SER A 2 13.27 13.19 3.10
N SER A 3 14.36 12.60 3.56
CA SER A 3 15.01 11.54 2.83
C SER A 3 16.12 10.91 3.67
N GLY A 4 15.99 9.60 3.88
CA GLY A 4 16.96 8.86 4.67
C GLY A 4 16.28 7.74 5.45
N SER A 5 16.70 6.52 5.16
CA SER A 5 16.14 5.36 5.83
C SER A 5 16.70 4.08 5.19
N SER A 6 16.78 3.04 6.02
CA SER A 6 17.28 1.76 5.55
C SER A 6 16.85 0.65 6.52
N GLY A 7 17.05 -0.59 6.07
CA GLY A 7 16.69 -1.74 6.87
C GLY A 7 15.62 -2.59 6.19
N MET A 8 15.73 -3.89 6.40
CA MET A 8 14.78 -4.82 5.80
C MET A 8 15.13 -6.27 6.16
N ALA A 9 14.61 -6.69 7.31
CA ALA A 9 14.86 -8.05 7.77
C ALA A 9 14.06 -8.30 9.05
N SER A 10 13.21 -9.32 8.99
CA SER A 10 12.37 -9.67 10.12
C SER A 10 11.31 -10.69 9.70
N GLU A 11 10.38 -10.95 10.61
CA GLU A 11 9.32 -11.90 10.35
C GLU A 11 7.97 -11.30 10.77
N GLU A 12 7.13 -11.06 9.77
CA GLU A 12 5.81 -10.50 10.02
C GLU A 12 4.74 -11.56 9.82
N LEU A 13 3.50 -11.16 10.08
CA LEU A 13 2.37 -12.07 9.93
C LEU A 13 2.15 -12.36 8.44
N TYR A 14 2.07 -11.28 7.67
CA TYR A 14 1.86 -11.41 6.23
C TYR A 14 2.57 -10.28 5.48
N GLU A 15 2.22 -10.15 4.21
CA GLU A 15 2.81 -9.13 3.36
C GLU A 15 1.71 -8.33 2.65
N VAL A 16 1.97 -7.05 2.49
CA VAL A 16 1.01 -6.17 1.83
C VAL A 16 1.02 -6.46 0.33
N GLU A 17 -0.12 -6.93 -0.17
CA GLU A 17 -0.25 -7.25 -1.57
C GLU A 17 -0.26 -5.98 -2.41
N ARG A 18 -1.14 -5.07 -2.03
CA ARG A 18 -1.27 -3.80 -2.74
C ARG A 18 -2.40 -2.97 -2.14
N ILE A 19 -2.45 -1.71 -2.56
CA ILE A 19 -3.47 -0.81 -2.08
C ILE A 19 -4.62 -0.75 -3.09
N VAL A 20 -5.83 -0.93 -2.57
CA VAL A 20 -7.01 -0.91 -3.42
C VAL A 20 -7.80 0.38 -3.13
N ASP A 21 -7.58 0.92 -1.95
CA ASP A 21 -8.26 2.15 -1.55
C ASP A 21 -7.49 2.79 -0.40
N LYS A 22 -7.92 4.00 -0.05
CA LYS A 22 -7.28 4.73 1.03
C LYS A 22 -8.27 5.75 1.61
N ARG A 23 -8.26 5.87 2.92
CA ARG A 23 -9.14 6.80 3.60
C ARG A 23 -8.57 7.17 4.97
N LYS A 24 -9.25 8.10 5.63
CA LYS A 24 -8.83 8.56 6.94
C LYS A 24 -9.93 8.24 7.96
N ASN A 25 -9.52 8.16 9.22
CA ASN A 25 -10.45 7.88 10.29
C ASN A 25 -10.91 9.19 10.92
N LYS A 26 -11.92 9.08 11.78
CA LYS A 26 -12.46 10.25 12.45
C LYS A 26 -11.33 10.97 13.20
N LYS A 27 -10.39 10.17 13.68
CA LYS A 27 -9.26 10.72 14.41
C LYS A 27 -8.35 11.50 13.45
N GLY A 28 -8.31 11.01 12.22
CA GLY A 28 -7.49 11.64 11.20
C GLY A 28 -6.30 10.76 10.82
N LYS A 29 -6.43 9.48 11.14
CA LYS A 29 -5.37 8.52 10.84
C LYS A 29 -5.54 8.03 9.40
N THR A 30 -4.42 7.97 8.70
CA THR A 30 -4.42 7.52 7.32
C THR A 30 -4.55 6.00 7.25
N GLU A 31 -5.60 5.55 6.56
CA GLU A 31 -5.84 4.13 6.42
C GLU A 31 -5.84 3.73 4.95
N TYR A 32 -5.00 2.77 4.61
CA TYR A 32 -4.90 2.29 3.25
C TYR A 32 -5.48 0.89 3.11
N LEU A 33 -6.41 0.75 2.17
CA LEU A 33 -7.05 -0.52 1.92
C LEU A 33 -6.06 -1.46 1.22
N VAL A 34 -5.67 -2.51 1.92
CA VAL A 34 -4.73 -3.47 1.38
C VAL A 34 -5.35 -4.87 1.48
N ARG A 35 -5.00 -5.70 0.51
CA ARG A 35 -5.50 -7.06 0.46
C ARG A 35 -4.55 -8.00 1.21
N TRP A 36 -4.97 -9.26 1.32
CA TRP A 36 -4.16 -10.26 2.00
C TRP A 36 -4.67 -11.64 1.59
N LYS A 37 -3.86 -12.65 1.86
CA LYS A 37 -4.22 -14.01 1.52
C LYS A 37 -5.23 -14.54 2.55
N GLY A 38 -6.15 -15.35 2.06
CA GLY A 38 -7.17 -15.93 2.91
C GLY A 38 -8.43 -15.05 2.93
N TYR A 39 -8.20 -13.74 2.93
CA TYR A 39 -9.29 -12.79 2.96
C TYR A 39 -9.74 -12.44 1.53
N ASP A 40 -10.96 -12.85 1.22
CA ASP A 40 -11.53 -12.59 -0.10
C ASP A 40 -11.37 -11.10 -0.42
N SER A 41 -11.82 -10.74 -1.62
CA SER A 41 -11.73 -9.37 -2.07
C SER A 41 -12.66 -8.48 -1.24
N GLU A 42 -13.78 -9.07 -0.83
CA GLU A 42 -14.75 -8.35 -0.03
C GLU A 42 -14.45 -8.53 1.46
N ASP A 43 -13.31 -9.16 1.73
CA ASP A 43 -12.89 -9.39 3.09
C ASP A 43 -11.71 -8.47 3.43
N ASP A 44 -11.23 -7.79 2.40
CA ASP A 44 -10.11 -6.87 2.58
C ASP A 44 -10.29 -6.10 3.89
N THR A 45 -9.17 -5.63 4.41
CA THR A 45 -9.18 -4.86 5.65
C THR A 45 -8.59 -3.47 5.44
N TRP A 46 -8.88 -2.59 6.38
CA TRP A 46 -8.38 -1.23 6.31
C TRP A 46 -7.28 -1.07 7.36
N GLU A 47 -6.05 -1.12 6.88
CA GLU A 47 -4.90 -0.99 7.76
C GLU A 47 -4.43 0.47 7.80
N PRO A 48 -3.87 0.86 8.97
CA PRO A 48 -3.37 2.21 9.15
C PRO A 48 -2.04 2.42 8.41
N GLU A 49 -1.73 3.68 8.16
CA GLU A 49 -0.50 4.02 7.46
C GLU A 49 0.70 3.83 8.39
N GLN A 50 0.44 3.97 9.67
CA GLN A 50 1.49 3.82 10.67
C GLN A 50 1.87 2.34 10.82
N HIS A 51 0.93 1.49 10.47
CA HIS A 51 1.15 0.05 10.56
C HIS A 51 1.83 -0.44 9.28
N LEU A 52 1.54 0.26 8.20
CA LEU A 52 2.12 -0.09 6.91
C LEU A 52 3.57 0.40 6.84
N VAL A 53 4.39 -0.16 7.72
CA VAL A 53 5.79 0.22 7.77
C VAL A 53 6.58 -0.67 6.80
N ASN A 54 7.56 -0.05 6.15
CA ASN A 54 8.39 -0.76 5.19
C ASN A 54 7.52 -1.25 4.03
N CYS A 55 6.31 -0.72 3.96
CA CYS A 55 5.38 -1.09 2.91
C CYS A 55 4.96 0.18 2.18
N GLU A 56 5.63 1.27 2.52
CA GLU A 56 5.33 2.56 1.90
C GLU A 56 5.41 2.45 0.38
N GLU A 57 6.26 1.53 -0.07
CA GLU A 57 6.45 1.31 -1.49
C GLU A 57 5.10 1.28 -2.21
N TYR A 58 4.32 0.25 -1.91
CA TYR A 58 3.01 0.09 -2.51
C TYR A 58 2.20 1.39 -2.40
N ILE A 59 2.09 1.88 -1.18
CA ILE A 59 1.36 3.10 -0.93
C ILE A 59 1.79 4.18 -1.93
N HIS A 60 3.09 4.29 -2.11
CA HIS A 60 3.65 5.26 -3.03
C HIS A 60 3.12 4.99 -4.43
N ASP A 61 3.15 3.72 -4.81
CA ASP A 61 2.68 3.31 -6.13
C ASP A 61 1.19 3.62 -6.25
N PHE A 62 0.49 3.45 -5.13
CA PHE A 62 -0.94 3.71 -5.10
C PHE A 62 -1.23 5.21 -5.15
N ASN A 63 -0.26 5.98 -4.68
CA ASN A 63 -0.40 7.43 -4.66
C ASN A 63 0.11 8.00 -5.99
N ARG A 64 1.09 7.30 -6.56
CA ARG A 64 1.67 7.72 -7.82
C ARG A 64 0.84 7.19 -8.99
N ARG A 65 0.17 6.08 -8.75
CA ARG A 65 -0.65 5.46 -9.77
C ARG A 65 -1.69 6.45 -10.29
N HIS A 66 -2.34 7.13 -9.35
CA HIS A 66 -3.35 8.10 -9.71
C HIS A 66 -2.68 9.39 -10.19
N THR A 67 -1.96 10.03 -9.27
CA THR A 67 -1.26 11.25 -9.59
C THR A 67 0.20 10.97 -9.92
N GLU A 68 0.58 11.33 -11.15
CA GLU A 68 1.94 11.11 -11.60
C GLU A 68 2.93 11.77 -10.63
N LYS A 69 4.06 11.09 -10.43
CA LYS A 69 5.08 11.60 -9.54
C LYS A 69 6.38 10.82 -9.78
N GLN A 70 6.29 9.51 -9.58
CA GLN A 70 7.45 8.65 -9.76
C GLN A 70 8.48 8.89 -8.65
N LYS A 71 9.01 10.10 -8.63
CA LYS A 71 10.00 10.47 -7.64
C LYS A 71 11.28 9.66 -7.87
N GLU A 72 12.40 10.31 -7.61
CA GLU A 72 13.69 9.66 -7.79
C GLU A 72 13.87 9.24 -9.25
N SER A 73 14.67 10.01 -9.96
CA SER A 73 14.94 9.71 -11.37
C SER A 73 15.35 8.25 -11.52
N GLY A 74 14.89 7.65 -12.62
CA GLY A 74 15.19 6.26 -12.90
C GLY A 74 16.52 6.13 -13.63
N PRO A 75 17.11 4.91 -13.54
CA PRO A 75 18.38 4.64 -14.18
C PRO A 75 18.21 4.49 -15.69
N SER A 76 19.34 4.37 -16.38
CA SER A 76 19.33 4.22 -17.82
C SER A 76 20.42 3.23 -18.25
N SER A 77 21.66 3.57 -17.89
CA SER A 77 22.79 2.73 -18.24
C SER A 77 22.44 1.26 -18.01
N GLY A 78 22.51 0.49 -19.08
CA GLY A 78 22.20 -0.93 -19.00
C GLY A 78 23.08 -1.73 -19.97
N GLY A 1 14.36 -11.51 -4.33
CA GLY A 1 14.79 -11.44 -5.72
C GLY A 1 14.13 -10.24 -6.43
N SER A 2 14.74 -9.08 -6.25
CA SER A 2 14.23 -7.87 -6.86
C SER A 2 15.38 -6.94 -7.23
N SER A 3 16.15 -6.57 -6.20
CA SER A 3 17.28 -5.69 -6.40
C SER A 3 18.43 -6.10 -5.48
N GLY A 4 18.14 -6.11 -4.19
CA GLY A 4 19.14 -6.48 -3.19
C GLY A 4 18.49 -6.81 -1.86
N SER A 5 17.97 -8.03 -1.77
CA SER A 5 17.33 -8.49 -0.55
C SER A 5 18.06 -9.69 0.03
N SER A 6 17.90 -9.88 1.33
CA SER A 6 18.55 -10.99 2.00
C SER A 6 17.50 -12.02 2.44
N GLY A 7 17.94 -13.27 2.50
CA GLY A 7 17.05 -14.36 2.89
C GLY A 7 16.83 -15.33 1.75
N MET A 8 16.66 -16.60 2.10
CA MET A 8 16.45 -17.63 1.11
C MET A 8 15.21 -18.47 1.44
N ALA A 9 14.09 -17.77 1.58
CA ALA A 9 12.84 -18.42 1.91
C ALA A 9 11.68 -17.44 1.68
N SER A 10 10.55 -18.00 1.26
CA SER A 10 9.37 -17.19 1.01
C SER A 10 8.14 -17.81 1.67
N GLU A 11 7.91 -17.43 2.91
CA GLU A 11 6.79 -17.94 3.67
C GLU A 11 6.65 -17.21 5.00
N GLU A 12 5.88 -16.13 4.97
CA GLU A 12 5.67 -15.34 6.17
C GLU A 12 4.19 -15.38 6.58
N LEU A 13 3.91 -14.75 7.71
CA LEU A 13 2.55 -14.72 8.21
C LEU A 13 1.64 -14.04 7.19
N TYR A 14 1.95 -12.79 6.89
CA TYR A 14 1.18 -12.03 5.94
C TYR A 14 1.96 -10.80 5.46
N GLU A 15 1.89 -10.58 4.15
CA GLU A 15 2.59 -9.44 3.55
C GLU A 15 1.63 -8.63 2.69
N VAL A 16 1.78 -7.31 2.76
CA VAL A 16 0.94 -6.41 2.00
C VAL A 16 1.00 -6.79 0.51
N GLU A 17 -0.16 -7.01 -0.06
CA GLU A 17 -0.25 -7.37 -1.46
C GLU A 17 -0.25 -6.12 -2.34
N ARG A 18 -1.10 -5.17 -1.96
CA ARG A 18 -1.21 -3.93 -2.70
C ARG A 18 -2.31 -3.04 -2.10
N ILE A 19 -2.27 -1.78 -2.47
CA ILE A 19 -3.25 -0.82 -1.97
C ILE A 19 -4.43 -0.73 -2.96
N VAL A 20 -5.62 -0.91 -2.42
CA VAL A 20 -6.82 -0.85 -3.23
C VAL A 20 -7.54 0.47 -2.99
N ASP A 21 -7.14 1.13 -1.90
CA ASP A 21 -7.74 2.41 -1.54
C ASP A 21 -6.98 2.99 -0.34
N LYS A 22 -7.44 4.17 0.07
CA LYS A 22 -6.81 4.85 1.19
C LYS A 22 -7.65 6.07 1.58
N ARG A 23 -7.92 6.19 2.87
CA ARG A 23 -8.71 7.31 3.37
C ARG A 23 -8.30 7.64 4.81
N LYS A 24 -8.96 8.65 5.36
CA LYS A 24 -8.68 9.07 6.72
C LYS A 24 -9.84 8.67 7.63
N ASN A 25 -9.52 8.44 8.89
CA ASN A 25 -10.53 8.07 9.87
C ASN A 25 -11.12 9.32 10.51
N LYS A 26 -12.05 9.10 11.41
CA LYS A 26 -12.70 10.21 12.11
C LYS A 26 -11.65 10.97 12.93
N LYS A 27 -10.81 10.21 13.62
CA LYS A 27 -9.77 10.79 14.44
C LYS A 27 -8.78 11.53 13.54
N GLY A 28 -8.65 11.04 12.32
CA GLY A 28 -7.75 11.65 11.36
C GLY A 28 -6.57 10.71 11.05
N LYS A 29 -6.81 9.43 11.26
CA LYS A 29 -5.79 8.43 11.01
C LYS A 29 -5.86 7.98 9.55
N THR A 30 -4.69 7.83 8.96
CA THR A 30 -4.60 7.41 7.57
C THR A 30 -4.69 5.87 7.47
N GLU A 31 -5.66 5.42 6.70
CA GLU A 31 -5.86 3.99 6.51
C GLU A 31 -5.83 3.64 5.02
N TYR A 32 -5.01 2.65 4.70
CA TYR A 32 -4.87 2.21 3.33
C TYR A 32 -5.49 0.82 3.13
N LEU A 33 -6.31 0.73 2.09
CA LEU A 33 -6.98 -0.52 1.78
C LEU A 33 -5.96 -1.49 1.14
N VAL A 34 -5.59 -2.50 1.92
CA VAL A 34 -4.64 -3.49 1.45
C VAL A 34 -5.26 -4.89 1.57
N ARG A 35 -5.00 -5.70 0.56
CA ARG A 35 -5.53 -7.06 0.53
C ARG A 35 -4.60 -8.00 1.29
N TRP A 36 -5.05 -9.23 1.45
CA TRP A 36 -4.27 -10.24 2.15
C TRP A 36 -4.81 -11.61 1.75
N LYS A 37 -3.97 -12.63 1.95
CA LYS A 37 -4.34 -13.99 1.63
C LYS A 37 -5.47 -14.44 2.56
N GLY A 38 -6.34 -15.29 2.02
CA GLY A 38 -7.47 -15.80 2.80
C GLY A 38 -8.66 -14.86 2.72
N TYR A 39 -8.37 -13.57 2.85
CA TYR A 39 -9.41 -12.56 2.80
C TYR A 39 -9.76 -12.21 1.35
N ASP A 40 -11.02 -12.48 0.99
CA ASP A 40 -11.50 -12.20 -0.35
C ASP A 40 -11.32 -10.71 -0.65
N SER A 41 -11.95 -10.28 -1.73
CA SER A 41 -11.87 -8.89 -2.14
C SER A 41 -12.74 -8.02 -1.22
N GLU A 42 -13.88 -8.59 -0.83
CA GLU A 42 -14.81 -7.89 0.03
C GLU A 42 -14.44 -8.12 1.50
N ASP A 43 -13.44 -8.95 1.70
CA ASP A 43 -12.97 -9.27 3.05
C ASP A 43 -11.82 -8.34 3.41
N ASP A 44 -11.27 -7.69 2.39
CA ASP A 44 -10.16 -6.78 2.59
C ASP A 44 -10.40 -5.97 3.87
N THR A 45 -9.31 -5.42 4.41
CA THR A 45 -9.39 -4.62 5.61
C THR A 45 -8.66 -3.29 5.42
N TRP A 46 -8.79 -2.44 6.43
CA TRP A 46 -8.15 -1.12 6.38
C TRP A 46 -7.04 -1.12 7.43
N GLU A 47 -5.83 -0.82 6.97
CA GLU A 47 -4.69 -0.77 7.86
C GLU A 47 -4.07 0.63 7.86
N PRO A 48 -3.67 1.09 9.07
CA PRO A 48 -3.08 2.42 9.21
C PRO A 48 -1.63 2.41 8.70
N GLU A 49 -1.31 3.44 7.93
CA GLU A 49 0.02 3.58 7.38
C GLU A 49 1.07 3.15 8.41
N GLN A 50 0.90 3.67 9.63
CA GLN A 50 1.82 3.34 10.71
C GLN A 50 2.03 1.83 10.80
N HIS A 51 0.92 1.11 10.70
CA HIS A 51 0.98 -0.35 10.77
C HIS A 51 1.54 -0.90 9.46
N LEU A 52 1.45 -0.09 8.41
CA LEU A 52 1.94 -0.49 7.11
C LEU A 52 3.39 -0.01 6.96
N VAL A 53 4.26 -0.60 7.77
CA VAL A 53 5.66 -0.25 7.73
C VAL A 53 6.34 -0.95 6.54
N ASN A 54 7.27 -0.24 5.93
CA ASN A 54 7.99 -0.79 4.79
C ASN A 54 7.00 -1.03 3.65
N CYS A 55 5.83 -0.42 3.77
CA CYS A 55 4.80 -0.57 2.76
C CYS A 55 4.81 0.68 1.87
N GLU A 56 5.49 1.71 2.36
CA GLU A 56 5.58 2.96 1.64
C GLU A 56 5.70 2.69 0.13
N GLU A 57 6.53 1.71 -0.20
CA GLU A 57 6.74 1.35 -1.59
C GLU A 57 5.39 1.19 -2.31
N TYR A 58 4.56 0.32 -1.76
CA TYR A 58 3.25 0.07 -2.33
C TYR A 58 2.40 1.36 -2.32
N ILE A 59 2.27 1.93 -1.14
CA ILE A 59 1.50 3.16 -0.99
C ILE A 59 1.95 4.18 -2.03
N HIS A 60 3.24 4.44 -2.04
CA HIS A 60 3.81 5.39 -2.97
C HIS A 60 3.21 5.15 -4.37
N ASP A 61 3.47 3.97 -4.90
CA ASP A 61 2.97 3.61 -6.21
C ASP A 61 1.47 3.87 -6.27
N PHE A 62 0.77 3.30 -5.29
CA PHE A 62 -0.67 3.47 -5.21
C PHE A 62 -1.06 4.94 -5.26
N ASN A 63 -0.28 5.75 -4.57
CA ASN A 63 -0.53 7.18 -4.52
C ASN A 63 -0.36 7.77 -5.92
N ARG A 64 0.59 7.20 -6.66
CA ARG A 64 0.86 7.66 -8.01
C ARG A 64 -0.29 7.27 -8.94
N ARG A 65 -0.53 5.97 -9.03
CA ARG A 65 -1.60 5.47 -9.87
C ARG A 65 -2.91 6.19 -9.57
N HIS A 66 -3.27 6.19 -8.29
CA HIS A 66 -4.49 6.84 -7.86
C HIS A 66 -4.52 8.29 -8.37
N THR A 67 -3.56 9.07 -7.88
CA THR A 67 -3.46 10.46 -8.27
C THR A 67 -3.31 10.58 -9.80
N GLU A 68 -4.24 11.30 -10.39
CA GLU A 68 -4.23 11.49 -11.83
C GLU A 68 -4.30 10.15 -12.55
N LYS A 69 -4.57 10.22 -13.85
CA LYS A 69 -4.68 9.03 -14.66
C LYS A 69 -5.90 8.21 -14.21
N GLN A 70 -6.94 8.28 -15.02
CA GLN A 70 -8.17 7.55 -14.72
C GLN A 70 -8.69 7.93 -13.33
N LYS A 71 -9.29 9.11 -13.27
CA LYS A 71 -9.82 9.61 -12.01
C LYS A 71 -10.57 10.92 -12.26
N GLU A 72 -9.81 11.93 -12.65
CA GLU A 72 -10.38 13.24 -12.92
C GLU A 72 -10.93 13.85 -11.63
N SER A 73 -10.43 15.05 -11.33
CA SER A 73 -10.86 15.75 -10.14
C SER A 73 -10.99 17.25 -10.43
N GLY A 74 -12.10 17.61 -11.05
CA GLY A 74 -12.34 19.00 -11.39
C GLY A 74 -11.63 19.39 -12.68
N PRO A 75 -11.53 20.72 -12.91
CA PRO A 75 -10.88 21.24 -14.10
C PRO A 75 -9.35 21.12 -13.98
N SER A 76 -8.69 21.32 -15.11
CA SER A 76 -7.23 21.23 -15.14
C SER A 76 -6.65 22.51 -15.74
N SER A 77 -5.76 23.13 -14.98
CA SER A 77 -5.12 24.36 -15.42
C SER A 77 -3.59 24.21 -15.38
N GLY A 78 -2.98 24.37 -16.54
CA GLY A 78 -1.54 24.25 -16.64
C GLY A 78 -0.84 25.46 -16.01
N GLY A 1 10.20 12.57 6.31
CA GLY A 1 10.74 11.24 6.08
C GLY A 1 10.90 10.48 7.41
N SER A 2 11.83 9.52 7.39
CA SER A 2 12.09 8.72 8.57
C SER A 2 13.55 8.84 8.97
N SER A 3 14.42 8.48 8.03
CA SER A 3 15.86 8.54 8.28
C SER A 3 16.21 7.74 9.53
N GLY A 4 16.58 6.49 9.30
CA GLY A 4 16.95 5.61 10.41
C GLY A 4 17.67 4.36 9.89
N SER A 5 18.19 3.59 10.84
CA SER A 5 18.90 2.37 10.49
C SER A 5 17.94 1.17 10.51
N SER A 6 18.41 0.07 9.95
CA SER A 6 17.60 -1.14 9.90
C SER A 6 16.97 -1.41 11.27
N GLY A 7 17.83 -1.54 12.26
CA GLY A 7 17.37 -1.80 13.62
C GLY A 7 16.77 -3.21 13.74
N MET A 8 15.46 -3.28 13.57
CA MET A 8 14.76 -4.54 13.67
C MET A 8 13.58 -4.59 12.69
N ALA A 9 13.08 -5.79 12.45
CA ALA A 9 11.96 -5.98 11.55
C ALA A 9 10.68 -6.18 12.37
N SER A 10 9.63 -5.50 11.93
CA SER A 10 8.35 -5.58 12.61
C SER A 10 7.75 -6.98 12.40
N GLU A 11 6.79 -7.31 13.26
CA GLU A 11 6.13 -8.60 13.18
C GLU A 11 4.71 -8.43 12.65
N GLU A 12 4.59 -8.44 11.33
CA GLU A 12 3.30 -8.30 10.70
C GLU A 12 2.68 -9.68 10.44
N LEU A 13 1.41 -9.64 10.05
CA LEU A 13 0.69 -10.88 9.76
C LEU A 13 1.17 -11.45 8.43
N TYR A 14 1.19 -10.59 7.42
CA TYR A 14 1.63 -11.00 6.09
C TYR A 14 2.27 -9.83 5.34
N GLU A 15 2.45 -10.03 4.05
CA GLU A 15 3.04 -9.00 3.22
C GLU A 15 1.96 -8.26 2.43
N VAL A 16 2.02 -6.94 2.50
CA VAL A 16 1.05 -6.10 1.81
C VAL A 16 1.15 -6.36 0.30
N GLU A 17 0.03 -6.76 -0.28
CA GLU A 17 -0.02 -7.04 -1.70
C GLU A 17 -0.10 -5.73 -2.49
N ARG A 18 -1.01 -4.87 -2.08
CA ARG A 18 -1.20 -3.60 -2.75
C ARG A 18 -2.36 -2.83 -2.12
N ILE A 19 -2.45 -1.55 -2.46
CA ILE A 19 -3.51 -0.70 -1.94
C ILE A 19 -4.66 -0.64 -2.95
N VAL A 20 -5.85 -0.92 -2.46
CA VAL A 20 -7.03 -0.91 -3.31
C VAL A 20 -7.84 0.36 -3.02
N ASP A 21 -7.50 1.00 -1.91
CA ASP A 21 -8.19 2.21 -1.51
C ASP A 21 -7.43 2.87 -0.36
N LYS A 22 -7.80 4.11 -0.07
CA LYS A 22 -7.16 4.85 1.01
C LYS A 22 -8.13 5.93 1.52
N ARG A 23 -8.17 6.08 2.84
CA ARG A 23 -9.03 7.06 3.45
C ARG A 23 -8.50 7.42 4.85
N LYS A 24 -9.17 8.40 5.45
CA LYS A 24 -8.78 8.85 6.78
C LYS A 24 -9.81 8.37 7.80
N ASN A 25 -9.34 8.20 9.03
CA ASN A 25 -10.22 7.74 10.10
C ASN A 25 -10.97 8.93 10.69
N LYS A 26 -11.84 8.64 11.63
CA LYS A 26 -12.63 9.67 12.28
C LYS A 26 -11.72 10.56 13.13
N LYS A 27 -10.74 9.90 13.75
CA LYS A 27 -9.80 10.61 14.60
C LYS A 27 -8.88 11.48 13.72
N GLY A 28 -8.56 10.94 12.55
CA GLY A 28 -7.70 11.65 11.62
C GLY A 28 -6.46 10.82 11.28
N LYS A 29 -6.67 9.52 11.16
CA LYS A 29 -5.58 8.61 10.85
C LYS A 29 -5.70 8.18 9.39
N THR A 30 -4.55 8.10 8.73
CA THR A 30 -4.50 7.70 7.33
C THR A 30 -4.62 6.17 7.22
N GLU A 31 -5.64 5.74 6.49
CA GLU A 31 -5.87 4.32 6.30
C GLU A 31 -5.66 3.95 4.83
N TYR A 32 -5.14 2.75 4.62
CA TYR A 32 -4.90 2.27 3.27
C TYR A 32 -5.46 0.86 3.09
N LEU A 33 -6.47 0.78 2.24
CA LEU A 33 -7.12 -0.50 1.96
C LEU A 33 -6.14 -1.41 1.21
N VAL A 34 -5.78 -2.50 1.84
CA VAL A 34 -4.85 -3.45 1.24
C VAL A 34 -5.52 -4.83 1.17
N ARG A 35 -5.59 -5.36 -0.05
CA ARG A 35 -6.19 -6.65 -0.27
C ARG A 35 -5.18 -7.76 -0.01
N TRP A 36 -5.49 -8.61 0.95
CA TRP A 36 -4.61 -9.72 1.30
C TRP A 36 -5.28 -11.01 0.83
N LYS A 37 -4.56 -12.11 1.00
CA LYS A 37 -5.06 -13.41 0.60
C LYS A 37 -6.08 -13.90 1.63
N GLY A 38 -6.88 -14.86 1.21
CA GLY A 38 -7.91 -15.41 2.08
C GLY A 38 -9.13 -14.49 2.14
N TYR A 39 -8.86 -13.23 2.44
CA TYR A 39 -9.92 -12.24 2.54
C TYR A 39 -10.50 -11.90 1.16
N ASP A 40 -11.79 -12.14 1.02
CA ASP A 40 -12.47 -11.87 -0.24
C ASP A 40 -12.14 -10.45 -0.69
N SER A 41 -12.71 -10.07 -1.83
CA SER A 41 -12.49 -8.75 -2.38
C SER A 41 -13.12 -7.69 -1.47
N GLU A 42 -14.36 -7.96 -1.09
CA GLU A 42 -15.09 -7.04 -0.22
C GLU A 42 -14.84 -7.39 1.25
N ASP A 43 -13.75 -8.11 1.48
CA ASP A 43 -13.40 -8.53 2.82
C ASP A 43 -12.13 -7.77 3.26
N ASP A 44 -11.41 -7.28 2.27
CA ASP A 44 -10.18 -6.54 2.54
C ASP A 44 -10.40 -5.63 3.76
N THR A 45 -9.30 -5.34 4.43
CA THR A 45 -9.36 -4.49 5.61
C THR A 45 -8.69 -3.14 5.33
N TRP A 46 -8.69 -2.29 6.34
CA TRP A 46 -8.09 -0.97 6.22
C TRP A 46 -6.95 -0.88 7.24
N GLU A 47 -5.74 -0.72 6.72
CA GLU A 47 -4.57 -0.61 7.57
C GLU A 47 -3.95 0.78 7.46
N PRO A 48 -3.63 1.37 8.64
CA PRO A 48 -3.02 2.69 8.67
C PRO A 48 -1.56 2.65 8.25
N GLU A 49 -1.14 3.69 7.54
CA GLU A 49 0.22 3.78 7.08
C GLU A 49 1.20 3.40 8.19
N GLN A 50 0.99 4.01 9.34
CA GLN A 50 1.84 3.75 10.50
C GLN A 50 1.96 2.24 10.74
N HIS A 51 0.94 1.53 10.29
CA HIS A 51 0.92 0.08 10.45
C HIS A 51 1.58 -0.58 9.24
N LEU A 52 1.45 0.08 8.09
CA LEU A 52 2.02 -0.42 6.86
C LEU A 52 3.51 -0.06 6.81
N VAL A 53 4.21 -0.44 7.85
CA VAL A 53 5.63 -0.16 7.93
C VAL A 53 6.39 -0.99 6.88
N ASN A 54 7.44 -0.40 6.35
CA ASN A 54 8.24 -1.08 5.34
C ASN A 54 7.35 -1.47 4.17
N CYS A 55 6.21 -0.81 4.08
CA CYS A 55 5.26 -1.06 3.01
C CYS A 55 4.98 0.25 2.29
N GLU A 56 5.78 1.26 2.61
CA GLU A 56 5.63 2.56 2.00
C GLU A 56 5.66 2.44 0.47
N GLU A 57 6.47 1.52 0.00
CA GLU A 57 6.61 1.29 -1.43
C GLU A 57 5.22 1.25 -2.08
N TYR A 58 4.48 0.20 -1.74
CA TYR A 58 3.14 0.03 -2.29
C TYR A 58 2.34 1.33 -2.20
N ILE A 59 2.18 1.81 -0.98
CA ILE A 59 1.45 3.04 -0.74
C ILE A 59 1.89 4.10 -1.75
N HIS A 60 3.21 4.23 -1.88
CA HIS A 60 3.78 5.20 -2.80
C HIS A 60 3.27 4.93 -4.21
N ASP A 61 3.32 3.65 -4.59
CA ASP A 61 2.87 3.24 -5.91
C ASP A 61 1.38 3.57 -6.06
N PHE A 62 0.60 3.13 -5.09
CA PHE A 62 -0.83 3.37 -5.10
C PHE A 62 -1.14 4.86 -5.24
N ASN A 63 -0.33 5.66 -4.55
CA ASN A 63 -0.51 7.10 -4.59
C ASN A 63 -0.33 7.60 -6.02
N ARG A 64 0.78 7.20 -6.63
CA ARG A 64 1.07 7.60 -7.99
C ARG A 64 -0.08 7.19 -8.92
N ARG A 65 -0.40 5.90 -8.88
CA ARG A 65 -1.48 5.37 -9.71
C ARG A 65 -2.75 6.20 -9.52
N HIS A 66 -3.14 6.34 -8.26
CA HIS A 66 -4.34 7.10 -7.93
C HIS A 66 -4.22 8.52 -8.50
N THR A 67 -3.26 9.26 -7.96
CA THR A 67 -3.03 10.62 -8.40
C THR A 67 -2.77 10.66 -9.91
N GLU A 68 -3.02 11.82 -10.50
CA GLU A 68 -2.82 12.00 -11.93
C GLU A 68 -1.34 12.25 -12.22
N LYS A 69 -0.82 11.49 -13.17
CA LYS A 69 0.57 11.61 -13.57
C LYS A 69 0.85 10.68 -14.75
N GLN A 70 1.86 11.06 -15.53
CA GLN A 70 2.23 10.28 -16.69
C GLN A 70 2.15 8.79 -16.38
N LYS A 71 2.93 8.38 -15.39
CA LYS A 71 2.94 6.98 -14.98
C LYS A 71 2.90 6.08 -16.22
N GLU A 72 4.05 5.97 -16.86
CA GLU A 72 4.16 5.15 -18.07
C GLU A 72 5.58 4.60 -18.21
N SER A 73 5.69 3.29 -18.01
CA SER A 73 6.98 2.64 -18.10
C SER A 73 6.79 1.13 -18.25
N GLY A 74 6.57 0.71 -19.49
CA GLY A 74 6.37 -0.71 -19.77
C GLY A 74 5.25 -1.29 -18.89
N PRO A 75 5.23 -2.64 -18.82
CA PRO A 75 4.23 -3.33 -18.03
C PRO A 75 4.54 -3.22 -16.54
N SER A 76 3.49 -2.93 -15.76
CA SER A 76 3.65 -2.79 -14.33
C SER A 76 3.31 -4.11 -13.64
N SER A 77 2.09 -4.57 -13.87
CA SER A 77 1.63 -5.81 -13.28
C SER A 77 0.30 -6.23 -13.91
N GLY A 78 0.15 -7.54 -14.09
CA GLY A 78 -1.07 -8.07 -14.67
C GLY A 78 -1.39 -9.45 -14.10
N GLY A 1 11.42 11.23 21.84
CA GLY A 1 12.79 11.20 21.35
C GLY A 1 12.83 10.97 19.85
N SER A 2 13.71 11.69 19.18
CA SER A 2 13.85 11.58 17.74
C SER A 2 14.63 10.31 17.39
N SER A 3 13.89 9.33 16.87
CA SER A 3 14.50 8.06 16.50
C SER A 3 14.78 8.05 14.99
N GLY A 4 15.76 7.25 14.61
CA GLY A 4 16.13 7.14 13.21
C GLY A 4 17.03 5.92 12.98
N SER A 5 16.42 4.74 13.10
CA SER A 5 17.15 3.50 12.90
C SER A 5 16.21 2.44 12.34
N SER A 6 16.81 1.47 11.64
CA SER A 6 16.05 0.40 11.04
C SER A 6 15.53 -0.55 12.14
N GLY A 7 14.57 -1.37 11.74
CA GLY A 7 13.98 -2.31 12.67
C GLY A 7 14.46 -3.74 12.38
N MET A 8 14.19 -4.62 13.34
CA MET A 8 14.59 -6.01 13.20
C MET A 8 13.72 -6.92 14.08
N ALA A 9 13.44 -8.10 13.55
CA ALA A 9 12.63 -9.07 14.27
C ALA A 9 11.23 -8.49 14.51
N SER A 10 10.32 -8.86 13.62
CA SER A 10 8.95 -8.38 13.72
C SER A 10 7.97 -9.54 13.53
N GLU A 11 8.25 -10.34 12.51
CA GLU A 11 7.41 -11.49 12.21
C GLU A 11 5.95 -11.05 12.09
N GLU A 12 5.57 -10.66 10.88
CA GLU A 12 4.21 -10.22 10.62
C GLU A 12 3.34 -11.41 10.20
N LEU A 13 2.05 -11.15 10.14
CA LEU A 13 1.10 -12.19 9.74
C LEU A 13 1.29 -12.51 8.26
N TYR A 14 1.28 -11.46 7.45
CA TYR A 14 1.45 -11.61 6.03
C TYR A 14 2.20 -10.42 5.43
N GLU A 15 2.16 -10.34 4.10
CA GLU A 15 2.83 -9.26 3.40
C GLU A 15 1.82 -8.48 2.54
N VAL A 16 1.84 -7.17 2.71
CA VAL A 16 0.94 -6.31 1.97
C VAL A 16 1.05 -6.64 0.48
N GLU A 17 -0.09 -7.02 -0.09
CA GLU A 17 -0.13 -7.37 -1.51
C GLU A 17 -0.12 -6.09 -2.37
N ARG A 18 -1.00 -5.17 -2.00
CA ARG A 18 -1.09 -3.91 -2.72
C ARG A 18 -2.21 -3.04 -2.14
N ILE A 19 -2.18 -1.77 -2.50
CA ILE A 19 -3.18 -0.83 -2.01
C ILE A 19 -4.33 -0.76 -3.01
N VAL A 20 -5.53 -0.96 -2.48
CA VAL A 20 -6.73 -0.91 -3.32
C VAL A 20 -7.46 0.40 -3.09
N ASP A 21 -7.13 1.04 -1.98
CA ASP A 21 -7.75 2.32 -1.62
C ASP A 21 -7.00 2.94 -0.44
N LYS A 22 -7.44 4.13 -0.07
CA LYS A 22 -6.82 4.84 1.05
C LYS A 22 -7.75 5.95 1.51
N ARG A 23 -7.86 6.08 2.82
CA ARG A 23 -8.71 7.11 3.41
C ARG A 23 -8.27 7.41 4.84
N LYS A 24 -9.00 8.33 5.47
CA LYS A 24 -8.71 8.71 6.84
C LYS A 24 -9.91 8.40 7.72
N ASN A 25 -9.65 8.27 9.02
CA ASN A 25 -10.70 7.98 9.97
C ASN A 25 -11.20 9.28 10.59
N LYS A 26 -12.19 9.14 11.47
CA LYS A 26 -12.76 10.30 12.14
C LYS A 26 -11.68 11.00 12.97
N LYS A 27 -10.80 10.19 13.53
CA LYS A 27 -9.71 10.72 14.34
C LYS A 27 -8.73 11.48 13.44
N GLY A 28 -8.58 10.97 12.23
CA GLY A 28 -7.67 11.59 11.27
C GLY A 28 -6.52 10.65 10.93
N LYS A 29 -6.68 9.40 11.31
CA LYS A 29 -5.66 8.40 11.05
C LYS A 29 -5.75 7.95 9.59
N THR A 30 -4.59 7.87 8.95
CA THR A 30 -4.52 7.46 7.56
C THR A 30 -4.64 5.95 7.44
N GLU A 31 -5.56 5.52 6.58
CA GLU A 31 -5.78 4.10 6.36
C GLU A 31 -5.66 3.76 4.87
N TYR A 32 -5.04 2.62 4.60
CA TYR A 32 -4.86 2.18 3.24
C TYR A 32 -5.45 0.78 3.03
N LEU A 33 -6.30 0.67 2.02
CA LEU A 33 -6.93 -0.60 1.71
C LEU A 33 -5.90 -1.54 1.07
N VAL A 34 -5.53 -2.55 1.84
CA VAL A 34 -4.56 -3.53 1.37
C VAL A 34 -5.18 -4.92 1.40
N ARG A 35 -4.81 -5.72 0.41
CA ARG A 35 -5.33 -7.08 0.31
C ARG A 35 -4.50 -8.02 1.17
N TRP A 36 -4.93 -9.28 1.20
CA TRP A 36 -4.24 -10.30 1.98
C TRP A 36 -4.68 -11.66 1.47
N LYS A 37 -3.83 -12.65 1.71
CA LYS A 37 -4.12 -14.00 1.28
C LYS A 37 -4.78 -14.77 2.44
N GLY A 38 -5.74 -15.61 2.07
CA GLY A 38 -6.47 -16.40 3.06
C GLY A 38 -7.92 -15.93 3.18
N TYR A 39 -8.06 -14.64 3.47
CA TYR A 39 -9.38 -14.06 3.62
C TYR A 39 -9.93 -13.60 2.27
N ASP A 40 -11.20 -13.20 2.29
CA ASP A 40 -11.85 -12.73 1.09
C ASP A 40 -11.99 -11.21 1.13
N SER A 41 -11.64 -10.58 0.01
CA SER A 41 -11.72 -9.14 -0.08
C SER A 41 -12.97 -8.63 0.65
N GLU A 42 -14.01 -9.45 0.63
CA GLU A 42 -15.26 -9.10 1.28
C GLU A 42 -15.00 -8.63 2.71
N ASP A 43 -13.94 -9.17 3.30
CA ASP A 43 -13.57 -8.81 4.66
C ASP A 43 -12.30 -7.96 4.63
N ASP A 44 -12.25 -7.05 3.68
CA ASP A 44 -11.11 -6.17 3.54
C ASP A 44 -10.72 -5.61 4.91
N THR A 45 -9.57 -4.95 4.93
CA THR A 45 -9.07 -4.37 6.18
C THR A 45 -8.42 -3.02 5.90
N TRP A 46 -8.80 -2.04 6.72
CA TRP A 46 -8.26 -0.70 6.59
C TRP A 46 -7.10 -0.54 7.58
N GLU A 47 -5.92 -0.92 7.12
CA GLU A 47 -4.74 -0.83 7.96
C GLU A 47 -4.13 0.57 7.87
N PRO A 48 -3.76 1.11 9.07
CA PRO A 48 -3.17 2.44 9.13
C PRO A 48 -1.71 2.42 8.65
N GLU A 49 -1.37 3.44 7.89
CA GLU A 49 -0.02 3.56 7.36
C GLU A 49 1.00 3.12 8.41
N GLN A 50 0.82 3.63 9.62
CA GLN A 50 1.71 3.31 10.72
C GLN A 50 1.91 1.79 10.81
N HIS A 51 0.79 1.08 10.71
CA HIS A 51 0.83 -0.37 10.79
C HIS A 51 1.42 -0.94 9.50
N LEU A 52 1.33 -0.13 8.44
CA LEU A 52 1.86 -0.54 7.15
C LEU A 52 3.30 -0.06 7.01
N VAL A 53 4.18 -0.70 7.78
CA VAL A 53 5.59 -0.35 7.76
C VAL A 53 6.25 -1.01 6.55
N ASN A 54 7.18 -0.28 5.95
CA ASN A 54 7.90 -0.78 4.79
C ASN A 54 6.90 -0.99 3.65
N CYS A 55 5.72 -0.42 3.81
CA CYS A 55 4.68 -0.53 2.80
C CYS A 55 4.75 0.70 1.90
N GLU A 56 5.47 1.71 2.38
CA GLU A 56 5.62 2.94 1.62
C GLU A 56 5.73 2.64 0.13
N GLU A 57 6.57 1.67 -0.19
CA GLU A 57 6.79 1.28 -1.58
C GLU A 57 5.45 1.14 -2.29
N TYR A 58 4.57 0.32 -1.71
CA TYR A 58 3.26 0.09 -2.28
C TYR A 58 2.43 1.38 -2.29
N ILE A 59 2.27 1.95 -1.11
CA ILE A 59 1.50 3.18 -0.97
C ILE A 59 1.98 4.19 -2.02
N HIS A 60 3.29 4.32 -2.11
CA HIS A 60 3.88 5.24 -3.07
C HIS A 60 3.29 4.99 -4.46
N ASP A 61 3.54 3.79 -4.97
CA ASP A 61 3.04 3.43 -6.28
C ASP A 61 1.54 3.71 -6.34
N PHE A 62 0.84 3.28 -5.30
CA PHE A 62 -0.60 3.48 -5.23
C PHE A 62 -0.94 4.96 -5.31
N ASN A 63 -0.14 5.77 -4.65
CA ASN A 63 -0.35 7.21 -4.62
C ASN A 63 -0.26 7.75 -6.06
N ARG A 64 0.70 7.21 -6.79
CA ARG A 64 0.90 7.63 -8.17
C ARG A 64 -0.39 7.43 -8.99
N ARG A 65 -0.90 6.21 -8.94
CA ARG A 65 -2.11 5.88 -9.66
C ARG A 65 -3.20 6.90 -9.34
N HIS A 66 -3.53 7.00 -8.06
CA HIS A 66 -4.55 7.94 -7.61
C HIS A 66 -4.31 9.31 -8.26
N THR A 67 -3.20 9.91 -7.88
CA THR A 67 -2.85 11.22 -8.40
C THR A 67 -2.69 11.16 -9.92
N GLU A 68 -2.67 12.34 -10.54
CA GLU A 68 -2.53 12.42 -11.97
C GLU A 68 -1.19 13.08 -12.33
N LYS A 69 -0.28 12.25 -12.81
CA LYS A 69 1.04 12.73 -13.19
C LYS A 69 1.24 12.51 -14.69
N GLN A 70 1.12 11.25 -15.09
CA GLN A 70 1.29 10.90 -16.49
C GLN A 70 2.76 11.01 -16.90
N LYS A 71 3.30 12.21 -16.74
CA LYS A 71 4.68 12.46 -17.08
C LYS A 71 5.54 11.27 -16.63
N GLU A 72 6.26 10.71 -17.59
CA GLU A 72 7.13 9.58 -17.31
C GLU A 72 8.32 9.55 -18.27
N SER A 73 9.35 8.82 -17.87
CA SER A 73 10.55 8.70 -18.68
C SER A 73 11.02 7.24 -18.71
N GLY A 74 11.47 6.83 -19.89
CA GLY A 74 11.95 5.47 -20.06
C GLY A 74 13.48 5.43 -20.07
N PRO A 75 14.04 4.59 -19.15
CA PRO A 75 15.48 4.46 -19.03
C PRO A 75 16.04 3.62 -20.19
N SER A 76 17.35 3.47 -20.18
CA SER A 76 18.02 2.70 -21.22
C SER A 76 18.87 1.59 -20.57
N SER A 77 18.91 0.45 -21.24
CA SER A 77 19.67 -0.68 -20.76
C SER A 77 20.01 -1.62 -21.91
N GLY A 78 21.14 -2.31 -21.77
CA GLY A 78 21.59 -3.23 -22.79
C GLY A 78 22.37 -4.40 -22.18
#